data_6PFH
#
_entry.id   6PFH
#
_cell.length_a   214.110
_cell.length_b   116.936
_cell.length_c   221.376
_cell.angle_alpha   90.00
_cell.angle_beta   95.43
_cell.angle_gamma   90.00
#
_symmetry.space_group_name_H-M   'C 1 2 1'
#
loop_
_entity.id
_entity.type
_entity.pdbx_description
1 polymer 'Bifunctional dihydrofolate reductase-thymidylate synthase'
2 non-polymer 'NADPH DIHYDRO-NICOTINAMIDE-ADENINE-DINUCLEOTIDE PHOSPHATE'
3 non-polymer "5-FLUORO-2'-DEOXYURIDINE-5'-MONOPHOSPHATE"
4 non-polymer '[2-({4-[(2-amino-4-oxo-4,7-dihydro-3H-pyrrolo[2,3-d]pyrimidin-5-yl)methyl]benzene-1-carbonyl}amino)-4-cyanophenyl]acetic acid'
5 non-polymer METHOTREXATE
#
_entity_poly.entity_id   1
_entity_poly.type   'polypeptide(L)'
_entity_poly.pdbx_seq_one_letter_code
;MSEKNVSIVVAASVLSSGIGINGQLPWSISEDLKFFSKITNNKCDSNKKNALIMGRKTWDSIGRRPLKNRIIVVISSSLP
QDEADPNVVVFRNLEDSIENLMNDDSIENIFVCGGESIYRDALKDNFVDRIYLTRVALEDIEFDTYFPEIPETFLPVYMS
QTFCTKNISYDFMIFEKQEKKTLQNCDPARGQLKSIDDTVDLLGEIFGIRKMGNRHKFPKEEIYNTPSIRFGREHYEFQY
LDLLSRVLENGAYRENRTGISTYSIFGQMMRFDMRESFPLLTTKKVAIRSIFEELIWFIKGDTNGNHLIEKKVYIWSGNG
SKEYLERIGLGHREENDLGPIYGFQWRHYNGEYKTMHDDYTGVGVDQLAKLIETLKNNPKDRRHILTAWNPSALSQMALP
PCHVLSQYYVTNDNCLSCNLYQRSCDLGLGSPFNIASYAILTMMLAQVCGYEPGELAIFIGDAHIYENHLTQLKEQLSRT
PRPFPQLKFKRKVENIEDFKWEDIELIGYYPYPTIKMDMAV
;
_entity_poly.pdbx_strand_id   A,B,C,D,E
#
# COMPACT_ATOMS: atom_id res chain seq x y z
N GLU A 3 60.50 14.60 -21.96
CA GLU A 3 60.47 13.28 -21.32
C GLU A 3 59.36 12.43 -21.94
N LYS A 4 59.10 12.64 -23.22
CA LYS A 4 58.11 11.85 -23.93
C LYS A 4 58.71 10.52 -24.37
N ASN A 5 57.85 9.63 -24.82
CA ASN A 5 58.20 8.24 -25.09
C ASN A 5 58.81 8.07 -26.48
N VAL A 6 59.78 7.18 -26.59
CA VAL A 6 60.46 6.86 -27.85
C VAL A 6 60.34 5.37 -28.09
N SER A 7 59.74 5.00 -29.22
CA SER A 7 59.47 3.61 -29.55
C SER A 7 60.03 3.26 -30.92
N ILE A 8 60.60 2.07 -31.03
CA ILE A 8 61.03 1.52 -32.31
C ILE A 8 59.86 0.77 -32.93
N VAL A 9 59.65 0.96 -34.23
CA VAL A 9 58.69 0.18 -35.00
C VAL A 9 59.46 -0.49 -36.12
N VAL A 10 59.39 -1.82 -36.16
CA VAL A 10 60.18 -2.58 -37.13
C VAL A 10 59.46 -3.89 -37.45
N ALA A 11 59.64 -4.35 -38.69
CA ALA A 11 59.18 -5.66 -39.13
C ALA A 11 60.39 -6.45 -39.62
N ALA A 12 60.75 -7.51 -38.90
CA ALA A 12 61.95 -8.28 -39.20
C ALA A 12 61.59 -9.76 -39.34
N SER A 13 62.47 -10.51 -40.00
CA SER A 13 62.28 -11.94 -40.14
C SER A 13 62.46 -12.65 -38.80
N VAL A 14 61.92 -13.86 -38.71
CA VAL A 14 61.77 -14.53 -37.42
C VAL A 14 63.11 -15.03 -36.88
N LEU A 15 64.03 -15.44 -37.74
CA LEU A 15 65.30 -16.01 -37.29
C LEU A 15 66.46 -15.04 -37.48
N SER A 16 66.73 -14.59 -38.70
CA SER A 16 67.87 -13.74 -38.99
C SER A 16 67.57 -12.25 -38.81
N SER A 17 66.31 -11.88 -38.57
CA SER A 17 65.93 -10.49 -38.32
C SER A 17 66.25 -9.58 -39.51
N GLY A 18 65.99 -10.08 -40.73
CA GLY A 18 66.16 -9.26 -41.91
C GLY A 18 64.98 -8.33 -42.11
N ILE A 19 65.28 -7.11 -42.56
CA ILE A 19 64.25 -6.08 -42.70
C ILE A 19 64.24 -5.47 -44.09
N GLY A 20 65.28 -5.72 -44.87
CA GLY A 20 65.37 -5.07 -46.17
C GLY A 20 66.25 -5.83 -47.14
N ILE A 21 66.08 -5.50 -48.42
CA ILE A 21 66.88 -6.08 -49.49
C ILE A 21 66.82 -5.17 -50.71
N ASN A 22 67.98 -4.73 -51.19
CA ASN A 22 68.09 -3.89 -52.38
C ASN A 22 67.22 -2.65 -52.28
N GLY A 23 67.26 -2.00 -51.12
CA GLY A 23 66.55 -0.75 -50.93
C GLY A 23 65.06 -0.87 -50.75
N GLN A 24 64.52 -2.08 -50.62
CA GLN A 24 63.09 -2.27 -50.41
C GLN A 24 62.89 -3.37 -49.38
N LEU A 25 61.58 -3.74 -49.14
CA LEU A 25 61.22 -4.78 -48.18
C LEU A 25 61.30 -6.16 -48.82
N PRO A 26 61.63 -7.18 -48.04
CA PRO A 26 61.64 -8.55 -48.58
C PRO A 26 60.27 -9.17 -48.73
N TRP A 27 59.20 -8.41 -48.46
CA TRP A 27 57.84 -8.93 -48.52
C TRP A 27 56.89 -7.78 -48.79
N SER A 28 55.60 -8.11 -48.95
CA SER A 28 54.55 -7.12 -49.15
C SER A 28 53.34 -7.58 -48.32
N ILE A 29 53.25 -7.07 -47.10
CA ILE A 29 52.17 -7.40 -46.18
C ILE A 29 51.37 -6.14 -45.91
N SER A 30 50.13 -6.09 -46.42
CA SER A 30 49.33 -4.88 -46.31
C SER A 30 48.95 -4.59 -44.87
N GLU A 31 48.57 -5.62 -44.11
CA GLU A 31 48.16 -5.41 -42.72
C GLU A 31 49.30 -4.87 -41.86
N ASP A 32 50.54 -5.21 -42.20
CA ASP A 32 51.67 -4.69 -41.45
C ASP A 32 51.83 -3.19 -41.64
N LEU A 33 51.63 -2.70 -42.86
CA LEU A 33 51.67 -1.26 -43.10
C LEU A 33 50.55 -0.55 -42.37
N LYS A 34 49.35 -1.14 -42.37
CA LYS A 34 48.26 -0.54 -41.60
C LYS A 34 48.59 -0.50 -40.11
N PHE A 35 49.28 -1.52 -39.60
CA PHE A 35 49.71 -1.49 -38.21
C PHE A 35 50.70 -0.36 -37.98
N PHE A 36 51.66 -0.19 -38.89
CA PHE A 36 52.59 0.94 -38.80
C PHE A 36 51.82 2.26 -38.78
N SER A 37 50.84 2.40 -39.68
CA SER A 37 50.08 3.65 -39.77
C SER A 37 49.31 3.92 -38.49
N LYS A 38 48.62 2.90 -37.95
CA LYS A 38 47.80 3.10 -36.77
C LYS A 38 48.64 3.34 -35.52
N ILE A 39 49.80 2.69 -35.41
CA ILE A 39 50.60 2.83 -34.20
C ILE A 39 51.38 4.15 -34.21
N THR A 40 51.68 4.70 -35.39
CA THR A 40 52.38 5.96 -35.48
C THR A 40 51.44 7.16 -35.46
N ASN A 41 50.16 6.96 -35.77
CA ASN A 41 49.16 8.00 -35.65
C ASN A 41 48.48 8.03 -34.29
N ASN A 42 48.68 6.99 -33.47
CA ASN A 42 48.03 6.89 -32.17
C ASN A 42 48.56 7.97 -31.24
N LYS A 43 47.75 9.00 -30.99
CA LYS A 43 48.13 10.09 -30.11
C LYS A 43 46.98 10.42 -29.18
N CYS A 44 47.25 11.26 -28.20
CA CYS A 44 46.26 11.67 -27.21
C CYS A 44 45.80 13.12 -27.34
N ASP A 45 46.68 14.01 -27.81
CA ASP A 45 46.35 15.42 -27.97
C ASP A 45 46.01 15.71 -29.43
N SER A 46 44.85 16.33 -29.65
CA SER A 46 44.43 16.65 -31.00
C SER A 46 45.24 17.79 -31.60
N ASN A 47 45.97 18.55 -30.78
CA ASN A 47 46.76 19.68 -31.26
C ASN A 47 48.25 19.36 -31.32
N LYS A 48 48.61 18.08 -31.28
CA LYS A 48 50.00 17.66 -31.38
C LYS A 48 50.13 16.61 -32.48
N LYS A 49 51.37 16.37 -32.89
CA LYS A 49 51.68 15.39 -33.92
C LYS A 49 52.81 14.50 -33.44
N ASN A 50 52.91 13.31 -34.04
CA ASN A 50 53.97 12.37 -33.75
C ASN A 50 55.10 12.52 -34.75
N ALA A 51 56.32 12.29 -34.27
CA ALA A 51 57.53 12.43 -35.07
C ALA A 51 58.06 11.05 -35.45
N LEU A 52 58.27 10.83 -36.75
CA LEU A 52 58.80 9.57 -37.26
C LEU A 52 60.22 9.80 -37.76
N ILE A 53 61.20 9.24 -37.04
CA ILE A 53 62.61 9.39 -37.39
C ILE A 53 63.01 8.25 -38.31
N MET A 54 63.68 8.58 -39.41
CA MET A 54 64.14 7.56 -40.35
C MET A 54 65.44 8.05 -40.99
N GLY A 55 66.21 7.08 -41.50
CA GLY A 55 67.43 7.41 -42.20
C GLY A 55 67.16 7.86 -43.62
N ARG A 56 68.23 8.32 -44.28
CA ARG A 56 68.08 8.88 -45.62
C ARG A 56 67.66 7.80 -46.62
N LYS A 57 68.30 6.62 -46.56
CA LYS A 57 67.96 5.57 -47.51
C LYS A 57 66.53 5.09 -47.31
N THR A 58 66.07 5.05 -46.05
CA THR A 58 64.66 4.74 -45.81
C THR A 58 63.76 5.86 -46.33
N TRP A 59 64.18 7.12 -46.15
CA TRP A 59 63.44 8.24 -46.72
C TRP A 59 63.35 8.13 -48.23
N ASP A 60 64.36 7.55 -48.89
CA ASP A 60 64.28 7.33 -50.32
C ASP A 60 63.34 6.18 -50.66
N SER A 61 63.34 5.13 -49.84
CA SER A 61 62.56 3.95 -50.13
C SER A 61 61.06 4.20 -50.08
N ILE A 62 60.61 5.23 -49.37
CA ILE A 62 59.19 5.56 -49.30
C ILE A 62 58.83 6.68 -50.29
N GLY A 63 59.69 6.94 -51.26
CA GLY A 63 59.39 7.88 -52.31
C GLY A 63 59.60 9.34 -51.97
N ARG A 64 60.19 9.64 -50.81
CA ARG A 64 60.43 11.02 -50.37
C ARG A 64 59.14 11.83 -50.33
N ARG A 65 58.06 11.21 -49.86
CA ARG A 65 56.77 11.85 -49.76
C ARG A 65 56.25 11.80 -48.33
N PRO A 66 55.61 12.86 -47.85
CA PRO A 66 55.23 12.93 -46.44
C PRO A 66 54.14 11.92 -46.09
N LEU A 67 54.09 11.58 -44.80
CA LEU A 67 53.05 10.73 -44.25
C LEU A 67 52.03 11.61 -43.53
N LYS A 68 50.75 11.35 -43.81
CA LYS A 68 49.68 12.23 -43.33
C LYS A 68 49.65 12.26 -41.81
N ASN A 69 49.36 13.45 -41.26
CA ASN A 69 49.16 13.71 -39.84
C ASN A 69 50.42 13.52 -39.00
N ARG A 70 51.57 13.28 -39.62
CA ARG A 70 52.80 13.04 -38.89
C ARG A 70 53.93 13.88 -39.47
N ILE A 71 55.00 14.01 -38.71
CA ILE A 71 56.18 14.77 -39.10
C ILE A 71 57.33 13.79 -39.25
N ILE A 72 57.91 13.74 -40.44
CA ILE A 72 59.02 12.83 -40.73
C ILE A 72 60.33 13.55 -40.46
N VAL A 73 61.22 12.88 -39.76
CA VAL A 73 62.53 13.43 -39.40
C VAL A 73 63.58 12.57 -40.09
N VAL A 74 64.24 13.13 -41.09
CA VAL A 74 65.23 12.40 -41.88
C VAL A 74 66.62 12.69 -41.31
N ILE A 75 67.37 11.63 -41.05
CA ILE A 75 68.75 11.73 -40.60
C ILE A 75 69.64 11.61 -41.82
N SER A 76 70.34 12.70 -42.16
CA SER A 76 71.20 12.70 -43.33
C SER A 76 72.29 13.74 -43.13
N SER A 77 73.46 13.47 -43.71
CA SER A 77 74.57 14.42 -43.69
C SER A 77 74.64 15.26 -44.94
N SER A 78 73.92 14.90 -46.00
CA SER A 78 73.99 15.59 -47.27
C SER A 78 72.71 16.31 -47.67
N LEU A 79 71.55 15.86 -47.18
CA LEU A 79 70.30 16.48 -47.58
C LEU A 79 70.25 17.92 -47.09
N PRO A 80 69.79 18.85 -47.93
CA PRO A 80 69.71 20.25 -47.49
C PRO A 80 68.60 20.44 -46.48
N GLN A 81 68.91 21.20 -45.42
CA GLN A 81 67.95 21.48 -44.36
C GLN A 81 66.93 22.49 -44.89
N ASP A 82 65.98 21.98 -45.67
CA ASP A 82 64.97 22.81 -46.31
C ASP A 82 63.88 23.18 -45.31
N GLU A 83 63.44 24.44 -45.38
CA GLU A 83 62.37 24.94 -44.53
C GLU A 83 61.04 25.04 -45.26
N ALA A 84 60.98 24.59 -46.52
CA ALA A 84 59.74 24.74 -47.29
C ALA A 84 58.66 23.78 -46.78
N ASP A 85 58.99 22.49 -46.68
CA ASP A 85 58.02 21.50 -46.23
C ASP A 85 58.05 21.43 -44.70
N PRO A 86 56.96 21.77 -44.01
CA PRO A 86 56.95 21.68 -42.54
C PRO A 86 56.74 20.26 -42.04
N ASN A 87 56.36 19.33 -42.90
CA ASN A 87 56.12 17.94 -42.51
C ASN A 87 57.36 17.07 -42.64
N VAL A 88 58.45 17.61 -43.17
CA VAL A 88 59.71 16.88 -43.33
C VAL A 88 60.83 17.79 -42.85
N VAL A 89 61.60 17.32 -41.88
CA VAL A 89 62.69 18.08 -41.29
C VAL A 89 63.95 17.21 -41.29
N VAL A 90 65.09 17.82 -41.56
CA VAL A 90 66.37 17.10 -41.70
C VAL A 90 67.28 17.48 -40.54
N PHE A 91 67.94 16.46 -39.98
CA PHE A 91 68.94 16.62 -38.92
C PHE A 91 70.21 15.89 -39.32
N ARG A 92 71.34 16.39 -38.81
CA ARG A 92 72.65 15.86 -39.18
C ARG A 92 73.07 14.63 -38.38
N ASN A 93 72.44 14.38 -37.23
CA ASN A 93 72.77 13.20 -36.45
C ASN A 93 71.59 12.83 -35.58
N LEU A 94 71.58 11.58 -35.11
CA LEU A 94 70.44 11.07 -34.34
C LEU A 94 70.33 11.75 -32.98
N GLU A 95 71.47 12.04 -32.34
CA GLU A 95 71.44 12.65 -31.01
C GLU A 95 70.80 14.03 -31.06
N ASP A 96 71.24 14.89 -31.99
CA ASP A 96 70.64 16.20 -32.16
C ASP A 96 69.17 16.10 -32.57
N SER A 97 68.79 15.02 -33.25
CA SER A 97 67.39 14.88 -33.66
C SER A 97 66.49 14.57 -32.47
N ILE A 98 67.02 13.89 -31.44
CA ILE A 98 66.21 13.63 -30.26
C ILE A 98 66.21 14.89 -29.39
N GLU A 99 65.78 16.00 -29.99
CA GLU A 99 65.52 17.23 -29.26
C GLU A 99 64.07 17.63 -29.35
N ASN A 100 63.23 16.74 -29.90
CA ASN A 100 61.78 16.92 -29.86
C ASN A 100 61.26 16.74 -28.44
N LEU A 101 62.09 16.19 -27.55
CA LEU A 101 61.72 16.04 -26.16
C LEU A 101 61.56 17.41 -25.50
N MET A 102 62.54 18.27 -25.69
CA MET A 102 62.61 19.58 -25.05
C MET A 102 61.89 20.68 -25.82
N ASN A 103 62.66 21.42 -26.63
CA ASN A 103 62.16 22.61 -27.32
C ASN A 103 60.86 22.41 -28.09
N ASP A 104 60.54 21.18 -28.51
CA ASP A 104 59.37 20.94 -29.36
C ASP A 104 58.23 20.32 -28.54
N ASP A 105 57.54 21.19 -27.80
CA ASP A 105 56.37 20.75 -27.03
C ASP A 105 55.19 20.36 -27.91
N SER A 106 55.23 20.66 -29.21
CA SER A 106 54.15 20.30 -30.12
C SER A 106 54.20 18.84 -30.57
N ILE A 107 55.22 18.10 -30.16
CA ILE A 107 55.38 16.69 -30.51
C ILE A 107 55.05 15.85 -29.29
N GLU A 108 54.14 14.89 -29.46
CA GLU A 108 53.71 14.06 -28.34
C GLU A 108 54.54 12.79 -28.21
N ASN A 109 54.66 12.01 -29.28
CA ASN A 109 55.41 10.76 -29.25
C ASN A 109 56.44 10.75 -30.37
N ILE A 110 57.48 9.94 -30.17
CA ILE A 110 58.59 9.82 -31.11
C ILE A 110 58.71 8.36 -31.50
N PHE A 111 58.86 8.11 -32.80
CA PHE A 111 58.96 6.75 -33.33
C PHE A 111 60.22 6.64 -34.18
N VAL A 112 61.04 5.63 -33.88
CA VAL A 112 62.23 5.31 -34.65
C VAL A 112 61.91 4.14 -35.55
N CYS A 113 62.19 4.28 -36.85
CA CYS A 113 61.78 3.26 -37.81
C CYS A 113 62.58 3.31 -39.10
N GLY A 114 63.83 3.73 -39.03
CA GLY A 114 64.56 4.10 -40.24
C GLY A 114 65.81 3.32 -40.57
N GLY A 115 65.70 2.01 -40.71
CA GLY A 115 66.78 1.20 -41.23
C GLY A 115 67.78 0.77 -40.16
N GLU A 116 68.70 -0.11 -40.59
CA GLU A 116 69.62 -0.74 -39.67
C GLU A 116 70.51 0.28 -38.97
N SER A 117 71.00 1.28 -39.71
CA SER A 117 71.91 2.25 -39.12
C SER A 117 71.24 3.04 -38.01
N ILE A 118 70.01 3.50 -38.23
CA ILE A 118 69.31 4.29 -37.21
C ILE A 118 68.88 3.41 -36.05
N TYR A 119 68.45 2.17 -36.34
CA TYR A 119 68.09 1.23 -35.28
C TYR A 119 69.27 0.97 -34.36
N ARG A 120 70.43 0.64 -34.95
CA ARG A 120 71.59 0.28 -34.15
C ARG A 120 72.10 1.45 -33.32
N ASP A 121 72.07 2.66 -33.89
CA ASP A 121 72.51 3.83 -33.13
C ASP A 121 71.53 4.16 -32.01
N ALA A 122 70.23 3.97 -32.26
CA ALA A 122 69.23 4.27 -31.24
C ALA A 122 69.27 3.28 -30.08
N LEU A 123 69.70 2.04 -30.34
CA LEU A 123 69.81 1.05 -29.28
C LEU A 123 71.14 1.15 -28.54
N LYS A 124 72.23 1.49 -29.25
CA LYS A 124 73.53 1.57 -28.59
C LYS A 124 73.61 2.77 -27.67
N ASP A 125 72.86 3.84 -27.96
CA ASP A 125 72.87 5.05 -27.15
C ASP A 125 71.72 5.09 -26.14
N ASN A 126 70.95 4.01 -26.03
CA ASN A 126 69.89 3.87 -25.02
C ASN A 126 68.85 4.99 -25.14
N PHE A 127 68.43 5.28 -26.37
CA PHE A 127 67.37 6.25 -26.61
C PHE A 127 65.98 5.63 -26.67
N VAL A 128 65.90 4.30 -26.78
CA VAL A 128 64.64 3.60 -27.07
C VAL A 128 64.03 3.07 -25.79
N ASP A 129 62.73 3.31 -25.62
CA ASP A 129 61.95 2.81 -24.49
C ASP A 129 61.11 1.58 -24.83
N ARG A 130 60.49 1.57 -26.01
CA ARG A 130 59.61 0.50 -26.42
C ARG A 130 60.02 -0.01 -27.79
N ILE A 131 59.63 -1.25 -28.10
CA ILE A 131 59.90 -1.85 -29.40
C ILE A 131 58.62 -2.52 -29.88
N TYR A 132 58.12 -2.11 -31.05
CA TYR A 132 56.98 -2.74 -31.71
C TYR A 132 57.54 -3.60 -32.83
N LEU A 133 57.62 -4.91 -32.58
CA LEU A 133 58.23 -5.85 -33.52
C LEU A 133 57.15 -6.65 -34.24
N THR A 134 57.28 -6.74 -35.56
CA THR A 134 56.42 -7.58 -36.39
C THR A 134 57.29 -8.71 -36.92
N ARG A 135 57.16 -9.89 -36.32
CA ARG A 135 57.96 -11.05 -36.73
C ARG A 135 57.35 -11.68 -37.97
N VAL A 136 58.13 -11.80 -39.04
CA VAL A 136 57.65 -12.34 -40.32
C VAL A 136 58.32 -13.68 -40.56
N ALA A 137 57.52 -14.68 -40.93
CA ALA A 137 58.01 -16.05 -41.12
C ALA A 137 58.51 -16.25 -42.56
N LEU A 138 59.64 -15.62 -42.84
CA LEU A 138 60.32 -15.74 -44.12
C LEU A 138 61.81 -15.74 -43.88
N GLU A 139 62.48 -16.83 -44.24
CA GLU A 139 63.90 -16.94 -43.91
C GLU A 139 64.78 -17.44 -45.05
N ASP A 140 64.27 -18.27 -45.96
CA ASP A 140 65.10 -18.77 -47.05
C ASP A 140 65.12 -17.82 -48.23
N ILE A 141 65.26 -16.53 -47.96
CA ILE A 141 65.36 -15.49 -48.97
C ILE A 141 66.58 -14.63 -48.64
N GLU A 142 66.86 -13.67 -49.53
CA GLU A 142 68.05 -12.85 -49.42
C GLU A 142 67.76 -11.55 -48.65
N PHE A 143 68.67 -11.20 -47.75
CA PHE A 143 68.61 -9.95 -47.01
C PHE A 143 69.94 -9.22 -47.14
N ASP A 144 69.89 -7.88 -47.09
CA ASP A 144 71.09 -7.08 -46.96
C ASP A 144 70.99 -6.07 -45.82
N THR A 145 69.87 -6.01 -45.12
CA THR A 145 69.67 -5.08 -44.02
C THR A 145 68.97 -5.82 -42.89
N TYR A 146 69.54 -5.76 -41.69
CA TYR A 146 69.06 -6.52 -40.55
C TYR A 146 68.69 -5.61 -39.39
N PHE A 147 67.80 -6.11 -38.54
CA PHE A 147 67.47 -5.42 -37.29
C PHE A 147 68.40 -5.92 -36.20
N PRO A 148 69.01 -5.03 -35.41
CA PRO A 148 69.97 -5.47 -34.40
C PRO A 148 69.33 -6.39 -33.37
N GLU A 149 70.15 -7.25 -32.77
CA GLU A 149 69.67 -8.11 -31.71
C GLU A 149 69.17 -7.28 -30.54
N ILE A 150 67.98 -7.60 -30.06
CA ILE A 150 67.36 -6.83 -28.98
C ILE A 150 68.20 -6.97 -27.71
N PRO A 151 68.64 -5.86 -27.09
CA PRO A 151 69.48 -5.96 -25.90
C PRO A 151 68.76 -6.61 -24.74
N GLU A 152 69.55 -7.16 -23.81
CA GLU A 152 68.99 -7.84 -22.66
C GLU A 152 68.23 -6.90 -21.73
N THR A 153 68.39 -5.59 -21.90
CA THR A 153 67.64 -4.63 -21.10
C THR A 153 66.18 -4.54 -21.50
N PHE A 154 65.77 -5.21 -22.58
CA PHE A 154 64.38 -5.23 -23.00
C PHE A 154 63.78 -6.60 -22.68
N LEU A 155 62.49 -6.59 -22.34
CA LEU A 155 61.76 -7.83 -22.11
C LEU A 155 60.43 -7.79 -22.87
N PRO A 156 60.01 -8.92 -23.43
CA PRO A 156 58.73 -8.95 -24.13
C PRO A 156 57.58 -8.87 -23.14
N VAL A 157 56.58 -8.07 -23.48
CA VAL A 157 55.37 -7.94 -22.66
C VAL A 157 54.11 -8.31 -23.40
N TYR A 158 54.19 -8.59 -24.70
CA TYR A 158 53.02 -8.92 -25.50
C TYR A 158 53.45 -9.69 -26.74
N MET A 159 52.69 -10.72 -27.08
CA MET A 159 52.89 -11.49 -28.31
C MET A 159 51.52 -11.87 -28.85
N SER A 160 51.17 -11.33 -30.00
CA SER A 160 49.84 -11.53 -30.56
C SER A 160 49.67 -12.93 -31.13
N GLN A 161 48.45 -13.23 -31.54
CA GLN A 161 48.20 -14.46 -32.28
C GLN A 161 48.86 -14.36 -33.66
N THR A 162 48.99 -15.51 -34.31
CA THR A 162 49.58 -15.56 -35.64
C THR A 162 48.54 -15.15 -36.68
N PHE A 163 48.92 -14.21 -37.55
CA PHE A 163 48.11 -13.77 -38.67
C PHE A 163 48.71 -14.27 -39.97
N CYS A 164 47.90 -14.24 -41.04
CA CYS A 164 48.32 -14.76 -42.33
C CYS A 164 47.98 -13.78 -43.43
N THR A 165 48.96 -13.53 -44.31
CA THR A 165 48.75 -12.72 -45.51
C THR A 165 49.51 -13.37 -46.66
N LYS A 166 48.78 -13.84 -47.66
CA LYS A 166 49.36 -14.52 -48.83
C LYS A 166 50.27 -15.68 -48.39
N ASN A 167 49.73 -16.51 -47.50
CA ASN A 167 50.41 -17.69 -46.96
C ASN A 167 51.67 -17.35 -46.15
N ILE A 168 51.80 -16.10 -45.72
CA ILE A 168 52.93 -15.66 -44.91
C ILE A 168 52.42 -15.43 -43.48
N SER A 169 53.03 -16.12 -42.52
CA SER A 169 52.67 -15.99 -41.12
C SER A 169 53.47 -14.86 -40.47
N TYR A 170 52.81 -14.11 -39.60
CA TYR A 170 53.50 -13.05 -38.90
C TYR A 170 52.85 -12.77 -37.54
N ASP A 171 53.64 -12.23 -36.63
CA ASP A 171 53.26 -11.93 -35.26
C ASP A 171 53.41 -10.44 -34.98
N PHE A 172 52.97 -10.04 -33.80
CA PHE A 172 53.15 -8.69 -33.30
C PHE A 172 53.58 -8.76 -31.85
N MET A 173 54.71 -8.16 -31.53
CA MET A 173 55.24 -8.20 -30.17
C MET A 173 55.60 -6.80 -29.70
N ILE A 174 55.59 -6.63 -28.37
CA ILE A 174 56.00 -5.38 -27.73
C ILE A 174 57.10 -5.71 -26.73
N PHE A 175 58.16 -4.91 -26.75
CA PHE A 175 59.27 -5.05 -25.82
C PHE A 175 59.40 -3.78 -25.00
N GLU A 176 59.62 -3.95 -23.69
CA GLU A 176 59.77 -2.82 -22.77
C GLU A 176 61.16 -2.85 -22.14
N LYS A 177 61.75 -1.68 -21.98
CA LYS A 177 63.05 -1.57 -21.33
C LYS A 177 62.85 -1.53 -19.83
N GLN A 178 63.45 -2.48 -19.12
CA GLN A 178 63.29 -2.58 -17.67
C GLN A 178 64.12 -1.50 -16.97
N GLU A 179 63.59 -1.01 -15.85
CA GLU A 179 64.26 0.04 -15.08
C GLU A 179 64.68 -0.45 -13.70
N LYS A 180 64.47 0.36 -12.67
CA LYS A 180 64.89 0.04 -11.33
C LYS A 180 63.82 -0.78 -10.60
N LYS A 181 64.19 -1.29 -9.43
CA LYS A 181 63.31 -2.11 -8.59
C LYS A 181 62.76 -3.32 -9.35
N LEU A 193 43.57 -5.88 -7.84
CA LEU A 193 43.68 -4.58 -7.20
C LEU A 193 44.78 -4.61 -6.15
N LYS A 194 44.52 -4.01 -4.98
CA LYS A 194 45.46 -4.01 -3.87
C LYS A 194 45.04 -4.97 -2.77
N SER A 195 43.86 -4.75 -2.18
CA SER A 195 43.42 -5.53 -1.03
C SER A 195 42.75 -6.84 -1.42
N ILE A 196 42.37 -7.00 -2.69
CA ILE A 196 41.78 -8.26 -3.11
C ILE A 196 42.82 -9.38 -3.05
N ASP A 197 44.05 -9.11 -3.50
CA ASP A 197 45.09 -10.13 -3.44
C ASP A 197 45.43 -10.49 -2.00
N ASP A 198 45.43 -9.49 -1.11
CA ASP A 198 45.70 -9.77 0.30
C ASP A 198 44.60 -10.63 0.92
N THR A 199 43.34 -10.31 0.63
CA THR A 199 42.23 -11.09 1.17
C THR A 199 42.26 -12.52 0.67
N VAL A 200 42.57 -12.71 -0.62
CA VAL A 200 42.63 -14.06 -1.17
C VAL A 200 43.77 -14.85 -0.53
N ASP A 201 44.92 -14.20 -0.31
CA ASP A 201 46.03 -14.87 0.35
C ASP A 201 45.68 -15.27 1.77
N LEU A 202 44.98 -14.39 2.50
CA LEU A 202 44.58 -14.72 3.86
C LEU A 202 43.59 -15.88 3.87
N LEU A 203 42.63 -15.87 2.95
CA LEU A 203 41.70 -17.00 2.85
C LEU A 203 42.42 -18.30 2.51
N GLY A 204 43.49 -18.22 1.71
CA GLY A 204 44.26 -19.41 1.40
C GLY A 204 45.09 -19.91 2.57
N GLU A 205 45.45 -19.01 3.49
CA GLU A 205 46.15 -19.46 4.69
C GLU A 205 45.21 -20.14 5.67
N ILE A 206 43.97 -19.65 5.76
CA ILE A 206 42.99 -20.25 6.68
C ILE A 206 42.54 -21.62 6.16
N PHE A 207 42.08 -21.66 4.91
CA PHE A 207 41.67 -22.91 4.27
C PHE A 207 42.85 -23.43 3.46
N GLY A 208 43.35 -24.60 3.82
CA GLY A 208 44.52 -25.11 3.13
C GLY A 208 44.23 -25.45 1.70
N ILE A 209 43.68 -26.64 1.47
CA ILE A 209 43.24 -27.05 0.15
C ILE A 209 41.72 -27.13 0.08
N ARG A 210 41.04 -26.67 1.12
CA ARG A 210 39.60 -26.51 1.05
C ARG A 210 39.22 -25.37 0.10
N LYS A 211 40.11 -24.41 -0.10
CA LYS A 211 39.90 -23.34 -1.07
C LYS A 211 40.39 -23.82 -2.43
N MET A 212 39.49 -23.83 -3.42
CA MET A 212 39.80 -24.41 -4.71
C MET A 212 40.94 -23.67 -5.41
N GLY A 213 41.13 -22.38 -5.08
CA GLY A 213 42.25 -21.65 -5.66
C GLY A 213 43.60 -22.26 -5.34
N ASN A 214 43.75 -22.84 -4.14
CA ASN A 214 45.01 -23.46 -3.76
C ASN A 214 45.26 -24.76 -4.50
N ARG A 215 44.21 -25.43 -4.98
CA ARG A 215 44.39 -26.60 -5.82
C ARG A 215 44.70 -26.25 -7.27
N HIS A 216 44.54 -24.98 -7.65
CA HIS A 216 44.87 -24.49 -8.99
C HIS A 216 45.80 -23.28 -8.86
N LYS A 217 46.96 -23.50 -8.26
CA LYS A 217 47.90 -22.41 -8.05
C LYS A 217 48.47 -21.90 -9.37
N PHE A 218 48.73 -20.60 -9.43
CA PHE A 218 49.36 -20.03 -10.60
C PHE A 218 50.82 -20.47 -10.68
N PRO A 219 51.31 -20.85 -11.86
CA PRO A 219 52.68 -21.37 -11.95
C PRO A 219 53.70 -20.34 -11.52
N LYS A 220 54.76 -20.83 -10.86
CA LYS A 220 55.86 -19.98 -10.46
C LYS A 220 56.65 -19.53 -11.67
N GLU A 221 57.43 -18.46 -11.48
CA GLU A 221 58.16 -17.86 -12.59
C GLU A 221 59.18 -18.82 -13.19
N GLU A 222 59.78 -19.68 -12.37
CA GLU A 222 60.85 -20.54 -12.87
C GLU A 222 60.35 -21.60 -13.86
N ILE A 223 59.04 -21.84 -13.91
CA ILE A 223 58.44 -22.80 -14.83
C ILE A 223 57.46 -22.14 -15.78
N TYR A 224 57.48 -20.81 -15.86
CA TYR A 224 56.56 -20.04 -16.70
C TYR A 224 57.29 -19.60 -17.97
N ASN A 225 56.71 -19.92 -19.12
CA ASN A 225 57.35 -19.59 -20.39
C ASN A 225 57.28 -18.09 -20.65
N THR A 226 58.45 -17.46 -20.85
CA THR A 226 58.61 -16.02 -21.02
C THR A 226 57.81 -15.27 -19.96
N PRO A 227 58.24 -15.32 -18.70
CA PRO A 227 57.41 -14.76 -17.63
C PRO A 227 57.16 -13.27 -17.75
N SER A 228 57.96 -12.55 -18.54
CA SER A 228 57.78 -11.12 -18.69
C SER A 228 56.50 -10.77 -19.42
N ILE A 229 55.96 -11.70 -20.23
CA ILE A 229 54.69 -11.49 -20.92
C ILE A 229 53.60 -11.92 -19.95
N ARG A 230 53.04 -10.96 -19.21
CA ARG A 230 52.04 -11.24 -18.19
C ARG A 230 50.61 -11.08 -18.69
N PHE A 231 50.29 -9.92 -19.28
CA PHE A 231 48.92 -9.64 -19.70
C PHE A 231 48.72 -9.73 -21.20
N GLY A 232 49.74 -10.13 -21.96
CA GLY A 232 49.63 -10.16 -23.40
C GLY A 232 50.01 -11.50 -23.98
N ARG A 233 49.58 -12.57 -23.32
CA ARG A 233 49.90 -13.93 -23.79
C ARG A 233 48.88 -14.42 -24.81
N GLU A 234 48.78 -13.65 -25.90
CA GLU A 234 47.75 -13.89 -26.90
C GLU A 234 48.09 -15.07 -27.81
N HIS A 235 49.36 -15.28 -28.12
CA HIS A 235 49.75 -16.40 -28.98
C HIS A 235 49.25 -17.72 -28.40
N TYR A 236 48.51 -18.46 -29.20
CA TYR A 236 47.79 -19.64 -28.72
C TYR A 236 48.71 -20.83 -28.49
N GLU A 237 50.00 -20.74 -28.80
CA GLU A 237 50.92 -21.77 -28.32
C GLU A 237 51.03 -21.73 -26.80
N PHE A 238 50.77 -20.56 -26.20
CA PHE A 238 50.72 -20.46 -24.75
C PHE A 238 49.63 -21.35 -24.16
N GLN A 239 48.56 -21.61 -24.94
CA GLN A 239 47.52 -22.50 -24.45
C GLN A 239 48.07 -23.90 -24.14
N TYR A 240 49.14 -24.30 -24.81
CA TYR A 240 49.82 -25.56 -24.52
C TYR A 240 50.93 -25.40 -23.49
N LEU A 241 51.74 -24.35 -23.62
CA LEU A 241 52.85 -24.14 -22.68
C LEU A 241 52.35 -23.90 -21.27
N ASP A 242 51.26 -23.13 -21.12
CA ASP A 242 50.70 -22.87 -19.80
C ASP A 242 50.16 -24.13 -19.15
N LEU A 243 49.62 -25.05 -19.96
CA LEU A 243 49.17 -26.33 -19.41
C LEU A 243 50.35 -27.11 -18.85
N LEU A 244 51.49 -27.11 -19.55
CA LEU A 244 52.71 -27.70 -18.98
C LEU A 244 53.05 -27.07 -17.63
N SER A 245 53.08 -25.74 -17.57
CA SER A 245 53.41 -25.05 -16.33
C SER A 245 52.41 -25.39 -15.23
N ARG A 246 51.12 -25.43 -15.57
CA ARG A 246 50.10 -25.75 -14.57
C ARG A 246 50.30 -27.16 -14.01
N VAL A 247 50.68 -28.11 -14.86
CA VAL A 247 50.97 -29.45 -14.38
C VAL A 247 52.20 -29.44 -13.48
N LEU A 248 53.27 -28.76 -13.91
CA LEU A 248 54.48 -28.70 -13.09
C LEU A 248 54.22 -28.06 -11.74
N GLU A 249 53.21 -27.18 -11.65
CA GLU A 249 52.91 -26.50 -10.40
C GLU A 249 51.97 -27.29 -9.50
N ASN A 250 50.96 -27.95 -10.07
CA ASN A 250 49.91 -28.58 -9.30
C ASN A 250 49.79 -30.08 -9.54
N GLY A 251 50.64 -30.66 -10.38
CA GLY A 251 50.48 -32.07 -10.73
C GLY A 251 50.77 -32.97 -9.55
N ALA A 252 49.87 -33.90 -9.29
CA ALA A 252 50.06 -34.89 -8.24
C ALA A 252 50.88 -36.07 -8.76
N TYR A 253 51.84 -36.52 -7.97
CA TYR A 253 52.66 -37.65 -8.34
C TYR A 253 51.85 -38.93 -8.20
N ARG A 254 51.59 -39.61 -9.32
CA ARG A 254 50.69 -40.74 -9.36
C ARG A 254 51.31 -41.86 -10.19
N GLU A 255 51.02 -43.10 -9.80
CA GLU A 255 51.39 -44.27 -10.59
C GLU A 255 50.32 -44.57 -11.63
N ASN A 256 50.67 -45.40 -12.60
CA ASN A 256 49.74 -45.77 -13.66
C ASN A 256 50.09 -47.16 -14.17
N ARG A 257 49.43 -47.57 -15.26
CA ARG A 257 49.60 -48.92 -15.77
C ARG A 257 51.02 -49.18 -16.25
N THR A 258 51.75 -48.15 -16.65
CA THR A 258 53.15 -48.29 -17.02
C THR A 258 54.03 -48.13 -15.79
N GLY A 259 55.30 -48.47 -15.95
CA GLY A 259 56.22 -48.30 -14.83
C GLY A 259 56.69 -46.89 -14.58
N ILE A 260 56.26 -45.94 -15.40
CA ILE A 260 56.73 -44.55 -15.33
C ILE A 260 55.60 -43.73 -14.73
N SER A 261 55.83 -43.19 -13.53
CA SER A 261 54.84 -42.37 -12.86
C SER A 261 54.72 -41.01 -13.54
N THR A 262 53.60 -40.33 -13.28
CA THR A 262 53.31 -39.03 -13.88
C THR A 262 52.95 -38.01 -12.80
N TYR A 263 52.98 -36.74 -13.20
CA TYR A 263 52.38 -35.65 -12.43
C TYR A 263 51.11 -35.23 -13.15
N SER A 264 49.96 -35.36 -12.49
CA SER A 264 48.66 -35.32 -13.15
C SER A 264 47.74 -34.28 -12.53
N ILE A 265 46.94 -33.63 -13.39
CA ILE A 265 45.83 -32.80 -12.97
C ILE A 265 44.61 -33.16 -13.83
N PHE A 266 43.44 -32.72 -13.39
CA PHE A 266 42.19 -33.14 -14.00
C PHE A 266 41.37 -31.93 -14.43
N GLY A 267 40.85 -31.97 -15.66
CA GLY A 267 39.98 -30.93 -16.18
C GLY A 267 40.69 -29.69 -16.67
N GLN A 268 41.19 -29.73 -17.91
CA GLN A 268 41.92 -28.62 -18.51
C GLN A 268 41.39 -28.36 -19.91
N MET A 269 41.79 -27.22 -20.48
CA MET A 269 41.28 -26.77 -21.77
C MET A 269 42.37 -26.06 -22.55
N MET A 270 42.40 -26.31 -23.87
CA MET A 270 43.28 -25.61 -24.79
C MET A 270 42.47 -25.11 -25.98
N ARG A 271 42.77 -23.89 -26.43
CA ARG A 271 42.05 -23.27 -27.52
C ARG A 271 43.03 -22.82 -28.59
N PHE A 272 42.71 -23.08 -29.85
CA PHE A 272 43.60 -22.74 -30.95
C PHE A 272 42.80 -22.15 -32.10
N ASP A 273 43.41 -21.18 -32.79
CA ASP A 273 42.84 -20.63 -34.00
C ASP A 273 43.34 -21.41 -35.21
N MET A 274 42.47 -21.60 -36.19
CA MET A 274 42.85 -22.24 -37.44
C MET A 274 42.51 -21.39 -38.67
N ARG A 275 41.95 -20.20 -38.48
CA ARG A 275 41.62 -19.34 -39.61
C ARG A 275 42.87 -18.69 -40.21
N GLU A 276 43.81 -18.26 -39.36
CA GLU A 276 44.98 -17.53 -39.80
C GLU A 276 46.29 -18.25 -39.55
N SER A 277 46.26 -19.48 -39.03
CA SER A 277 47.47 -20.21 -38.73
C SER A 277 47.14 -21.69 -38.54
N PHE A 278 48.18 -22.49 -38.34
CA PHE A 278 48.05 -23.92 -38.10
C PHE A 278 48.71 -24.27 -36.77
N PRO A 279 48.00 -24.86 -35.82
CA PRO A 279 48.55 -25.05 -34.48
C PRO A 279 49.63 -26.13 -34.41
N LEU A 280 50.75 -25.90 -35.08
CA LEU A 280 51.92 -26.78 -34.97
C LEU A 280 52.95 -26.10 -34.09
N LEU A 281 53.30 -26.74 -32.97
CA LEU A 281 54.14 -26.11 -31.96
C LEU A 281 55.48 -25.70 -32.56
N THR A 282 55.93 -24.50 -32.19
CA THR A 282 57.22 -23.99 -32.65
C THR A 282 58.34 -24.17 -31.64
N THR A 283 58.01 -24.34 -30.36
CA THR A 283 59.04 -24.54 -29.32
C THR A 283 59.70 -25.91 -29.42
N LYS A 284 59.35 -26.68 -30.44
CA LYS A 284 59.88 -28.02 -30.65
C LYS A 284 59.52 -28.49 -32.05
N LYS A 285 60.49 -29.05 -32.77
CA LYS A 285 60.20 -29.58 -34.10
C LYS A 285 59.31 -30.81 -33.98
N VAL A 286 58.11 -30.73 -34.56
CA VAL A 286 57.11 -31.79 -34.46
C VAL A 286 57.07 -32.54 -35.78
N ALA A 287 57.08 -33.88 -35.70
CA ALA A 287 57.02 -34.72 -36.89
C ALA A 287 55.65 -34.61 -37.56
N ILE A 288 55.49 -33.63 -38.45
CA ILE A 288 54.18 -33.40 -39.07
C ILE A 288 53.82 -34.55 -40.00
N ARG A 289 54.81 -35.17 -40.65
CA ARG A 289 54.51 -36.25 -41.58
C ARG A 289 53.93 -37.45 -40.86
N SER A 290 54.50 -37.82 -39.71
CA SER A 290 53.97 -38.94 -38.95
C SER A 290 52.56 -38.66 -38.45
N ILE A 291 52.27 -37.41 -38.09
CA ILE A 291 50.93 -37.04 -37.67
C ILE A 291 49.94 -37.27 -38.82
N PHE A 292 50.29 -36.78 -40.01
CA PHE A 292 49.39 -36.95 -41.16
C PHE A 292 49.20 -38.42 -41.50
N GLU A 293 50.28 -39.19 -41.50
CA GLU A 293 50.19 -40.59 -41.89
C GLU A 293 49.30 -41.37 -40.92
N GLU A 294 49.38 -41.05 -39.62
CA GLU A 294 48.49 -41.66 -38.65
C GLU A 294 47.04 -41.25 -38.90
N LEU A 295 46.81 -39.98 -39.26
CA LEU A 295 45.45 -39.49 -39.45
C LEU A 295 44.79 -40.14 -40.66
N ILE A 296 45.52 -40.21 -41.79
CA ILE A 296 44.95 -40.85 -42.96
C ILE A 296 44.80 -42.35 -42.72
N TRP A 297 45.64 -42.90 -41.82
CA TRP A 297 45.49 -44.29 -41.41
C TRP A 297 44.19 -44.48 -40.64
N PHE A 298 43.81 -43.51 -39.81
CA PHE A 298 42.51 -43.55 -39.14
C PHE A 298 41.38 -43.44 -40.14
N ILE A 299 41.47 -42.46 -41.05
CA ILE A 299 40.36 -42.18 -41.96
C ILE A 299 40.05 -43.39 -42.83
N LYS A 300 41.09 -44.07 -43.32
CA LYS A 300 40.88 -45.26 -44.13
C LYS A 300 40.30 -46.43 -43.33
N GLY A 301 40.15 -46.29 -42.02
CA GLY A 301 39.63 -47.36 -41.21
C GLY A 301 40.61 -48.46 -40.88
N ASP A 302 41.90 -48.20 -41.01
CA ASP A 302 42.91 -49.25 -40.92
C ASP A 302 43.35 -49.45 -39.47
N THR A 303 43.48 -50.72 -39.08
CA THR A 303 44.03 -51.07 -37.76
C THR A 303 45.32 -51.86 -37.87
N ASN A 304 45.89 -51.99 -39.07
CA ASN A 304 47.13 -52.74 -39.27
C ASN A 304 48.30 -51.81 -38.99
N GLY A 305 49.01 -52.07 -37.90
CA GLY A 305 50.14 -51.25 -37.52
C GLY A 305 51.32 -51.35 -38.46
N ASN A 306 51.41 -52.43 -39.25
CA ASN A 306 52.51 -52.56 -40.19
C ASN A 306 52.45 -51.52 -41.30
N HIS A 307 51.25 -51.08 -41.68
CA HIS A 307 51.14 -50.07 -42.73
C HIS A 307 51.77 -48.74 -42.31
N LEU A 308 51.78 -48.44 -41.00
CA LEU A 308 52.49 -47.27 -40.53
C LEU A 308 54.00 -47.51 -40.45
N ILE A 309 54.40 -48.70 -40.02
CA ILE A 309 55.83 -49.02 -39.95
C ILE A 309 56.44 -49.08 -41.34
N GLU A 310 55.67 -49.51 -42.34
CA GLU A 310 56.16 -49.54 -43.72
C GLU A 310 56.36 -48.14 -44.29
N LYS A 311 55.72 -47.12 -43.70
CA LYS A 311 55.90 -45.74 -44.11
C LYS A 311 56.80 -44.97 -43.15
N LYS A 312 57.67 -45.67 -42.41
CA LYS A 312 58.63 -45.06 -41.49
C LYS A 312 57.92 -44.26 -40.39
N VAL A 313 56.84 -44.81 -39.87
CA VAL A 313 56.09 -44.22 -38.76
C VAL A 313 56.03 -45.26 -37.65
N TYR A 314 56.67 -44.98 -36.51
CA TYR A 314 56.84 -45.97 -35.46
C TYR A 314 56.15 -45.56 -34.16
N ILE A 315 55.08 -44.75 -34.24
CA ILE A 315 54.43 -44.30 -33.02
C ILE A 315 53.54 -45.38 -32.40
N TRP A 316 53.05 -46.33 -33.18
CA TRP A 316 52.23 -47.43 -32.66
C TRP A 316 53.00 -48.75 -32.57
N SER A 317 54.33 -48.69 -32.50
CA SER A 317 55.10 -49.93 -32.37
C SER A 317 55.11 -50.43 -30.94
N GLY A 318 55.17 -49.51 -29.97
CA GLY A 318 55.23 -49.93 -28.58
C GLY A 318 53.97 -50.62 -28.12
N ASN A 319 52.80 -50.07 -28.47
CA ASN A 319 51.54 -50.67 -28.09
C ASN A 319 51.11 -51.79 -29.04
N GLY A 320 51.98 -52.19 -29.96
CA GLY A 320 51.67 -53.27 -30.87
C GLY A 320 52.84 -54.20 -31.07
N SER A 321 53.44 -54.66 -29.98
CA SER A 321 54.51 -55.64 -30.01
C SER A 321 54.02 -56.95 -29.45
N LYS A 322 54.77 -58.02 -29.73
CA LYS A 322 54.39 -59.33 -29.21
C LYS A 322 54.35 -59.33 -27.69
N GLU A 323 55.36 -58.72 -27.05
CA GLU A 323 55.43 -58.72 -25.59
C GLU A 323 54.32 -57.87 -24.97
N TYR A 324 54.05 -56.70 -25.55
CA TYR A 324 53.00 -55.84 -24.99
C TYR A 324 51.62 -56.46 -25.16
N LEU A 325 51.34 -57.03 -26.33
CA LEU A 325 50.04 -57.64 -26.56
C LEU A 325 49.83 -58.85 -25.66
N GLU A 326 50.89 -59.66 -25.47
CA GLU A 326 50.78 -60.79 -24.56
C GLU A 326 50.61 -60.32 -23.11
N ARG A 327 51.18 -59.16 -22.77
CA ARG A 327 51.09 -58.68 -21.40
C ARG A 327 49.68 -58.22 -21.05
N ILE A 328 48.99 -57.59 -21.99
CA ILE A 328 47.65 -57.07 -21.73
C ILE A 328 46.61 -58.13 -22.07
N GLY A 329 47.06 -59.34 -22.37
CA GLY A 329 46.16 -60.45 -22.62
C GLY A 329 45.65 -60.57 -24.03
N LEU A 330 46.42 -60.15 -25.03
CA LEU A 330 46.06 -60.27 -26.43
C LEU A 330 47.13 -61.04 -27.20
N GLY A 331 47.67 -62.10 -26.60
CA GLY A 331 48.73 -62.87 -27.23
C GLY A 331 48.29 -63.61 -28.48
N HIS A 332 46.98 -63.77 -28.67
CA HIS A 332 46.45 -64.41 -29.87
C HIS A 332 46.58 -63.55 -31.12
N ARG A 333 46.93 -62.26 -30.97
CA ARG A 333 46.98 -61.36 -32.09
C ARG A 333 48.29 -61.50 -32.85
N GLU A 334 48.26 -61.07 -34.12
CA GLU A 334 49.50 -60.92 -34.85
C GLU A 334 50.30 -59.77 -34.23
N GLU A 335 51.55 -59.61 -34.68
CA GLU A 335 52.48 -58.73 -33.99
C GLU A 335 51.92 -57.31 -33.85
N ASN A 336 51.45 -56.73 -34.96
CA ASN A 336 50.98 -55.35 -34.94
C ASN A 336 49.48 -55.22 -35.13
N ASP A 337 48.72 -56.26 -34.79
CA ASP A 337 47.26 -56.23 -34.89
C ASP A 337 46.71 -55.46 -33.70
N LEU A 338 46.53 -54.15 -33.88
CA LEU A 338 46.11 -53.28 -32.78
C LEU A 338 44.66 -53.50 -32.37
N GLY A 339 43.85 -54.15 -33.20
CA GLY A 339 42.48 -54.39 -32.87
C GLY A 339 41.57 -53.25 -33.28
N PRO A 340 40.29 -53.34 -32.93
CA PRO A 340 39.34 -52.29 -33.33
C PRO A 340 39.56 -50.99 -32.58
N ILE A 341 40.21 -50.01 -33.21
CA ILE A 341 40.58 -48.79 -32.50
C ILE A 341 39.96 -47.59 -33.19
N TYR A 342 40.63 -46.44 -33.11
CA TYR A 342 40.11 -45.21 -33.72
C TYR A 342 39.61 -45.42 -35.14
N GLY A 343 40.46 -45.95 -36.02
CA GLY A 343 40.05 -46.10 -37.41
C GLY A 343 38.95 -47.11 -37.63
N PHE A 344 38.79 -48.06 -36.70
CA PHE A 344 37.72 -49.04 -36.85
C PHE A 344 36.40 -48.56 -36.27
N GLN A 345 36.42 -47.77 -35.19
CA GLN A 345 35.19 -47.18 -34.69
C GLN A 345 34.71 -46.01 -35.54
N TRP A 346 35.60 -45.36 -36.30
CA TRP A 346 35.15 -44.27 -37.17
C TRP A 346 34.36 -44.80 -38.36
N ARG A 347 34.81 -45.91 -38.93
CA ARG A 347 34.21 -46.42 -40.16
C ARG A 347 33.33 -47.65 -39.94
N HIS A 348 33.56 -48.43 -38.88
CA HIS A 348 32.80 -49.65 -38.63
C HIS A 348 32.47 -49.76 -37.14
N TYR A 349 31.68 -48.80 -36.64
CA TYR A 349 31.31 -48.80 -35.23
C TYR A 349 30.42 -49.99 -34.92
N ASN A 350 30.68 -50.64 -33.79
CA ASN A 350 29.97 -51.83 -33.33
C ASN A 350 30.15 -53.03 -34.27
N GLY A 351 31.13 -52.97 -35.17
CA GLY A 351 31.37 -54.09 -36.06
C GLY A 351 32.17 -55.18 -35.38
N GLU A 352 31.78 -56.43 -35.63
CA GLU A 352 32.47 -57.57 -35.04
C GLU A 352 33.87 -57.68 -35.62
N TYR A 353 34.87 -57.40 -34.79
CA TYR A 353 36.26 -57.44 -35.24
C TYR A 353 36.80 -58.86 -35.15
N LYS A 354 37.56 -59.25 -36.17
CA LYS A 354 38.23 -60.55 -36.17
C LYS A 354 39.73 -60.34 -36.15
N THR A 355 40.32 -60.04 -37.30
CA THR A 355 41.74 -59.70 -37.41
C THR A 355 41.88 -58.47 -38.28
N MET A 356 43.13 -58.02 -38.45
CA MET A 356 43.40 -56.86 -39.28
C MET A 356 43.37 -57.17 -40.77
N HIS A 357 43.27 -58.44 -41.15
CA HIS A 357 43.34 -58.82 -42.55
C HIS A 357 41.97 -59.01 -43.19
N ASP A 358 40.92 -59.15 -42.40
CA ASP A 358 39.60 -59.42 -42.95
C ASP A 358 39.03 -58.18 -43.62
N ASP A 359 38.00 -58.41 -44.45
CA ASP A 359 37.35 -57.35 -45.18
C ASP A 359 36.15 -56.85 -44.39
N TYR A 360 36.17 -55.56 -44.02
CA TYR A 360 35.13 -54.96 -43.20
C TYR A 360 34.27 -53.97 -43.97
N THR A 361 34.31 -54.02 -45.30
CA THR A 361 33.53 -53.10 -46.12
C THR A 361 32.05 -53.40 -45.90
N GLY A 362 31.33 -52.44 -45.32
CA GLY A 362 29.92 -52.60 -45.04
C GLY A 362 29.60 -52.94 -43.61
N VAL A 363 30.59 -53.32 -42.81
CA VAL A 363 30.36 -53.70 -41.42
C VAL A 363 30.32 -52.45 -40.56
N GLY A 364 29.47 -52.49 -39.53
CA GLY A 364 29.40 -51.40 -38.58
C GLY A 364 28.78 -50.13 -39.15
N VAL A 365 28.75 -49.11 -38.29
CA VAL A 365 28.21 -47.81 -38.65
C VAL A 365 29.36 -46.92 -39.12
N ASP A 366 29.19 -46.30 -40.29
CA ASP A 366 30.21 -45.41 -40.83
C ASP A 366 29.92 -44.00 -40.31
N GLN A 367 30.52 -43.68 -39.16
CA GLN A 367 30.30 -42.37 -38.56
C GLN A 367 30.88 -41.25 -39.42
N LEU A 368 32.05 -41.48 -40.00
CA LEU A 368 32.72 -40.43 -40.76
C LEU A 368 31.92 -40.04 -41.99
N ALA A 369 31.36 -41.03 -42.70
CA ALA A 369 30.53 -40.73 -43.86
C ALA A 369 29.26 -39.99 -43.44
N LYS A 370 28.58 -40.48 -42.40
CA LYS A 370 27.40 -39.78 -41.91
C LYS A 370 27.74 -38.37 -41.44
N LEU A 371 28.93 -38.20 -40.85
CA LEU A 371 29.35 -36.87 -40.41
C LEU A 371 29.51 -35.92 -41.58
N ILE A 372 30.19 -36.37 -42.64
CA ILE A 372 30.39 -35.51 -43.81
C ILE A 372 29.06 -35.19 -44.47
N GLU A 373 28.19 -36.19 -44.62
CA GLU A 373 26.89 -35.97 -45.24
C GLU A 373 26.05 -35.00 -44.42
N THR A 374 26.09 -35.13 -43.09
CA THR A 374 25.32 -34.22 -42.24
C THR A 374 25.91 -32.81 -42.23
N LEU A 375 27.24 -32.69 -42.33
CA LEU A 375 27.86 -31.37 -42.26
C LEU A 375 27.46 -30.49 -43.43
N LYS A 376 27.33 -31.05 -44.63
CA LYS A 376 26.98 -30.24 -45.79
C LYS A 376 25.48 -30.19 -46.07
N ASN A 377 24.70 -31.15 -45.57
CA ASN A 377 23.27 -31.14 -45.79
C ASN A 377 22.50 -30.46 -44.68
N ASN A 378 22.97 -30.56 -43.43
CA ASN A 378 22.33 -29.92 -42.28
C ASN A 378 23.41 -29.32 -41.42
N PRO A 379 23.93 -28.15 -41.78
CA PRO A 379 25.09 -27.60 -41.05
C PRO A 379 24.77 -27.15 -39.65
N LYS A 380 23.62 -26.52 -39.43
CA LYS A 380 23.29 -26.00 -38.10
C LYS A 380 22.80 -27.08 -37.14
N ASP A 381 22.89 -28.35 -37.54
CA ASP A 381 22.56 -29.45 -36.64
C ASP A 381 23.55 -29.49 -35.49
N ARG A 382 23.06 -29.85 -34.30
CA ARG A 382 23.87 -29.88 -33.11
C ARG A 382 24.39 -31.27 -32.78
N ARG A 383 24.48 -32.15 -33.77
CA ARG A 383 24.79 -33.55 -33.52
C ARG A 383 25.92 -34.07 -34.42
N HIS A 384 26.83 -33.18 -34.82
CA HIS A 384 27.99 -33.57 -35.63
C HIS A 384 29.04 -34.19 -34.71
N ILE A 385 28.78 -35.42 -34.29
CA ILE A 385 29.58 -36.09 -33.27
C ILE A 385 30.25 -37.33 -33.85
N LEU A 386 31.54 -37.48 -33.57
CA LEU A 386 32.32 -38.65 -33.93
C LEU A 386 32.93 -39.22 -32.66
N THR A 387 32.53 -40.43 -32.29
CA THR A 387 32.98 -41.06 -31.06
C THR A 387 33.80 -42.31 -31.35
N ALA A 388 34.66 -42.65 -30.39
CA ALA A 388 35.47 -43.86 -30.47
C ALA A 388 35.35 -44.73 -29.23
N TRP A 389 34.60 -44.31 -28.22
CA TRP A 389 34.47 -45.08 -26.99
C TRP A 389 33.35 -46.10 -27.18
N ASN A 390 33.73 -47.35 -27.37
CA ASN A 390 32.77 -48.46 -27.51
C ASN A 390 32.99 -49.43 -26.36
N PRO A 391 32.16 -49.39 -25.31
CA PRO A 391 32.37 -50.28 -24.17
C PRO A 391 32.35 -51.76 -24.53
N SER A 392 31.72 -52.14 -25.64
CA SER A 392 31.70 -53.55 -26.04
C SER A 392 33.01 -53.99 -26.68
N ALA A 393 33.83 -53.06 -27.15
CA ALA A 393 35.06 -53.40 -27.84
C ALA A 393 36.32 -52.97 -27.11
N LEU A 394 36.18 -52.41 -25.90
CA LEU A 394 37.36 -51.90 -25.18
C LEU A 394 38.36 -53.02 -24.89
N SER A 395 37.87 -54.19 -24.50
CA SER A 395 38.76 -55.29 -24.14
C SER A 395 39.57 -55.80 -25.32
N GLN A 396 39.10 -55.59 -26.55
CA GLN A 396 39.81 -56.06 -27.74
C GLN A 396 40.82 -55.07 -28.27
N MET A 397 40.84 -53.84 -27.75
CA MET A 397 41.73 -52.81 -28.27
C MET A 397 43.11 -52.96 -27.65
N ALA A 398 44.14 -52.69 -28.45
CA ALA A 398 45.50 -52.65 -27.89
C ALA A 398 45.65 -51.50 -26.92
N LEU A 399 44.84 -50.47 -27.07
CA LEU A 399 44.85 -49.32 -26.19
C LEU A 399 43.51 -48.60 -26.32
N PRO A 400 42.82 -48.31 -25.21
CA PRO A 400 41.55 -47.59 -25.30
C PRO A 400 41.76 -46.21 -25.90
N PRO A 401 40.71 -45.62 -26.47
CA PRO A 401 40.88 -44.32 -27.13
C PRO A 401 41.25 -43.22 -26.13
N CYS A 402 42.20 -42.38 -26.53
CA CYS A 402 42.57 -41.20 -25.75
C CYS A 402 41.79 -39.97 -26.20
N HIS A 403 41.86 -39.64 -27.48
CA HIS A 403 40.93 -38.67 -28.07
C HIS A 403 39.62 -39.40 -28.29
N VAL A 404 38.73 -39.28 -27.30
CA VAL A 404 37.58 -40.17 -27.20
C VAL A 404 36.43 -39.71 -28.08
N LEU A 405 36.11 -38.41 -28.04
CA LEU A 405 34.94 -37.91 -28.72
C LEU A 405 35.22 -36.52 -29.28
N SER A 406 34.66 -36.24 -30.46
CA SER A 406 34.82 -34.96 -31.11
C SER A 406 33.49 -34.47 -31.66
N GLN A 407 33.27 -33.16 -31.58
CA GLN A 407 32.07 -32.52 -32.09
C GLN A 407 32.46 -31.41 -33.06
N TYR A 408 31.62 -31.19 -34.07
CA TYR A 408 31.92 -30.24 -35.13
C TYR A 408 30.77 -29.27 -35.30
N TYR A 409 31.11 -28.04 -35.70
CA TYR A 409 30.21 -26.90 -35.65
C TYR A 409 30.45 -26.04 -36.88
N VAL A 410 29.37 -25.66 -37.56
CA VAL A 410 29.44 -24.80 -38.74
C VAL A 410 28.97 -23.42 -38.34
N THR A 411 29.87 -22.44 -38.41
CA THR A 411 29.53 -21.08 -38.03
C THR A 411 28.66 -20.43 -39.10
N ASN A 412 28.16 -19.23 -38.80
CA ASN A 412 27.30 -18.53 -39.74
C ASN A 412 28.07 -18.08 -40.98
N ASP A 413 29.38 -17.81 -40.84
CA ASP A 413 30.22 -17.45 -41.97
C ASP A 413 30.93 -18.66 -42.58
N ASN A 414 30.31 -19.84 -42.52
CA ASN A 414 30.77 -21.04 -43.22
C ASN A 414 32.19 -21.44 -42.82
N CYS A 415 32.42 -21.49 -41.51
CA CYS A 415 33.66 -22.02 -40.96
C CYS A 415 33.34 -23.24 -40.12
N LEU A 416 34.31 -24.16 -40.08
CA LEU A 416 34.16 -25.44 -39.39
C LEU A 416 35.05 -25.45 -38.16
N SER A 417 34.44 -25.44 -36.98
CA SER A 417 35.15 -25.52 -35.71
C SER A 417 35.04 -26.94 -35.15
N CYS A 418 35.97 -27.27 -34.24
CA CYS A 418 36.08 -28.62 -33.70
C CYS A 418 36.30 -28.58 -32.20
N ASN A 419 35.53 -29.39 -31.47
CA ASN A 419 35.74 -29.66 -30.05
C ASN A 419 36.16 -31.11 -29.88
N LEU A 420 37.15 -31.34 -29.02
CA LEU A 420 37.68 -32.67 -28.78
C LEU A 420 37.78 -32.91 -27.29
N TYR A 421 37.26 -34.05 -26.82
CA TYR A 421 37.47 -34.47 -25.44
C TYR A 421 38.52 -35.57 -25.39
N GLN A 422 39.55 -35.35 -24.57
CA GLN A 422 40.66 -36.29 -24.43
C GLN A 422 40.70 -36.75 -22.98
N ARG A 423 40.50 -38.05 -22.76
CA ARG A 423 40.43 -38.58 -21.40
C ARG A 423 41.81 -38.60 -20.75
N SER A 424 42.84 -38.89 -21.52
CA SER A 424 44.21 -38.98 -21.01
C SER A 424 45.13 -38.30 -22.01
N CYS A 425 46.02 -37.45 -21.51
CA CYS A 425 46.83 -36.59 -22.37
C CYS A 425 48.28 -36.63 -21.92
N ASP A 426 49.11 -37.32 -22.70
CA ASP A 426 50.57 -37.25 -22.55
C ASP A 426 51.04 -35.92 -23.11
N LEU A 427 51.33 -34.97 -22.24
CA LEU A 427 51.69 -33.63 -22.69
C LEU A 427 53.04 -33.60 -23.39
N GLY A 428 53.87 -34.61 -23.20
CA GLY A 428 55.18 -34.63 -23.84
C GLY A 428 55.16 -35.09 -25.28
N LEU A 429 54.34 -36.11 -25.58
CA LEU A 429 54.32 -36.71 -26.91
C LEU A 429 52.94 -36.66 -27.56
N GLY A 430 51.91 -37.14 -26.87
CA GLY A 430 50.61 -37.26 -27.52
C GLY A 430 49.93 -35.93 -27.77
N SER A 431 50.10 -34.98 -26.84
CA SER A 431 49.36 -33.72 -26.94
C SER A 431 49.70 -32.93 -28.18
N PRO A 432 50.97 -32.67 -28.52
CA PRO A 432 51.23 -31.93 -29.78
C PRO A 432 50.73 -32.67 -31.00
N PHE A 433 50.84 -34.01 -30.99
CA PHE A 433 50.28 -34.80 -32.09
C PHE A 433 48.77 -34.63 -32.17
N ASN A 434 48.08 -34.67 -31.02
CA ASN A 434 46.62 -34.55 -31.03
C ASN A 434 46.18 -33.19 -31.54
N ILE A 435 46.88 -32.12 -31.13
CA ILE A 435 46.53 -30.79 -31.59
C ILE A 435 46.62 -30.70 -33.11
N ALA A 436 47.78 -31.08 -33.66
CA ALA A 436 47.97 -31.00 -35.11
C ALA A 436 47.05 -31.98 -35.84
N SER A 437 46.83 -33.16 -35.27
CA SER A 437 46.04 -34.18 -35.95
C SER A 437 44.60 -33.71 -36.15
N TYR A 438 43.96 -33.23 -35.08
CA TYR A 438 42.57 -32.79 -35.22
C TYR A 438 42.46 -31.45 -35.93
N ALA A 439 43.54 -30.67 -35.97
CA ALA A 439 43.54 -29.50 -36.84
C ALA A 439 43.50 -29.92 -38.31
N ILE A 440 44.33 -30.89 -38.70
CA ILE A 440 44.33 -31.36 -40.08
C ILE A 440 42.99 -32.01 -40.42
N LEU A 441 42.45 -32.80 -39.48
CA LEU A 441 41.19 -33.48 -39.74
C LEU A 441 40.06 -32.48 -39.97
N THR A 442 40.03 -31.41 -39.17
CA THR A 442 39.00 -30.39 -39.37
C THR A 442 39.17 -29.69 -40.71
N MET A 443 40.41 -29.44 -41.12
CA MET A 443 40.65 -28.83 -42.42
C MET A 443 40.21 -29.75 -43.55
N MET A 444 40.48 -31.05 -43.43
CA MET A 444 40.03 -32.01 -44.43
C MET A 444 38.51 -32.03 -44.53
N LEU A 445 37.84 -32.10 -43.37
CA LEU A 445 36.38 -32.06 -43.37
C LEU A 445 35.86 -30.76 -43.96
N ALA A 446 36.56 -29.65 -43.71
CA ALA A 446 36.12 -28.37 -44.21
C ALA A 446 36.22 -28.31 -45.74
N GLN A 447 37.28 -28.86 -46.32
CA GLN A 447 37.43 -28.81 -47.77
C GLN A 447 36.43 -29.72 -48.46
N VAL A 448 36.21 -30.92 -47.92
CA VAL A 448 35.27 -31.86 -48.50
C VAL A 448 33.85 -31.34 -48.38
N CYS A 449 33.53 -30.63 -47.30
CA CYS A 449 32.19 -30.09 -47.10
C CYS A 449 32.04 -28.68 -47.65
N GLY A 450 33.13 -28.05 -48.09
CA GLY A 450 33.05 -26.73 -48.69
C GLY A 450 33.08 -25.57 -47.72
N TYR A 451 33.72 -25.72 -46.57
CA TYR A 451 33.82 -24.66 -45.58
C TYR A 451 35.29 -24.27 -45.39
N GLU A 452 35.52 -23.33 -44.47
CA GLU A 452 36.84 -22.88 -44.09
C GLU A 452 37.16 -23.35 -42.67
N PRO A 453 38.44 -23.53 -42.33
CA PRO A 453 38.77 -23.95 -40.97
C PRO A 453 38.42 -22.86 -39.95
N GLY A 454 37.94 -23.29 -38.79
CA GLY A 454 37.52 -22.37 -37.75
C GLY A 454 38.40 -22.38 -36.54
N GLU A 455 37.89 -22.90 -35.42
CA GLU A 455 38.63 -22.98 -34.18
C GLU A 455 38.78 -24.44 -33.74
N LEU A 456 39.75 -24.67 -32.86
CA LEU A 456 40.00 -25.99 -32.31
C LEU A 456 40.09 -25.87 -30.80
N ALA A 457 39.12 -26.47 -30.10
CA ALA A 457 39.12 -26.52 -28.65
C ALA A 457 39.34 -27.97 -28.20
N ILE A 458 40.25 -28.16 -27.25
CA ILE A 458 40.56 -29.48 -26.71
C ILE A 458 40.28 -29.46 -25.21
N PHE A 459 39.38 -30.33 -24.78
CA PHE A 459 39.02 -30.47 -23.37
C PHE A 459 39.66 -31.75 -22.84
N ILE A 460 40.45 -31.63 -21.78
CA ILE A 460 41.32 -32.70 -21.31
C ILE A 460 40.87 -33.17 -19.93
N GLY A 461 40.78 -34.48 -19.76
CA GLY A 461 40.58 -35.06 -18.44
C GLY A 461 41.87 -35.15 -17.67
N ASP A 462 42.58 -36.28 -17.81
CA ASP A 462 43.83 -36.52 -17.09
C ASP A 462 44.99 -35.96 -17.91
N ALA A 463 45.34 -34.71 -17.63
CA ALA A 463 46.51 -34.07 -18.23
C ALA A 463 47.72 -34.32 -17.35
N HIS A 464 48.73 -35.01 -17.89
CA HIS A 464 49.84 -35.49 -17.09
C HIS A 464 51.16 -35.32 -17.82
N ILE A 465 52.25 -35.32 -17.05
CA ILE A 465 53.61 -35.28 -17.55
C ILE A 465 54.34 -36.49 -16.98
N TYR A 466 54.93 -37.31 -17.86
CA TYR A 466 55.71 -38.46 -17.40
C TYR A 466 57.01 -37.98 -16.78
N GLU A 467 57.43 -38.66 -15.70
CA GLU A 467 58.55 -38.18 -14.90
C GLU A 467 59.86 -38.21 -15.65
N ASN A 468 59.99 -39.03 -16.70
CA ASN A 468 61.20 -39.05 -17.51
C ASN A 468 61.18 -37.98 -18.61
N HIS A 469 60.16 -37.12 -18.64
CA HIS A 469 60.10 -35.99 -19.55
C HIS A 469 60.38 -34.66 -18.87
N LEU A 470 60.66 -34.66 -17.56
CA LEU A 470 60.76 -33.39 -16.83
C LEU A 470 61.91 -32.53 -17.34
N THR A 471 63.08 -33.13 -17.53
CA THR A 471 64.21 -32.35 -18.05
C THR A 471 63.92 -31.81 -19.44
N GLN A 472 63.21 -32.60 -20.26
CA GLN A 472 62.93 -32.19 -21.63
C GLN A 472 61.90 -31.07 -21.69
N LEU A 473 60.78 -31.24 -21.00
CA LEU A 473 59.71 -30.25 -21.07
C LEU A 473 60.15 -28.91 -20.45
N LYS A 474 60.94 -28.97 -19.37
CA LYS A 474 61.50 -27.73 -18.81
C LYS A 474 62.39 -27.03 -19.83
N GLU A 475 63.17 -27.80 -20.59
CA GLU A 475 63.93 -27.21 -21.70
C GLU A 475 63.01 -26.54 -22.71
N GLN A 476 61.90 -27.21 -23.06
CA GLN A 476 60.96 -26.62 -24.01
C GLN A 476 60.32 -25.35 -23.47
N LEU A 477 60.20 -25.24 -22.14
CA LEU A 477 59.62 -24.04 -21.54
C LEU A 477 60.58 -22.86 -21.57
N SER A 478 61.85 -23.09 -21.85
CA SER A 478 62.83 -22.01 -21.93
C SER A 478 62.87 -21.35 -23.31
N ARG A 479 62.05 -21.80 -24.25
CA ARG A 479 62.09 -21.32 -25.62
C ARG A 479 60.88 -20.43 -25.87
N THR A 480 61.15 -19.19 -26.27
CA THR A 480 60.07 -18.26 -26.58
C THR A 480 59.38 -18.69 -27.87
N PRO A 481 58.04 -18.78 -27.89
CA PRO A 481 57.35 -19.26 -29.10
C PRO A 481 57.58 -18.36 -30.30
N ARG A 482 57.42 -18.96 -31.47
CA ARG A 482 57.53 -18.30 -32.76
C ARG A 482 56.20 -18.41 -33.50
N PRO A 483 55.98 -17.59 -34.54
CA PRO A 483 54.69 -17.62 -35.24
C PRO A 483 54.37 -19.01 -35.78
N PHE A 484 53.08 -19.36 -35.69
CA PHE A 484 52.61 -20.63 -36.23
C PHE A 484 52.80 -20.65 -37.74
N PRO A 485 53.00 -21.83 -38.32
CA PRO A 485 53.11 -21.92 -39.78
C PRO A 485 51.76 -21.91 -40.48
N GLN A 486 51.76 -22.15 -41.78
CA GLN A 486 50.53 -22.31 -42.56
C GLN A 486 50.50 -23.70 -43.18
N LEU A 487 49.32 -24.29 -43.25
CA LEU A 487 49.11 -25.59 -43.86
C LEU A 487 48.08 -25.44 -44.97
N LYS A 488 48.48 -25.74 -46.20
CA LYS A 488 47.60 -25.61 -47.35
C LYS A 488 47.56 -26.92 -48.12
N PHE A 489 46.41 -27.18 -48.74
CA PHE A 489 46.23 -28.34 -49.59
C PHE A 489 46.53 -27.95 -51.03
N LYS A 490 47.32 -28.78 -51.72
CA LYS A 490 47.71 -28.47 -53.09
C LYS A 490 46.59 -28.73 -54.09
N ARG A 491 45.68 -29.66 -53.78
CA ARG A 491 44.59 -29.99 -54.68
C ARG A 491 43.33 -30.25 -53.88
N LYS A 492 42.19 -30.17 -54.58
CA LYS A 492 40.89 -30.48 -54.00
C LYS A 492 40.55 -31.93 -54.32
N VAL A 493 40.23 -32.70 -53.27
CA VAL A 493 39.96 -34.12 -53.42
C VAL A 493 38.46 -34.34 -53.53
N GLU A 494 38.09 -35.51 -54.05
CA GLU A 494 36.67 -35.86 -54.17
C GLU A 494 36.18 -36.59 -52.93
N ASN A 495 36.94 -37.58 -52.46
CA ASN A 495 36.66 -38.29 -51.23
C ASN A 495 37.74 -37.98 -50.19
N ILE A 496 37.35 -37.94 -48.92
CA ILE A 496 38.27 -37.58 -47.86
C ILE A 496 39.42 -38.59 -47.75
N GLU A 497 39.23 -39.80 -48.28
CA GLU A 497 40.26 -40.83 -48.20
C GLU A 497 41.37 -40.64 -49.24
N ASP A 498 41.22 -39.70 -50.16
CA ASP A 498 42.16 -39.55 -51.27
C ASP A 498 43.34 -38.63 -50.94
N PHE A 499 43.40 -38.08 -49.73
CA PHE A 499 44.50 -37.19 -49.38
C PHE A 499 45.80 -37.96 -49.32
N LYS A 500 46.87 -37.33 -49.84
CA LYS A 500 48.21 -37.90 -49.83
C LYS A 500 49.16 -36.91 -49.19
N TRP A 501 50.30 -37.42 -48.72
CA TRP A 501 51.28 -36.54 -48.08
C TRP A 501 51.84 -35.52 -49.06
N GLU A 502 51.86 -35.85 -50.35
CA GLU A 502 52.34 -34.91 -51.36
C GLU A 502 51.38 -33.75 -51.57
N ASP A 503 50.13 -33.89 -51.15
CA ASP A 503 49.13 -32.85 -51.28
C ASP A 503 49.21 -31.80 -50.17
N ILE A 504 50.15 -31.97 -49.24
CA ILE A 504 50.28 -31.09 -48.08
C ILE A 504 51.44 -30.14 -48.33
N GLU A 505 51.22 -28.85 -48.07
CA GLU A 505 52.27 -27.83 -48.17
C GLU A 505 52.35 -27.11 -46.83
N LEU A 506 53.48 -27.25 -46.15
CA LEU A 506 53.72 -26.62 -44.85
C LEU A 506 54.61 -25.40 -45.07
N ILE A 507 54.05 -24.21 -44.87
CA ILE A 507 54.70 -22.96 -45.23
C ILE A 507 55.08 -22.20 -43.97
N GLY A 508 56.35 -21.80 -43.87
CA GLY A 508 56.78 -20.92 -42.81
C GLY A 508 56.92 -21.56 -41.44
N TYR A 509 57.36 -22.81 -41.39
CA TYR A 509 57.56 -23.52 -40.13
C TYR A 509 59.04 -23.42 -39.76
N TYR A 510 59.35 -22.63 -38.73
CA TYR A 510 60.72 -22.43 -38.27
C TYR A 510 60.79 -22.75 -36.78
N PRO A 511 60.75 -24.04 -36.43
CA PRO A 511 60.70 -24.42 -35.02
C PRO A 511 62.09 -24.45 -34.39
N TYR A 512 62.09 -24.68 -33.07
CA TYR A 512 63.29 -24.96 -32.31
C TYR A 512 63.69 -26.42 -32.49
N PRO A 513 64.94 -26.77 -32.15
CA PRO A 513 65.40 -28.16 -32.35
C PRO A 513 64.52 -29.22 -31.72
N THR A 514 64.57 -30.43 -32.27
CA THR A 514 63.77 -31.54 -31.75
C THR A 514 64.21 -31.87 -30.32
N ILE A 515 63.27 -32.37 -29.53
CA ILE A 515 63.52 -32.78 -28.15
C ILE A 515 63.11 -34.24 -28.03
N LYS A 516 64.08 -35.12 -27.83
CA LYS A 516 63.81 -36.55 -27.79
C LYS A 516 63.16 -36.93 -26.46
N MET A 517 62.05 -37.67 -26.54
CA MET A 517 61.34 -38.13 -25.35
C MET A 517 60.84 -39.55 -25.61
N ASP A 518 61.08 -40.44 -24.64
CA ASP A 518 60.71 -41.85 -24.79
C ASP A 518 59.25 -42.07 -24.37
N MET A 519 58.58 -42.93 -25.11
CA MET A 519 57.19 -43.27 -24.81
C MET A 519 57.13 -44.34 -23.73
N ALA A 520 56.16 -44.20 -22.84
CA ALA A 520 55.91 -45.19 -21.80
C ALA A 520 55.01 -46.29 -22.36
N VAL A 521 55.53 -47.51 -22.43
CA VAL A 521 54.80 -48.63 -22.98
C VAL A 521 53.91 -49.27 -21.91
N GLU B 3 43.45 10.64 5.62
CA GLU B 3 44.33 10.00 4.65
C GLU B 3 44.54 8.52 4.98
N LYS B 4 44.36 8.16 6.25
CA LYS B 4 44.52 6.78 6.64
C LYS B 4 43.26 5.98 6.33
N ASN B 5 43.40 4.66 6.33
CA ASN B 5 42.33 3.78 5.87
C ASN B 5 41.42 3.36 7.03
N VAL B 6 40.11 3.30 6.74
CA VAL B 6 39.11 2.86 7.71
C VAL B 6 38.26 1.78 7.05
N SER B 7 38.26 0.59 7.64
CA SER B 7 37.55 -0.55 7.06
C SER B 7 36.61 -1.17 8.09
N ILE B 8 35.42 -1.53 7.64
CA ILE B 8 34.47 -2.29 8.45
C ILE B 8 34.71 -3.77 8.26
N VAL B 9 34.71 -4.52 9.36
CA VAL B 9 34.74 -5.98 9.34
C VAL B 9 33.48 -6.46 10.04
N VAL B 10 32.68 -7.27 9.35
CA VAL B 10 31.40 -7.71 9.89
C VAL B 10 31.04 -9.07 9.29
N ALA B 11 30.34 -9.88 10.07
CA ALA B 11 29.75 -11.14 9.60
C ALA B 11 28.25 -11.08 9.82
N ALA B 12 27.49 -11.04 8.73
CA ALA B 12 26.04 -10.88 8.79
C ALA B 12 25.36 -12.00 8.01
N SER B 13 24.10 -12.24 8.33
CA SER B 13 23.31 -13.24 7.63
C SER B 13 23.04 -12.79 6.19
N VAL B 14 22.68 -13.76 5.34
CA VAL B 14 22.65 -13.52 3.90
C VAL B 14 21.47 -12.67 3.49
N LEU B 15 20.33 -12.78 4.17
CA LEU B 15 19.12 -12.07 3.77
C LEU B 15 18.80 -10.89 4.68
N SER B 16 18.61 -11.14 5.97
CA SER B 16 18.22 -10.09 6.91
C SER B 16 19.40 -9.33 7.50
N SER B 17 20.63 -9.76 7.24
CA SER B 17 21.84 -9.08 7.72
C SER B 17 21.90 -9.04 9.25
N GLY B 18 21.52 -10.15 9.89
CA GLY B 18 21.64 -10.25 11.33
C GLY B 18 23.06 -10.58 11.76
N ILE B 19 23.49 -9.98 12.87
CA ILE B 19 24.87 -10.14 13.31
C ILE B 19 24.94 -10.58 14.77
N GLY B 20 23.84 -10.50 15.50
CA GLY B 20 23.88 -10.81 16.92
C GLY B 20 22.55 -11.22 17.48
N ILE B 21 22.60 -11.82 18.67
CA ILE B 21 21.41 -12.23 19.42
C ILE B 21 21.80 -12.41 20.88
N ASN B 22 21.10 -11.70 21.76
CA ASN B 22 21.28 -11.83 23.21
C ASN B 22 22.74 -11.63 23.61
N GLY B 23 23.36 -10.61 23.05
CA GLY B 23 24.71 -10.24 23.43
C GLY B 23 25.81 -11.15 22.91
N GLN B 24 25.49 -12.10 22.04
CA GLN B 24 26.49 -12.98 21.46
C GLN B 24 26.18 -13.18 19.97
N LEU B 25 26.96 -14.05 19.31
CA LEU B 25 26.74 -14.29 17.90
C LEU B 25 25.68 -15.37 17.69
N PRO B 26 24.93 -15.28 16.60
CA PRO B 26 23.95 -16.33 16.27
C PRO B 26 24.54 -17.59 15.67
N TRP B 27 25.87 -17.69 15.60
CA TRP B 27 26.54 -18.85 15.02
C TRP B 27 27.93 -18.97 15.66
N SER B 28 28.62 -20.05 15.32
CA SER B 28 29.99 -20.31 15.79
C SER B 28 30.79 -20.87 14.62
N ILE B 29 31.46 -19.98 13.90
CA ILE B 29 32.26 -20.34 12.74
C ILE B 29 33.72 -20.00 13.06
N SER B 30 34.55 -21.03 13.24
CA SER B 30 35.92 -20.80 13.65
C SER B 30 36.73 -20.10 12.57
N GLU B 31 36.55 -20.50 11.31
CA GLU B 31 37.31 -19.89 10.23
C GLU B 31 36.99 -18.41 10.08
N ASP B 32 35.76 -18.01 10.43
CA ASP B 32 35.40 -16.60 10.36
C ASP B 32 36.18 -15.78 11.39
N LEU B 33 36.34 -16.32 12.60
CA LEU B 33 37.16 -15.63 13.58
C LEU B 33 38.61 -15.54 13.14
N LYS B 34 39.15 -16.62 12.56
CA LYS B 34 40.50 -16.58 12.03
C LYS B 34 40.63 -15.54 10.93
N PHE B 35 39.60 -15.38 10.10
CA PHE B 35 39.61 -14.34 9.09
C PHE B 35 39.64 -12.96 9.74
N PHE B 36 38.82 -12.74 10.76
CA PHE B 36 38.85 -11.48 11.49
C PHE B 36 40.25 -11.21 12.04
N SER B 37 40.88 -12.23 12.62
CA SER B 37 42.22 -12.06 13.17
C SER B 37 43.23 -11.69 12.10
N LYS B 38 43.20 -12.40 10.97
CA LYS B 38 44.19 -12.16 9.93
C LYS B 38 43.98 -10.81 9.23
N ILE B 39 42.73 -10.39 9.08
CA ILE B 39 42.47 -9.14 8.36
C ILE B 39 42.74 -7.93 9.25
N THR B 40 42.63 -8.08 10.57
CA THR B 40 42.91 -6.99 11.49
C THR B 40 44.38 -6.93 11.91
N ASN B 41 45.12 -8.01 11.74
CA ASN B 41 46.57 -8.01 11.98
C ASN B 41 47.36 -7.67 10.73
N ASN B 42 46.72 -7.66 9.56
CA ASN B 42 47.41 -7.42 8.30
C ASN B 42 47.89 -5.97 8.27
N LYS B 43 49.20 -5.78 8.44
CA LYS B 43 49.81 -4.45 8.43
C LYS B 43 51.08 -4.50 7.59
N CYS B 44 51.64 -3.33 7.33
CA CYS B 44 52.85 -3.21 6.53
C CYS B 44 54.06 -2.79 7.34
N ASP B 45 53.88 -2.02 8.41
CA ASP B 45 54.97 -1.54 9.25
C ASP B 45 55.05 -2.41 10.51
N SER B 46 56.24 -2.94 10.78
CA SER B 46 56.42 -3.79 11.96
C SER B 46 56.41 -2.98 13.26
N ASN B 47 56.58 -1.65 13.18
CA ASN B 47 56.62 -0.80 14.35
C ASN B 47 55.32 -0.04 14.55
N LYS B 48 54.25 -0.46 13.91
CA LYS B 48 52.93 0.14 14.06
C LYS B 48 51.93 -0.95 14.41
N LYS B 49 50.75 -0.52 14.88
CA LYS B 49 49.68 -1.42 15.24
C LYS B 49 48.38 -0.94 14.60
N ASN B 50 47.43 -1.85 14.47
CA ASN B 50 46.12 -1.53 13.94
C ASN B 50 45.14 -1.29 15.08
N ALA B 51 44.19 -0.38 14.85
CA ALA B 51 43.20 0.00 15.85
C ALA B 51 41.86 -0.63 15.49
N LEU B 52 41.26 -1.32 16.48
CA LEU B 52 39.96 -1.96 16.30
C LEU B 52 38.95 -1.20 17.15
N ILE B 53 38.03 -0.51 16.47
CA ILE B 53 36.99 0.26 17.15
C ILE B 53 35.78 -0.63 17.36
N MET B 54 35.27 -0.63 18.60
CA MET B 54 34.10 -1.43 18.92
C MET B 54 33.29 -0.74 20.00
N GLY B 55 32.00 -1.07 20.05
CA GLY B 55 31.14 -0.53 21.08
C GLY B 55 31.32 -1.22 22.42
N ARG B 56 30.67 -0.65 23.44
CA ARG B 56 30.84 -1.17 24.80
C ARG B 56 30.25 -2.56 24.94
N LYS B 57 29.05 -2.79 24.39
CA LYS B 57 28.44 -4.10 24.50
C LYS B 57 29.25 -5.16 23.77
N THR B 58 29.84 -4.80 22.63
CA THR B 58 30.75 -5.70 21.94
C THR B 58 32.00 -5.94 22.78
N TRP B 59 32.52 -4.89 23.40
CA TRP B 59 33.67 -5.05 24.29
C TRP B 59 33.34 -5.99 25.46
N ASP B 60 32.07 -6.03 25.88
CA ASP B 60 31.67 -6.97 26.91
C ASP B 60 31.57 -8.39 26.37
N SER B 61 31.10 -8.54 25.13
CA SER B 61 30.89 -9.86 24.56
C SER B 61 32.18 -10.62 24.35
N ILE B 62 33.31 -9.93 24.22
CA ILE B 62 34.60 -10.58 24.03
C ILE B 62 35.36 -10.71 25.37
N GLY B 63 34.66 -10.57 26.49
CA GLY B 63 35.27 -10.82 27.78
C GLY B 63 36.12 -9.69 28.33
N ARG B 64 36.11 -8.52 27.69
CA ARG B 64 36.89 -7.37 28.12
C ARG B 64 38.38 -7.70 28.25
N ARG B 65 38.88 -8.47 27.28
CA ARG B 65 40.29 -8.83 27.28
C ARG B 65 40.94 -8.40 25.97
N PRO B 66 42.17 -7.89 26.02
CA PRO B 66 42.77 -7.33 24.80
C PRO B 66 43.09 -8.40 23.77
N LEU B 67 43.17 -7.95 22.52
CA LEU B 67 43.55 -8.79 21.39
C LEU B 67 45.02 -8.56 21.07
N LYS B 68 45.77 -9.64 20.91
CA LYS B 68 47.22 -9.54 20.76
C LYS B 68 47.59 -8.73 19.53
N ASN B 69 48.66 -7.96 19.66
CA ASN B 69 49.28 -7.16 18.59
C ASN B 69 48.40 -6.04 18.07
N ARG B 70 47.26 -5.77 18.70
CA ARG B 70 46.35 -4.74 18.25
C ARG B 70 45.91 -3.88 19.41
N ILE B 71 45.35 -2.71 19.09
CA ILE B 71 44.86 -1.76 20.07
C ILE B 71 43.35 -1.66 19.92
N ILE B 72 42.63 -1.98 20.98
CA ILE B 72 41.17 -1.97 20.97
C ILE B 72 40.70 -0.60 21.46
N VAL B 73 39.76 -0.02 20.72
CA VAL B 73 39.20 1.30 21.03
C VAL B 73 37.73 1.11 21.33
N VAL B 74 37.35 1.28 22.59
CA VAL B 74 35.98 1.07 23.04
C VAL B 74 35.25 2.40 23.05
N ILE B 75 34.08 2.44 22.43
CA ILE B 75 33.21 3.61 22.41
C ILE B 75 32.19 3.43 23.52
N SER B 76 32.29 4.27 24.55
CA SER B 76 31.39 4.19 25.69
C SER B 76 31.30 5.56 26.36
N SER B 77 30.13 5.82 26.95
CA SER B 77 29.94 7.05 27.70
C SER B 77 30.16 6.88 29.20
N SER B 78 30.23 5.64 29.68
CA SER B 78 30.35 5.37 31.11
C SER B 78 31.68 4.74 31.52
N LEU B 79 32.36 4.05 30.62
CA LEU B 79 33.60 3.38 30.99
C LEU B 79 34.66 4.39 31.41
N PRO B 80 35.40 4.13 32.47
CA PRO B 80 36.44 5.08 32.90
C PRO B 80 37.61 5.07 31.92
N GLN B 81 38.07 6.27 31.57
CA GLN B 81 39.20 6.44 30.66
C GLN B 81 40.48 6.11 31.41
N ASP B 82 40.73 4.80 31.55
CA ASP B 82 41.88 4.31 32.27
C ASP B 82 43.12 4.39 31.41
N GLU B 83 44.23 4.80 32.01
CA GLU B 83 45.53 4.88 31.34
C GLU B 83 46.44 3.73 31.71
N ALA B 84 45.96 2.76 32.50
CA ALA B 84 46.81 1.65 32.92
C ALA B 84 47.09 0.70 31.77
N ASP B 85 46.04 0.24 31.09
CA ASP B 85 46.20 -0.68 29.99
C ASP B 85 46.46 0.08 28.70
N PRO B 86 47.63 -0.06 28.07
CA PRO B 86 47.89 0.65 26.82
C PRO B 86 47.25 0.03 25.60
N ASN B 87 46.75 -1.20 25.70
CA ASN B 87 46.13 -1.89 24.58
C ASN B 87 44.63 -1.66 24.48
N VAL B 88 44.03 -0.97 25.45
CA VAL B 88 42.61 -0.67 25.46
C VAL B 88 42.43 0.78 25.85
N VAL B 89 41.78 1.56 24.99
CA VAL B 89 41.55 2.98 25.23
C VAL B 89 40.08 3.27 24.96
N VAL B 90 39.50 4.15 25.78
CA VAL B 90 38.07 4.45 25.75
C VAL B 90 37.87 5.87 25.22
N PHE B 91 36.88 6.03 24.35
CA PHE B 91 36.50 7.33 23.80
C PHE B 91 34.99 7.54 23.99
N ARG B 92 34.59 8.81 24.09
CA ARG B 92 33.21 9.14 24.40
C ARG B 92 32.30 9.14 23.17
N ASN B 93 32.85 9.24 21.96
CA ASN B 93 32.04 9.19 20.76
C ASN B 93 32.92 8.75 19.60
N LEU B 94 32.26 8.29 18.53
CA LEU B 94 32.99 7.73 17.39
C LEU B 94 33.77 8.82 16.65
N GLU B 95 33.20 10.03 16.54
CA GLU B 95 33.87 11.10 15.82
C GLU B 95 35.18 11.47 16.49
N ASP B 96 35.15 11.72 17.80
CA ASP B 96 36.38 12.00 18.54
C ASP B 96 37.33 10.81 18.50
N SER B 97 36.80 9.60 18.34
CA SER B 97 37.63 8.41 18.29
C SER B 97 38.45 8.34 17.01
N ILE B 98 37.95 8.94 15.93
CA ILE B 98 38.71 8.98 14.68
C ILE B 98 39.73 10.11 14.81
N GLU B 99 40.64 9.97 15.78
CA GLU B 99 41.79 10.86 15.93
C GLU B 99 43.07 10.10 15.69
N ASN B 100 42.99 8.83 15.28
CA ASN B 100 44.17 8.11 14.83
C ASN B 100 44.65 8.61 13.47
N LEU B 101 43.81 9.36 12.76
CA LEU B 101 44.19 9.92 11.47
C LEU B 101 45.23 11.02 11.63
N MET B 102 44.96 11.99 12.49
CA MET B 102 45.81 13.17 12.62
C MET B 102 46.96 12.92 13.60
N ASN B 103 46.63 12.59 14.85
CA ASN B 103 47.64 12.28 15.84
C ASN B 103 47.87 10.78 15.89
N ASP B 104 48.83 10.36 16.71
CA ASP B 104 49.19 8.96 16.85
C ASP B 104 49.57 8.35 15.49
N ASP B 105 50.78 8.68 15.06
CA ASP B 105 51.35 8.13 13.83
C ASP B 105 51.68 6.65 13.96
N SER B 106 51.59 6.09 15.16
CA SER B 106 51.90 4.67 15.40
C SER B 106 50.75 3.75 14.98
N ILE B 107 49.65 4.29 14.50
CA ILE B 107 48.50 3.50 14.05
C ILE B 107 48.50 3.51 12.53
N GLU B 108 48.51 2.32 11.92
CA GLU B 108 48.56 2.20 10.47
C GLU B 108 47.18 2.10 9.84
N ASN B 109 46.37 1.15 10.30
CA ASN B 109 45.03 0.96 9.76
C ASN B 109 44.01 0.98 10.88
N ILE B 110 42.77 1.32 10.52
CA ILE B 110 41.67 1.43 11.47
C ILE B 110 40.57 0.50 11.02
N PHE B 111 40.02 -0.26 11.96
CA PHE B 111 38.95 -1.22 11.68
C PHE B 111 37.77 -0.95 12.59
N VAL B 112 36.58 -0.83 11.99
CA VAL B 112 35.33 -0.68 12.72
C VAL B 112 34.64 -2.04 12.72
N CYS B 113 34.23 -2.50 13.91
CA CYS B 113 33.69 -3.85 14.02
C CYS B 113 32.86 -4.04 15.27
N GLY B 114 32.19 -2.98 15.73
CA GLY B 114 31.63 -2.98 17.06
C GLY B 114 30.13 -2.81 17.20
N GLY B 115 29.35 -3.68 16.56
CA GLY B 115 27.93 -3.73 16.79
C GLY B 115 27.16 -2.74 15.93
N GLU B 116 25.83 -2.88 15.99
CA GLU B 116 24.95 -2.12 15.10
C GLU B 116 25.10 -0.62 15.32
N SER B 117 25.21 -0.18 16.58
CA SER B 117 25.27 1.25 16.85
C SER B 117 26.52 1.86 16.22
N ILE B 118 27.67 1.21 16.37
CA ILE B 118 28.90 1.75 15.80
C ILE B 118 28.91 1.61 14.29
N TYR B 119 28.39 0.50 13.76
CA TYR B 119 28.31 0.34 12.31
C TYR B 119 27.46 1.44 11.68
N ARG B 120 26.27 1.66 12.24
CA ARG B 120 25.35 2.63 11.65
C ARG B 120 25.91 4.04 11.73
N ASP B 121 26.58 4.37 12.85
CA ASP B 121 27.15 5.70 12.98
C ASP B 121 28.34 5.89 12.03
N ALA B 122 29.13 4.84 11.82
CA ALA B 122 30.30 4.96 10.94
C ALA B 122 29.89 5.09 9.48
N LEU B 123 28.75 4.51 9.10
CA LEU B 123 28.27 4.65 7.73
C LEU B 123 27.49 5.94 7.52
N LYS B 124 26.75 6.40 8.54
CA LYS B 124 25.97 7.62 8.40
C LYS B 124 26.85 8.86 8.31
N ASP B 125 28.04 8.82 8.93
CA ASP B 125 28.97 9.94 8.92
C ASP B 125 30.04 9.80 7.84
N ASN B 126 29.94 8.77 6.99
CA ASN B 126 30.84 8.59 5.86
C ASN B 126 32.30 8.48 6.31
N PHE B 127 32.54 7.71 7.36
CA PHE B 127 33.89 7.46 7.85
C PHE B 127 34.52 6.20 7.25
N VAL B 128 33.72 5.36 6.59
CA VAL B 128 34.15 4.02 6.19
C VAL B 128 34.59 4.05 4.73
N ASP B 129 35.75 3.46 4.45
CA ASP B 129 36.29 3.33 3.10
C ASP B 129 36.07 1.95 2.50
N ARG B 130 36.25 0.89 3.29
CA ARG B 130 36.12 -0.48 2.83
C ARG B 130 35.18 -1.26 3.75
N ILE B 131 34.62 -2.34 3.22
CA ILE B 131 33.74 -3.22 3.99
C ILE B 131 34.15 -4.66 3.71
N TYR B 132 34.52 -5.39 4.77
CA TYR B 132 34.80 -6.83 4.69
C TYR B 132 33.59 -7.57 5.25
N LEU B 133 32.76 -8.10 4.37
CA LEU B 133 31.52 -8.75 4.75
C LEU B 133 31.65 -10.26 4.64
N THR B 134 31.21 -10.96 5.68
CA THR B 134 31.13 -12.43 5.69
C THR B 134 29.65 -12.80 5.71
N ARG B 135 29.13 -13.19 4.55
CA ARG B 135 27.72 -13.57 4.44
C ARG B 135 27.53 -14.98 4.95
N VAL B 136 26.64 -15.16 5.93
CA VAL B 136 26.39 -16.45 6.55
C VAL B 136 24.99 -16.92 6.16
N ALA B 137 24.89 -18.18 5.74
CA ALA B 137 23.62 -18.73 5.24
C ALA B 137 22.82 -19.32 6.41
N LEU B 138 22.31 -18.40 7.23
CA LEU B 138 21.45 -18.74 8.36
C LEU B 138 20.39 -17.67 8.49
N GLU B 139 19.12 -18.05 8.35
CA GLU B 139 18.07 -17.04 8.33
C GLU B 139 16.84 -17.38 9.17
N ASP B 140 16.50 -18.65 9.36
CA ASP B 140 15.33 -19.00 10.16
C ASP B 140 15.66 -19.11 11.65
N ILE B 141 16.42 -18.14 12.17
CA ILE B 141 16.76 -18.05 13.58
C ILE B 141 16.45 -16.63 14.04
N GLU B 142 16.63 -16.40 15.34
CA GLU B 142 16.28 -15.12 15.94
C GLU B 142 17.48 -14.18 15.96
N PHE B 143 17.24 -12.91 15.60
CA PHE B 143 18.25 -11.86 15.68
C PHE B 143 17.68 -10.69 16.47
N ASP B 144 18.57 -9.95 17.14
CA ASP B 144 18.22 -8.68 17.75
C ASP B 144 19.17 -7.57 17.35
N THR B 145 20.19 -7.86 16.57
CA THR B 145 21.17 -6.87 16.14
C THR B 145 21.48 -7.11 14.67
N TYR B 146 21.34 -6.07 13.86
CA TYR B 146 21.46 -6.20 12.42
C TYR B 146 22.56 -5.30 11.89
N PHE B 147 23.12 -5.68 10.75
CA PHE B 147 24.07 -4.81 10.06
C PHE B 147 23.31 -3.89 9.12
N PRO B 148 23.62 -2.59 9.12
CA PRO B 148 22.85 -1.65 8.30
C PRO B 148 22.95 -1.98 6.83
N GLU B 149 21.92 -1.58 6.08
CA GLU B 149 21.94 -1.76 4.64
C GLU B 149 23.11 -0.98 4.05
N ILE B 150 23.89 -1.63 3.21
CA ILE B 150 25.08 -1.00 2.62
C ILE B 150 24.65 0.16 1.73
N PRO B 151 25.18 1.36 1.94
CA PRO B 151 24.76 2.50 1.13
C PRO B 151 25.13 2.32 -0.34
N GLU B 152 24.40 3.04 -1.20
CA GLU B 152 24.62 2.93 -2.65
C GLU B 152 25.99 3.46 -3.06
N THR B 153 26.69 4.18 -2.20
CA THR B 153 28.02 4.66 -2.50
C THR B 153 29.07 3.55 -2.48
N PHE B 154 28.71 2.35 -2.07
CA PHE B 154 29.61 1.21 -2.05
C PHE B 154 29.28 0.26 -3.20
N LEU B 155 30.32 -0.35 -3.76
CA LEU B 155 30.16 -1.35 -4.80
C LEU B 155 31.01 -2.57 -4.45
N PRO B 156 30.50 -3.78 -4.69
CA PRO B 156 31.31 -4.98 -4.41
C PRO B 156 32.44 -5.12 -5.42
N VAL B 157 33.62 -5.48 -4.91
CA VAL B 157 34.78 -5.71 -5.75
C VAL B 157 35.33 -7.13 -5.64
N TYR B 158 34.79 -7.95 -4.75
CA TYR B 158 35.27 -9.32 -4.57
C TYR B 158 34.19 -10.15 -3.91
N MET B 159 34.04 -11.39 -4.38
CA MET B 159 33.12 -12.35 -3.77
C MET B 159 33.79 -13.72 -3.85
N SER B 160 34.13 -14.28 -2.68
CA SER B 160 34.89 -15.52 -2.62
C SER B 160 34.00 -16.71 -2.98
N GLN B 161 34.64 -17.88 -3.07
CA GLN B 161 33.90 -19.12 -3.20
C GLN B 161 33.15 -19.42 -1.91
N THR B 162 32.18 -20.32 -2.01
CA THR B 162 31.41 -20.71 -0.84
C THR B 162 32.20 -21.70 0.01
N PHE B 163 32.30 -21.42 1.30
CA PHE B 163 32.93 -22.31 2.26
C PHE B 163 31.87 -22.94 3.16
N CYS B 164 32.26 -24.02 3.85
CA CYS B 164 31.34 -24.77 4.69
C CYS B 164 31.97 -25.04 6.05
N THR B 165 31.22 -24.78 7.11
CA THR B 165 31.62 -25.11 8.47
C THR B 165 30.40 -25.64 9.21
N LYS B 166 30.45 -26.91 9.60
CA LYS B 166 29.33 -27.57 10.30
C LYS B 166 28.03 -27.41 9.52
N ASN B 167 28.09 -27.71 8.23
CA ASN B 167 26.96 -27.65 7.31
C ASN B 167 26.42 -26.22 7.13
N ILE B 168 27.20 -25.21 7.47
CA ILE B 168 26.81 -23.81 7.31
C ILE B 168 27.64 -23.22 6.17
N SER B 169 26.95 -22.69 5.15
CA SER B 169 27.60 -22.06 4.02
C SER B 169 27.86 -20.59 4.30
N TYR B 170 29.02 -20.10 3.86
CA TYR B 170 29.34 -18.69 4.05
C TYR B 170 30.29 -18.21 2.97
N ASP B 171 30.26 -16.91 2.73
CA ASP B 171 31.04 -16.22 1.70
C ASP B 171 31.94 -15.17 2.33
N PHE B 172 32.77 -14.55 1.49
CA PHE B 172 33.60 -13.42 1.87
C PHE B 172 33.53 -12.39 0.75
N MET B 173 33.15 -11.17 1.07
CA MET B 173 33.01 -10.11 0.09
C MET B 173 33.75 -8.87 0.56
N ILE B 174 34.14 -8.06 -0.42
CA ILE B 174 34.78 -6.77 -0.17
C ILE B 174 33.96 -5.70 -0.88
N PHE B 175 33.69 -4.60 -0.18
CA PHE B 175 32.96 -3.47 -0.74
C PHE B 175 33.84 -2.23 -0.68
N GLU B 176 33.86 -1.47 -1.78
CA GLU B 176 34.65 -0.25 -1.88
C GLU B 176 33.73 0.94 -2.12
N LYS B 177 34.06 2.06 -1.48
CA LYS B 177 33.30 3.29 -1.67
C LYS B 177 33.83 4.00 -2.92
N GLN B 178 32.94 4.26 -3.87
CA GLN B 178 33.36 4.90 -5.11
C GLN B 178 33.63 6.38 -4.89
N GLU B 179 34.61 6.91 -5.63
CA GLU B 179 35.00 8.31 -5.51
C GLU B 179 34.73 9.07 -6.81
N LEU B 193 48.43 -3.82 -19.22
CA LEU B 193 49.31 -2.67 -19.00
C LEU B 193 48.59 -1.40 -19.47
N LYS B 194 49.33 -0.53 -20.15
CA LYS B 194 48.76 0.69 -20.75
C LYS B 194 48.66 0.55 -22.25
N SER B 195 49.79 0.33 -22.93
CA SER B 195 49.87 0.28 -24.37
C SER B 195 49.52 -1.08 -24.95
N ILE B 196 49.48 -2.13 -24.12
CA ILE B 196 49.08 -3.43 -24.64
C ILE B 196 47.62 -3.40 -25.07
N ASP B 197 46.77 -2.76 -24.28
CA ASP B 197 45.36 -2.66 -24.65
C ASP B 197 45.19 -1.87 -25.94
N ASP B 198 45.98 -0.82 -26.12
CA ASP B 198 45.90 -0.03 -27.34
C ASP B 198 46.34 -0.83 -28.55
N THR B 199 47.44 -1.58 -28.43
CA THR B 199 47.92 -2.39 -29.55
C THR B 199 46.90 -3.47 -29.92
N VAL B 200 46.28 -4.09 -28.92
CA VAL B 200 45.27 -5.12 -29.21
C VAL B 200 44.07 -4.49 -29.91
N ASP B 201 43.66 -3.29 -29.49
CA ASP B 201 42.55 -2.61 -30.15
C ASP B 201 42.90 -2.26 -31.58
N LEU B 202 44.13 -1.78 -31.81
CA LEU B 202 44.54 -1.45 -33.17
C LEU B 202 44.57 -2.70 -34.06
N LEU B 203 45.11 -3.80 -33.53
CA LEU B 203 45.08 -5.05 -34.29
C LEU B 203 43.65 -5.51 -34.55
N GLY B 204 42.73 -5.26 -33.61
CA GLY B 204 41.34 -5.63 -33.81
C GLY B 204 40.64 -4.77 -34.83
N GLU B 205 41.10 -3.53 -35.02
CA GLU B 205 40.55 -2.69 -36.08
C GLU B 205 41.04 -3.11 -37.45
N ILE B 206 42.30 -3.56 -37.53
CA ILE B 206 42.87 -3.97 -38.81
C ILE B 206 42.25 -5.28 -39.28
N PHE B 207 42.28 -6.30 -38.43
CA PHE B 207 41.69 -7.59 -38.74
C PHE B 207 40.30 -7.62 -38.11
N GLY B 208 39.28 -7.76 -38.94
CA GLY B 208 37.94 -7.69 -38.41
C GLY B 208 37.62 -8.84 -37.49
N ILE B 209 37.24 -9.98 -38.08
CA ILE B 209 37.02 -11.20 -37.33
C ILE B 209 38.10 -12.22 -37.61
N ARG B 210 39.14 -11.83 -38.35
CA ARG B 210 40.31 -12.68 -38.50
C ARG B 210 41.08 -12.80 -37.19
N LYS B 211 40.95 -11.83 -36.30
CA LYS B 211 41.53 -11.91 -34.97
C LYS B 211 40.56 -12.63 -34.05
N MET B 212 41.02 -13.75 -33.47
CA MET B 212 40.12 -14.60 -32.69
C MET B 212 39.56 -13.89 -31.48
N GLY B 213 40.27 -12.88 -30.97
CA GLY B 213 39.74 -12.11 -29.85
C GLY B 213 38.43 -11.41 -30.17
N ASN B 214 38.27 -10.96 -31.42
CA ASN B 214 37.03 -10.30 -31.81
C ASN B 214 35.86 -11.28 -31.92
N ARG B 215 36.14 -12.56 -32.15
CA ARG B 215 35.10 -13.58 -32.14
C ARG B 215 34.73 -14.01 -30.72
N HIS B 216 35.53 -13.62 -29.74
CA HIS B 216 35.28 -13.89 -28.32
C HIS B 216 35.35 -12.58 -27.54
N LYS B 217 34.48 -11.63 -27.90
CA LYS B 217 34.50 -10.33 -27.26
C LYS B 217 34.09 -10.41 -25.80
N PHE B 218 34.70 -9.56 -24.98
CA PHE B 218 34.33 -9.50 -23.58
C PHE B 218 32.94 -8.89 -23.45
N PRO B 219 32.09 -9.45 -22.58
CA PRO B 219 30.70 -8.95 -22.49
C PRO B 219 30.65 -7.49 -22.06
N LYS B 220 29.70 -6.75 -22.63
CA LYS B 220 29.48 -5.37 -22.24
C LYS B 220 28.92 -5.30 -20.83
N GLU B 221 29.04 -4.10 -20.23
CA GLU B 221 28.64 -3.94 -18.84
C GLU B 221 27.16 -4.19 -18.64
N GLU B 222 26.33 -3.86 -19.63
CA GLU B 222 24.88 -3.98 -19.47
C GLU B 222 24.41 -5.43 -19.35
N ILE B 223 25.25 -6.40 -19.73
CA ILE B 223 24.90 -7.81 -19.64
C ILE B 223 25.84 -8.59 -18.71
N TYR B 224 26.64 -7.88 -17.93
CA TYR B 224 27.60 -8.50 -17.01
C TYR B 224 27.04 -8.46 -15.60
N ASN B 225 26.98 -9.61 -14.95
CA ASN B 225 26.40 -9.70 -13.61
C ASN B 225 27.33 -9.06 -12.59
N THR B 226 26.81 -8.07 -11.86
CA THR B 226 27.55 -7.26 -10.89
C THR B 226 28.87 -6.80 -11.51
N PRO B 227 28.82 -5.87 -12.46
CA PRO B 227 30.04 -5.52 -13.21
C PRO B 227 31.15 -4.94 -12.34
N SER B 228 30.83 -4.47 -11.14
CA SER B 228 31.85 -3.88 -10.29
C SER B 228 32.84 -4.91 -9.77
N ILE B 229 32.46 -6.19 -9.73
CA ILE B 229 33.37 -7.26 -9.33
C ILE B 229 34.13 -7.67 -10.58
N ARG B 230 35.30 -7.05 -10.77
CA ARG B 230 36.11 -7.25 -11.97
C ARG B 230 37.18 -8.31 -11.77
N PHE B 231 38.00 -8.18 -10.73
CA PHE B 231 39.13 -9.08 -10.49
C PHE B 231 38.85 -10.08 -9.38
N GLY B 232 37.64 -10.10 -8.84
CA GLY B 232 37.33 -10.97 -7.72
C GLY B 232 36.12 -11.86 -7.94
N ARG B 233 35.99 -12.40 -9.15
CA ARG B 233 34.86 -13.28 -9.48
C ARG B 233 35.18 -14.72 -9.09
N GLU B 234 35.45 -14.90 -7.79
CA GLU B 234 35.85 -16.21 -7.30
C GLU B 234 34.66 -17.15 -7.12
N HIS B 235 33.49 -16.61 -6.75
CA HIS B 235 32.31 -17.44 -6.58
C HIS B 235 31.98 -18.16 -7.88
N TYR B 236 31.88 -19.48 -7.81
CA TYR B 236 31.77 -20.29 -9.02
C TYR B 236 30.40 -20.25 -9.67
N GLU B 237 29.42 -19.57 -9.08
CA GLU B 237 28.20 -19.30 -9.83
C GLU B 237 28.47 -18.37 -11.01
N PHE B 238 29.50 -17.54 -10.90
CA PHE B 238 29.90 -16.69 -12.02
C PHE B 238 30.30 -17.53 -13.23
N GLN B 239 30.79 -18.75 -13.02
CA GLN B 239 31.13 -19.62 -14.13
C GLN B 239 29.93 -19.88 -15.03
N TYR B 240 28.72 -19.81 -14.48
CA TYR B 240 27.49 -19.93 -15.25
C TYR B 240 26.98 -18.58 -15.74
N LEU B 241 26.97 -17.57 -14.86
CA LEU B 241 26.44 -16.26 -15.24
C LEU B 241 27.28 -15.62 -16.34
N ASP B 242 28.61 -15.73 -16.25
CA ASP B 242 29.47 -15.17 -17.29
C ASP B 242 29.30 -15.90 -18.61
N LEU B 243 28.99 -17.21 -18.58
CA LEU B 243 28.68 -17.93 -19.82
C LEU B 243 27.44 -17.36 -20.48
N LEU B 244 26.41 -17.04 -19.70
CA LEU B 244 25.25 -16.33 -20.24
C LEU B 244 25.66 -15.04 -20.91
N SER B 245 26.48 -14.23 -20.23
CA SER B 245 26.91 -12.95 -20.79
C SER B 245 27.68 -13.15 -22.08
N ARG B 246 28.56 -14.16 -22.14
CA ARG B 246 29.33 -14.40 -23.35
C ARG B 246 28.42 -14.75 -24.53
N VAL B 247 27.36 -15.54 -24.27
CA VAL B 247 26.41 -15.84 -25.33
C VAL B 247 25.68 -14.58 -25.78
N LEU B 248 25.21 -13.78 -24.82
CA LEU B 248 24.52 -12.54 -25.18
C LEU B 248 25.43 -11.60 -25.96
N GLU B 249 26.74 -11.70 -25.77
CA GLU B 249 27.66 -10.81 -26.47
C GLU B 249 28.09 -11.34 -27.83
N ASN B 250 28.31 -12.65 -27.95
CA ASN B 250 28.88 -13.23 -29.17
C ASN B 250 27.99 -14.27 -29.83
N GLY B 251 26.81 -14.54 -29.30
CA GLY B 251 25.98 -15.61 -29.84
C GLY B 251 25.45 -15.27 -31.21
N ALA B 252 25.62 -16.21 -32.15
CA ALA B 252 25.07 -16.05 -33.48
C ALA B 252 23.62 -16.52 -33.52
N TYR B 253 22.77 -15.74 -34.19
CA TYR B 253 21.36 -16.08 -34.31
C TYR B 253 21.21 -17.23 -35.31
N ARG B 254 20.77 -18.39 -34.84
CA ARG B 254 20.72 -19.59 -35.66
C ARG B 254 19.40 -20.30 -35.49
N GLU B 255 18.95 -20.95 -36.55
CA GLU B 255 17.79 -21.82 -36.51
C GLU B 255 18.20 -23.22 -36.07
N ASN B 256 17.22 -24.02 -35.68
CA ASN B 256 17.47 -25.40 -35.24
C ASN B 256 16.23 -26.23 -35.52
N ARG B 257 16.23 -27.46 -34.98
CA ARG B 257 15.14 -28.40 -35.26
C ARG B 257 13.81 -27.89 -34.73
N THR B 258 13.82 -27.09 -33.67
CA THR B 258 12.60 -26.51 -33.15
C THR B 258 12.31 -25.19 -33.86
N GLY B 259 11.10 -24.67 -33.63
CA GLY B 259 10.73 -23.40 -34.21
C GLY B 259 11.29 -22.19 -33.52
N ILE B 260 12.02 -22.37 -32.43
CA ILE B 260 12.55 -21.27 -31.62
C ILE B 260 14.04 -21.17 -31.90
N SER B 261 14.45 -20.06 -32.52
CA SER B 261 15.85 -19.85 -32.81
C SER B 261 16.64 -19.55 -31.54
N THR B 262 17.96 -19.73 -31.61
CA THR B 262 18.84 -19.52 -30.48
C THR B 262 19.96 -18.57 -30.85
N TYR B 263 20.64 -18.07 -29.82
CA TYR B 263 21.93 -17.41 -29.95
C TYR B 263 22.98 -18.36 -29.40
N SER B 264 23.91 -18.77 -30.26
CA SER B 264 24.77 -19.92 -29.97
C SER B 264 26.24 -19.56 -30.13
N ILE B 265 27.07 -20.14 -29.26
CA ILE B 265 28.52 -20.14 -29.39
C ILE B 265 29.01 -21.56 -29.17
N PHE B 266 30.26 -21.81 -29.55
CA PHE B 266 30.81 -23.16 -29.57
C PHE B 266 32.08 -23.23 -28.73
N GLY B 267 32.17 -24.25 -27.89
CA GLY B 267 33.36 -24.49 -27.08
C GLY B 267 33.44 -23.64 -25.84
N GLN B 268 32.79 -24.06 -24.76
CA GLN B 268 32.81 -23.31 -23.51
C GLN B 268 33.07 -24.26 -22.35
N MET B 269 33.37 -23.69 -21.19
CA MET B 269 33.79 -24.46 -20.02
C MET B 269 33.26 -23.83 -18.75
N MET B 270 32.81 -24.69 -17.83
CA MET B 270 32.41 -24.27 -16.49
C MET B 270 33.06 -25.18 -15.46
N ARG B 271 33.52 -24.59 -14.36
CA ARG B 271 34.17 -25.32 -13.28
C ARG B 271 33.49 -24.99 -11.96
N PHE B 272 33.23 -26.01 -11.15
CA PHE B 272 32.54 -25.84 -9.89
C PHE B 272 33.23 -26.65 -8.81
N ASP B 273 33.23 -26.10 -7.59
CA ASP B 273 33.73 -26.81 -6.43
C ASP B 273 32.60 -27.60 -5.78
N MET B 274 32.93 -28.78 -5.27
CA MET B 274 31.98 -29.59 -4.54
C MET B 274 32.50 -29.99 -3.16
N ARG B 275 33.69 -29.55 -2.77
CA ARG B 275 34.23 -29.90 -1.46
C ARG B 275 33.57 -29.10 -0.35
N GLU B 276 33.29 -27.82 -0.58
CA GLU B 276 32.76 -26.94 0.44
C GLU B 276 31.37 -26.40 0.12
N SER B 277 30.75 -26.81 -0.98
CA SER B 277 29.43 -26.31 -1.35
C SER B 277 28.83 -27.24 -2.40
N PHE B 278 27.59 -26.94 -2.78
CA PHE B 278 26.87 -27.70 -3.80
C PHE B 278 26.43 -26.75 -4.91
N PRO B 279 26.81 -26.99 -6.17
CA PRO B 279 26.56 -26.01 -7.23
C PRO B 279 25.09 -25.90 -7.65
N LEU B 280 24.23 -25.46 -6.73
CA LEU B 280 22.84 -25.15 -7.06
C LEU B 280 22.69 -23.64 -7.14
N LEU B 281 22.29 -23.15 -8.31
CA LEU B 281 22.27 -21.72 -8.56
C LEU B 281 21.39 -20.99 -7.56
N THR B 282 21.87 -19.83 -7.08
CA THR B 282 21.11 -19.02 -6.15
C THR B 282 20.38 -17.86 -6.83
N THR B 283 20.81 -17.44 -8.02
CA THR B 283 20.13 -16.37 -8.74
C THR B 283 18.77 -16.79 -9.29
N LYS B 284 18.33 -18.01 -9.00
CA LYS B 284 17.05 -18.54 -9.47
C LYS B 284 16.74 -19.80 -8.69
N LYS B 285 15.50 -19.94 -8.21
CA LYS B 285 15.10 -21.15 -7.50
C LYS B 285 15.04 -22.31 -8.47
N VAL B 286 15.86 -23.34 -8.23
CA VAL B 286 15.98 -24.49 -9.12
C VAL B 286 15.25 -25.67 -8.50
N ALA B 287 14.43 -26.34 -9.30
CA ALA B 287 13.67 -27.50 -8.83
C ALA B 287 14.61 -28.66 -8.56
N ILE B 288 15.14 -28.73 -7.34
CA ILE B 288 16.12 -29.75 -7.02
C ILE B 288 15.48 -31.14 -6.99
N ARG B 289 14.21 -31.24 -6.58
CA ARG B 289 13.58 -32.55 -6.49
C ARG B 289 13.42 -33.19 -7.86
N SER B 290 13.02 -32.41 -8.87
CA SER B 290 12.89 -32.96 -10.21
C SER B 290 14.24 -33.40 -10.76
N ILE B 291 15.30 -32.67 -10.42
CA ILE B 291 16.65 -33.05 -10.84
C ILE B 291 17.02 -34.41 -10.26
N PHE B 292 16.79 -34.58 -8.95
CA PHE B 292 17.13 -35.85 -8.31
C PHE B 292 16.32 -37.00 -8.89
N GLU B 293 15.01 -36.79 -9.09
CA GLU B 293 14.17 -37.86 -9.59
C GLU B 293 14.58 -38.28 -11.00
N GLU B 294 15.01 -37.33 -11.82
CA GLU B 294 15.55 -37.66 -13.14
C GLU B 294 16.84 -38.47 -13.02
N LEU B 295 17.71 -38.11 -12.09
CA LEU B 295 19.00 -38.79 -11.96
C LEU B 295 18.82 -40.22 -11.49
N ILE B 296 18.00 -40.42 -10.46
CA ILE B 296 17.76 -41.79 -9.98
C ILE B 296 16.98 -42.59 -11.02
N TRP B 297 16.20 -41.90 -11.86
CA TRP B 297 15.55 -42.55 -12.99
C TRP B 297 16.57 -43.05 -13.99
N PHE B 298 17.64 -42.28 -14.23
CA PHE B 298 18.73 -42.74 -15.08
C PHE B 298 19.46 -43.93 -14.44
N ILE B 299 19.79 -43.80 -13.15
CA ILE B 299 20.62 -44.81 -12.49
C ILE B 299 19.95 -46.18 -12.51
N LYS B 300 18.63 -46.20 -12.30
CA LYS B 300 17.88 -47.45 -12.30
C LYS B 300 17.79 -48.08 -13.69
N GLY B 301 18.28 -47.42 -14.72
CA GLY B 301 18.19 -47.95 -16.07
C GLY B 301 16.83 -47.78 -16.72
N ASP B 302 16.03 -46.85 -16.23
CA ASP B 302 14.64 -46.73 -16.65
C ASP B 302 14.52 -45.80 -17.85
N THR B 303 13.70 -46.22 -18.82
CA THR B 303 13.35 -45.39 -19.97
C THR B 303 11.86 -45.09 -20.02
N ASN B 304 11.12 -45.43 -18.97
CA ASN B 304 9.68 -45.23 -18.92
C ASN B 304 9.39 -43.80 -18.46
N GLY B 305 8.89 -42.97 -19.37
CA GLY B 305 8.58 -41.60 -19.04
C GLY B 305 7.40 -41.44 -18.10
N ASN B 306 6.54 -42.45 -18.02
CA ASN B 306 5.41 -42.38 -17.09
C ASN B 306 5.86 -42.42 -15.64
N HIS B 307 6.95 -43.13 -15.35
CA HIS B 307 7.43 -43.22 -13.97
C HIS B 307 7.84 -41.85 -13.44
N LEU B 308 8.30 -40.96 -14.32
CA LEU B 308 8.59 -39.59 -13.89
C LEU B 308 7.31 -38.77 -13.77
N ILE B 309 6.36 -38.97 -14.69
CA ILE B 309 5.10 -38.23 -14.63
C ILE B 309 4.30 -38.66 -13.40
N GLU B 310 4.39 -39.93 -13.00
CA GLU B 310 3.71 -40.40 -11.81
C GLU B 310 4.28 -39.79 -10.54
N LYS B 311 5.50 -39.27 -10.59
CA LYS B 311 6.12 -38.59 -9.47
C LYS B 311 6.09 -37.08 -9.62
N LYS B 312 5.16 -36.55 -10.41
CA LYS B 312 4.97 -35.11 -10.61
C LYS B 312 6.23 -34.45 -11.16
N VAL B 313 6.89 -35.13 -12.10
CA VAL B 313 8.05 -34.60 -12.81
C VAL B 313 7.74 -34.65 -14.30
N TYR B 314 7.65 -33.47 -14.92
CA TYR B 314 7.16 -33.35 -16.29
C TYR B 314 8.22 -32.80 -17.24
N ILE B 315 9.50 -33.04 -16.96
CA ILE B 315 10.55 -32.50 -17.83
C ILE B 315 10.69 -33.29 -19.12
N TRP B 316 10.28 -34.56 -19.14
CA TRP B 316 10.34 -35.38 -20.34
C TRP B 316 8.96 -35.57 -20.97
N SER B 317 8.03 -34.66 -20.71
CA SER B 317 6.71 -34.76 -21.32
C SER B 317 6.71 -34.23 -22.74
N GLY B 318 7.47 -33.16 -23.00
CA GLY B 318 7.48 -32.58 -24.33
C GLY B 318 8.09 -33.50 -25.36
N ASN B 319 9.23 -34.11 -25.04
CA ASN B 319 9.90 -35.03 -25.95
C ASN B 319 9.33 -36.44 -25.89
N GLY B 320 8.22 -36.64 -25.19
CA GLY B 320 7.60 -37.94 -25.10
C GLY B 320 6.09 -37.89 -25.22
N SER B 321 5.58 -37.21 -26.23
CA SER B 321 4.16 -37.15 -26.53
C SER B 321 3.87 -37.92 -27.81
N LYS B 322 2.60 -38.24 -28.01
CA LYS B 322 2.20 -38.97 -29.21
C LYS B 322 2.52 -38.17 -30.47
N GLU B 323 2.25 -36.86 -30.45
CA GLU B 323 2.47 -36.03 -31.62
C GLU B 323 3.96 -35.87 -31.91
N TYR B 324 4.77 -35.67 -30.87
CA TYR B 324 6.21 -35.51 -31.08
C TYR B 324 6.85 -36.80 -31.59
N LEU B 325 6.46 -37.94 -31.00
CA LEU B 325 7.05 -39.21 -31.42
C LEU B 325 6.65 -39.56 -32.85
N GLU B 326 5.40 -39.29 -33.23
CA GLU B 326 4.98 -39.53 -34.61
C GLU B 326 5.70 -38.61 -35.58
N ARG B 327 6.04 -37.40 -35.13
CA ARG B 327 6.69 -36.43 -36.01
C ARG B 327 8.12 -36.84 -36.34
N ILE B 328 8.84 -37.39 -35.37
CA ILE B 328 10.24 -37.78 -35.57
C ILE B 328 10.32 -39.22 -36.06
N GLY B 329 9.17 -39.82 -36.38
CA GLY B 329 9.14 -41.15 -36.94
C GLY B 329 9.15 -42.28 -35.94
N LEU B 330 8.58 -42.09 -34.76
CA LEU B 330 8.47 -43.13 -33.76
C LEU B 330 7.01 -43.35 -33.34
N GLY B 331 6.11 -43.33 -34.32
CA GLY B 331 4.70 -43.50 -34.04
C GLY B 331 4.32 -44.87 -33.53
N HIS B 332 5.19 -45.86 -33.71
CA HIS B 332 4.95 -47.20 -33.20
C HIS B 332 5.13 -47.27 -31.68
N ARG B 333 5.67 -46.24 -31.06
CA ARG B 333 5.96 -46.26 -29.64
C ARG B 333 4.72 -45.92 -28.82
N GLU B 334 4.74 -46.36 -27.56
CA GLU B 334 3.74 -45.93 -26.59
C GLU B 334 3.93 -44.44 -26.27
N GLU B 335 3.02 -43.89 -25.47
CA GLU B 335 2.96 -42.45 -25.27
C GLU B 335 4.29 -41.89 -24.80
N ASN B 336 4.85 -42.45 -23.73
CA ASN B 336 6.08 -41.94 -23.13
C ASN B 336 7.25 -42.92 -23.27
N ASP B 337 7.21 -43.78 -24.29
CA ASP B 337 8.31 -44.71 -24.53
C ASP B 337 9.43 -43.94 -25.21
N LEU B 338 10.34 -43.40 -24.40
CA LEU B 338 11.41 -42.55 -24.91
C LEU B 338 12.47 -43.33 -25.68
N GLY B 339 12.54 -44.64 -25.50
CA GLY B 339 13.52 -45.45 -26.19
C GLY B 339 14.82 -45.55 -25.42
N PRO B 340 15.84 -46.19 -26.02
CA PRO B 340 17.11 -46.38 -25.31
C PRO B 340 17.88 -45.08 -25.19
N ILE B 341 17.80 -44.43 -24.03
CA ILE B 341 18.42 -43.12 -23.84
C ILE B 341 19.32 -43.19 -22.61
N TYR B 342 19.50 -42.06 -21.93
CA TYR B 342 20.26 -42.05 -20.69
C TYR B 342 19.73 -43.13 -19.76
N GLY B 343 20.64 -43.81 -19.08
CA GLY B 343 20.29 -44.91 -18.21
C GLY B 343 20.08 -46.24 -18.90
N PHE B 344 19.71 -46.25 -20.18
CA PHE B 344 19.73 -47.52 -20.87
C PHE B 344 21.09 -47.79 -21.48
N GLN B 345 21.78 -46.74 -21.93
CA GLN B 345 23.18 -46.90 -22.32
C GLN B 345 24.09 -46.99 -21.10
N TRP B 346 23.65 -46.50 -19.94
CA TRP B 346 24.45 -46.63 -18.73
C TRP B 346 24.44 -48.06 -18.23
N ARG B 347 23.30 -48.73 -18.27
CA ARG B 347 23.14 -50.06 -17.70
C ARG B 347 23.08 -51.17 -18.72
N HIS B 348 22.66 -50.89 -19.96
CA HIS B 348 22.54 -51.91 -21.00
C HIS B 348 23.04 -51.34 -22.32
N TYR B 349 24.32 -50.98 -22.37
CA TYR B 349 24.89 -50.43 -23.59
C TYR B 349 24.95 -51.50 -24.67
N ASN B 350 24.59 -51.12 -25.89
CA ASN B 350 24.51 -52.01 -27.06
C ASN B 350 23.47 -53.11 -26.87
N GLY B 351 22.56 -52.95 -25.92
CA GLY B 351 21.51 -53.93 -25.71
C GLY B 351 20.39 -53.72 -26.70
N GLU B 352 19.86 -54.84 -27.21
CA GLU B 352 18.76 -54.79 -28.16
C GLU B 352 17.52 -54.24 -27.48
N TYR B 353 17.12 -53.03 -27.83
CA TYR B 353 15.96 -52.39 -27.23
C TYR B 353 14.69 -52.85 -27.92
N LYS B 354 13.67 -53.14 -27.12
CA LYS B 354 12.37 -53.53 -27.64
C LYS B 354 11.31 -52.49 -27.26
N THR B 355 10.81 -52.56 -26.03
CA THR B 355 9.86 -51.60 -25.50
C THR B 355 10.29 -51.17 -24.11
N MET B 356 9.51 -50.27 -23.52
CA MET B 356 9.78 -49.73 -22.19
C MET B 356 9.39 -50.69 -21.07
N HIS B 357 8.68 -51.78 -21.38
CA HIS B 357 8.18 -52.70 -20.37
C HIS B 357 8.99 -53.98 -20.25
N ASP B 358 9.83 -54.30 -21.23
CA ASP B 358 10.53 -55.58 -21.24
C ASP B 358 11.60 -55.62 -20.14
N ASP B 359 12.04 -56.84 -19.84
CA ASP B 359 13.05 -57.08 -18.82
C ASP B 359 14.43 -57.12 -19.48
N TYR B 360 15.30 -56.20 -19.06
CA TYR B 360 16.64 -56.05 -19.65
C TYR B 360 17.75 -56.50 -18.70
N THR B 361 17.42 -57.23 -17.64
CA THR B 361 18.42 -57.66 -16.67
C THR B 361 19.41 -58.63 -17.34
N GLY B 362 20.66 -58.21 -17.45
CA GLY B 362 21.71 -59.02 -18.03
C GLY B 362 22.08 -58.65 -19.46
N VAL B 363 21.24 -57.87 -20.16
CA VAL B 363 21.52 -57.51 -21.54
C VAL B 363 22.41 -56.27 -21.57
N GLY B 364 23.27 -56.20 -22.58
CA GLY B 364 24.13 -55.06 -22.78
C GLY B 364 25.23 -54.97 -21.74
N VAL B 365 26.03 -53.92 -21.86
CA VAL B 365 27.15 -53.65 -20.95
C VAL B 365 26.67 -52.71 -19.86
N ASP B 366 26.92 -53.09 -18.60
CA ASP B 366 26.55 -52.27 -17.44
C ASP B 366 27.73 -51.36 -17.15
N GLN B 367 27.73 -50.17 -17.76
CA GLN B 367 28.83 -49.24 -17.57
C GLN B 367 28.89 -48.74 -16.13
N LEU B 368 27.73 -48.48 -15.53
CA LEU B 368 27.71 -47.91 -14.18
C LEU B 368 28.30 -48.87 -13.17
N ALA B 369 27.97 -50.16 -13.28
CA ALA B 369 28.54 -51.15 -12.37
C ALA B 369 30.04 -51.26 -12.56
N LYS B 370 30.49 -51.36 -13.82
CA LYS B 370 31.93 -51.41 -14.09
C LYS B 370 32.62 -50.13 -13.61
N LEU B 371 31.94 -48.99 -13.74
CA LEU B 371 32.52 -47.73 -13.27
C LEU B 371 32.72 -47.76 -11.76
N ILE B 372 31.70 -48.17 -11.02
CA ILE B 372 31.79 -48.22 -9.57
C ILE B 372 32.88 -49.21 -9.14
N GLU B 373 32.90 -50.39 -9.76
CA GLU B 373 33.88 -51.40 -9.41
C GLU B 373 35.30 -50.91 -9.70
N THR B 374 35.49 -50.24 -10.83
CA THR B 374 36.82 -49.74 -11.17
C THR B 374 37.24 -48.58 -10.27
N LEU B 375 36.29 -47.76 -9.84
CA LEU B 375 36.66 -46.59 -9.03
C LEU B 375 37.24 -47.01 -7.69
N LYS B 376 36.73 -48.07 -7.09
CA LYS B 376 37.26 -48.50 -5.80
C LYS B 376 38.35 -49.55 -5.90
N ASN B 377 38.44 -50.27 -7.02
CA ASN B 377 39.50 -51.28 -7.16
C ASN B 377 40.76 -50.74 -7.83
N ASN B 378 40.61 -49.81 -8.78
CA ASN B 378 41.76 -49.20 -9.45
C ASN B 378 41.49 -47.70 -9.59
N PRO B 379 41.73 -46.93 -8.52
CA PRO B 379 41.32 -45.52 -8.55
C PRO B 379 42.16 -44.68 -9.50
N LYS B 380 43.47 -44.92 -9.58
CA LYS B 380 44.34 -44.12 -10.43
C LYS B 380 44.25 -44.51 -11.91
N ASP B 381 43.30 -45.37 -12.27
CA ASP B 381 43.05 -45.70 -13.66
C ASP B 381 42.55 -44.47 -14.40
N ARG B 382 42.96 -44.32 -15.66
CA ARG B 382 42.62 -43.17 -16.47
C ARG B 382 41.43 -43.43 -17.40
N ARG B 383 40.60 -44.43 -17.09
CA ARG B 383 39.56 -44.87 -18.01
C ARG B 383 38.20 -44.97 -17.32
N HIS B 384 37.95 -44.14 -16.31
CA HIS B 384 36.66 -44.11 -15.64
C HIS B 384 35.68 -43.32 -16.52
N ILE B 385 35.22 -43.97 -17.58
CA ILE B 385 34.44 -43.32 -18.63
C ILE B 385 33.03 -43.88 -18.62
N LEU B 386 32.04 -42.99 -18.67
CA LEU B 386 30.63 -43.35 -18.80
C LEU B 386 30.10 -42.60 -20.01
N THR B 387 29.70 -43.33 -21.05
CA THR B 387 29.25 -42.73 -22.30
C THR B 387 27.78 -43.04 -22.55
N ALA B 388 27.15 -42.17 -23.32
CA ALA B 388 25.76 -42.36 -23.74
C ALA B 388 25.57 -42.25 -25.24
N TRP B 389 26.63 -41.93 -26.00
CA TRP B 389 26.53 -41.77 -27.44
C TRP B 389 26.70 -43.14 -28.09
N ASN B 390 25.60 -43.72 -28.56
CA ASN B 390 25.61 -45.00 -29.25
C ASN B 390 25.11 -44.76 -30.68
N PRO B 391 26.00 -44.68 -31.66
CA PRO B 391 25.55 -44.42 -33.04
C PRO B 391 24.59 -45.47 -33.59
N SER B 392 24.61 -46.69 -33.05
CA SER B 392 23.70 -47.73 -33.53
C SER B 392 22.29 -47.56 -32.99
N ALA B 393 22.10 -46.78 -31.93
CA ALA B 393 20.80 -46.61 -31.30
C ALA B 393 20.26 -45.19 -31.42
N LEU B 394 20.97 -44.29 -32.11
CA LEU B 394 20.53 -42.90 -32.17
C LEU B 394 19.16 -42.77 -32.82
N SER B 395 18.90 -43.55 -33.86
CA SER B 395 17.62 -43.46 -34.57
C SER B 395 16.45 -43.89 -33.71
N GLN B 396 16.68 -44.72 -32.70
CA GLN B 396 15.62 -45.19 -31.82
C GLN B 396 15.35 -44.28 -30.62
N MET B 397 16.20 -43.28 -30.40
CA MET B 397 16.04 -42.41 -29.24
C MET B 397 15.03 -41.31 -29.53
N ALA B 398 14.23 -40.97 -28.51
CA ALA B 398 13.35 -39.80 -28.64
C ALA B 398 14.15 -38.52 -28.74
N LEU B 399 15.36 -38.51 -28.21
CA LEU B 399 16.26 -37.36 -28.26
C LEU B 399 17.68 -37.85 -28.04
N PRO B 400 18.62 -37.48 -28.89
CA PRO B 400 20.02 -37.90 -28.71
C PRO B 400 20.57 -37.36 -27.40
N PRO B 401 21.59 -38.00 -26.84
CA PRO B 401 22.12 -37.55 -25.55
C PRO B 401 22.75 -36.18 -25.65
N CYS B 402 22.47 -35.34 -24.66
CA CYS B 402 23.10 -34.02 -24.55
C CYS B 402 24.34 -34.08 -23.67
N HIS B 403 24.19 -34.56 -22.43
CA HIS B 403 25.37 -34.90 -21.63
C HIS B 403 25.88 -36.24 -22.16
N VAL B 404 26.84 -36.14 -23.08
CA VAL B 404 27.20 -37.26 -23.95
C VAL B 404 28.17 -38.20 -23.25
N LEU B 405 29.22 -37.65 -22.64
CA LEU B 405 30.28 -38.46 -22.07
C LEU B 405 30.79 -37.81 -20.80
N SER B 406 31.12 -38.63 -19.81
CA SER B 406 31.63 -38.16 -18.54
C SER B 406 32.82 -39.00 -18.10
N GLN B 407 33.79 -38.36 -17.46
CA GLN B 407 34.97 -39.02 -16.93
C GLN B 407 35.13 -38.69 -15.45
N TYR B 408 35.67 -39.64 -14.70
CA TYR B 408 35.78 -39.51 -13.25
C TYR B 408 37.21 -39.77 -12.82
N TYR B 409 37.62 -39.06 -11.76
CA TYR B 409 39.01 -38.97 -11.36
C TYR B 409 39.10 -39.01 -9.85
N VAL B 410 39.99 -39.84 -9.32
CA VAL B 410 40.21 -39.98 -7.89
C VAL B 410 41.52 -39.28 -7.54
N THR B 411 41.43 -38.22 -6.74
CA THR B 411 42.62 -37.48 -6.35
C THR B 411 43.42 -38.26 -5.32
N ASN B 412 44.62 -37.74 -5.00
CA ASN B 412 45.48 -38.42 -4.04
C ASN B 412 44.91 -38.34 -2.63
N ASP B 413 44.11 -37.32 -2.32
CA ASP B 413 43.45 -37.21 -1.03
C ASP B 413 42.04 -37.80 -1.05
N ASN B 414 41.80 -38.80 -1.89
CA ASN B 414 40.57 -39.58 -1.91
C ASN B 414 39.33 -38.70 -2.14
N CYS B 415 39.42 -37.85 -3.16
CA CYS B 415 38.28 -37.07 -3.63
C CYS B 415 37.94 -37.49 -5.05
N LEU B 416 36.66 -37.38 -5.39
CA LEU B 416 36.16 -37.82 -6.69
C LEU B 416 35.74 -36.59 -7.49
N SER B 417 36.46 -36.31 -8.56
CA SER B 417 36.13 -35.22 -9.48
C SER B 417 35.47 -35.78 -10.73
N CYS B 418 34.76 -34.91 -11.45
CA CYS B 418 33.97 -35.31 -12.60
C CYS B 418 34.15 -34.32 -13.74
N ASN B 419 34.40 -34.85 -14.94
CA ASN B 419 34.38 -34.07 -16.17
C ASN B 419 33.21 -34.54 -17.04
N LEU B 420 32.52 -33.59 -17.64
CA LEU B 420 31.36 -33.86 -18.47
C LEU B 420 31.47 -33.10 -19.78
N TYR B 421 31.28 -33.79 -20.90
CA TYR B 421 31.15 -33.12 -22.20
C TYR B 421 29.69 -33.09 -22.61
N GLN B 422 29.20 -31.89 -22.93
CA GLN B 422 27.80 -31.67 -23.30
C GLN B 422 27.78 -31.10 -24.71
N ARG B 423 27.17 -31.84 -25.65
CA ARG B 423 27.19 -31.42 -27.04
C ARG B 423 26.30 -30.21 -27.28
N SER B 424 25.17 -30.13 -26.58
CA SER B 424 24.23 -29.03 -26.73
C SER B 424 23.73 -28.64 -25.34
N CYS B 425 23.71 -27.35 -25.07
CA CYS B 425 23.42 -26.85 -23.72
C CYS B 425 22.41 -25.72 -23.78
N ASP B 426 21.17 -26.02 -23.38
CA ASP B 426 20.16 -24.99 -23.16
C ASP B 426 20.48 -24.28 -21.85
N LEU B 427 21.07 -23.08 -21.95
CA LEU B 427 21.53 -22.38 -20.76
C LEU B 427 20.37 -21.89 -19.89
N GLY B 428 19.16 -21.81 -20.45
CA GLY B 428 18.03 -21.34 -19.68
C GLY B 428 17.44 -22.41 -18.79
N LEU B 429 17.35 -23.64 -19.28
CA LEU B 429 16.71 -24.73 -18.57
C LEU B 429 17.63 -25.91 -18.30
N GLY B 430 18.28 -26.44 -19.34
CA GLY B 430 19.03 -27.68 -19.18
C GLY B 430 20.30 -27.50 -18.36
N SER B 431 20.96 -26.35 -18.52
CA SER B 431 22.28 -26.17 -17.90
C SER B 431 22.22 -26.23 -16.38
N PRO B 432 21.34 -25.49 -15.68
CA PRO B 432 21.31 -25.62 -14.22
C PRO B 432 20.96 -27.03 -13.77
N PHE B 433 20.05 -27.69 -14.50
CA PHE B 433 19.76 -29.09 -14.20
C PHE B 433 20.99 -29.97 -14.37
N ASN B 434 21.73 -29.77 -15.46
CA ASN B 434 22.90 -30.60 -15.71
C ASN B 434 23.97 -30.40 -14.63
N ILE B 435 24.18 -29.15 -14.21
CA ILE B 435 25.17 -28.88 -13.17
C ILE B 435 24.82 -29.63 -11.89
N ALA B 436 23.59 -29.45 -11.40
CA ALA B 436 23.19 -30.13 -10.16
C ALA B 436 23.11 -31.63 -10.34
N SER B 437 22.66 -32.10 -11.50
CA SER B 437 22.46 -33.53 -11.70
C SER B 437 23.78 -34.28 -11.60
N TYR B 438 24.80 -33.82 -12.33
CA TYR B 438 26.09 -34.48 -12.26
C TYR B 438 26.84 -34.19 -10.97
N ALA B 439 26.50 -33.10 -10.28
CA ALA B 439 27.03 -32.90 -8.93
C ALA B 439 26.51 -33.98 -7.99
N ILE B 440 25.19 -34.23 -8.02
CA ILE B 440 24.61 -35.27 -7.17
C ILE B 440 25.15 -36.64 -7.55
N LEU B 441 25.30 -36.90 -8.86
CA LEU B 441 25.80 -38.20 -9.31
C LEU B 441 27.22 -38.44 -8.80
N THR B 442 28.07 -37.42 -8.86
CA THR B 442 29.43 -37.57 -8.36
C THR B 442 29.43 -37.84 -6.85
N MET B 443 28.55 -37.18 -6.12
CA MET B 443 28.44 -37.41 -4.67
C MET B 443 27.95 -38.82 -4.38
N MET B 444 26.98 -39.31 -5.15
CA MET B 444 26.52 -40.68 -4.98
C MET B 444 27.64 -41.66 -5.24
N LEU B 445 28.37 -41.48 -6.34
CA LEU B 445 29.50 -42.34 -6.64
C LEU B 445 30.56 -42.24 -5.54
N ALA B 446 30.75 -41.04 -4.97
CA ALA B 446 31.76 -40.87 -3.94
C ALA B 446 31.41 -41.63 -2.67
N GLN B 447 30.13 -41.63 -2.28
CA GLN B 447 29.75 -42.33 -1.05
C GLN B 447 29.81 -43.84 -1.22
N VAL B 448 29.33 -44.33 -2.37
CA VAL B 448 29.34 -45.77 -2.62
C VAL B 448 30.76 -46.30 -2.73
N CYS B 449 31.67 -45.50 -3.29
CA CYS B 449 33.06 -45.90 -3.45
C CYS B 449 33.93 -45.53 -2.26
N GLY B 450 33.41 -44.76 -1.31
CA GLY B 450 34.17 -44.41 -0.13
C GLY B 450 35.09 -43.23 -0.28
N TYR B 451 34.74 -42.28 -1.14
CA TYR B 451 35.53 -41.07 -1.36
C TYR B 451 34.72 -39.85 -0.95
N GLU B 452 35.33 -38.68 -1.13
CA GLU B 452 34.71 -37.40 -0.88
C GLU B 452 34.47 -36.68 -2.21
N PRO B 453 33.48 -35.79 -2.27
CA PRO B 453 33.25 -35.05 -3.53
C PRO B 453 34.41 -34.12 -3.84
N GLY B 454 34.74 -34.03 -5.14
CA GLY B 454 35.86 -33.20 -5.56
C GLY B 454 35.44 -31.98 -6.36
N GLU B 455 35.75 -31.97 -7.65
CA GLU B 455 35.41 -30.85 -8.52
C GLU B 455 34.52 -31.34 -9.65
N LEU B 456 33.84 -30.38 -10.28
CA LEU B 456 32.95 -30.66 -11.41
C LEU B 456 33.29 -29.70 -12.55
N ALA B 457 33.80 -30.24 -13.65
CA ALA B 457 34.07 -29.47 -14.85
C ALA B 457 33.12 -29.90 -15.95
N ILE B 458 32.51 -28.91 -16.61
CA ILE B 458 31.56 -29.16 -17.70
C ILE B 458 32.11 -28.50 -18.96
N PHE B 459 32.32 -29.30 -19.99
CA PHE B 459 32.80 -28.83 -21.29
C PHE B 459 31.63 -28.85 -22.27
N ILE B 460 31.35 -27.71 -22.89
CA ILE B 460 30.14 -27.51 -23.67
C ILE B 460 30.50 -27.30 -25.13
N GLY B 461 29.78 -28.00 -26.02
CA GLY B 461 29.87 -27.72 -27.42
C GLY B 461 29.01 -26.54 -27.81
N ASP B 462 27.75 -26.81 -28.17
CA ASP B 462 26.82 -25.77 -28.61
C ASP B 462 26.11 -25.19 -27.38
N ALA B 463 26.69 -24.11 -26.83
CA ALA B 463 26.07 -23.37 -25.74
C ALA B 463 25.19 -22.28 -26.31
N HIS B 464 23.89 -22.36 -26.04
CA HIS B 464 22.94 -21.48 -26.71
C HIS B 464 21.88 -20.98 -25.72
N ILE B 465 21.24 -19.89 -26.11
CA ILE B 465 20.11 -19.29 -25.39
C ILE B 465 18.95 -19.21 -26.36
N TYR B 466 17.81 -19.79 -25.97
CA TYR B 466 16.62 -19.69 -26.81
C TYR B 466 16.05 -18.27 -26.75
N GLU B 467 15.57 -17.78 -27.89
CA GLU B 467 15.21 -16.38 -28.01
C GLU B 467 14.04 -15.99 -27.13
N ASN B 468 13.20 -16.94 -26.71
CA ASN B 468 12.12 -16.63 -25.79
C ASN B 468 12.56 -16.64 -24.33
N HIS B 469 13.85 -16.82 -24.06
CA HIS B 469 14.42 -16.74 -22.71
C HIS B 469 15.19 -15.46 -22.47
N LEU B 470 15.25 -14.56 -23.47
CA LEU B 470 16.12 -13.39 -23.37
C LEU B 470 15.68 -12.47 -22.24
N THR B 471 14.39 -12.17 -22.14
CA THR B 471 13.91 -11.31 -21.07
C THR B 471 14.14 -11.95 -19.71
N GLN B 472 14.00 -13.28 -19.64
CA GLN B 472 14.15 -13.98 -18.36
C GLN B 472 15.61 -14.00 -17.92
N LEU B 473 16.51 -14.43 -18.81
CA LEU B 473 17.91 -14.57 -18.42
C LEU B 473 18.55 -13.23 -18.09
N LYS B 474 18.17 -12.16 -18.80
CA LYS B 474 18.64 -10.84 -18.43
C LYS B 474 18.18 -10.46 -17.03
N GLU B 475 16.95 -10.81 -16.67
CA GLU B 475 16.51 -10.63 -15.29
C GLU B 475 17.39 -11.40 -14.32
N GLN B 476 17.73 -12.66 -14.65
CA GLN B 476 18.58 -13.45 -13.77
C GLN B 476 19.97 -12.83 -13.65
N LEU B 477 20.44 -12.11 -14.67
CA LEU B 477 21.75 -11.48 -14.63
C LEU B 477 21.75 -10.24 -13.75
N SER B 478 20.59 -9.71 -13.38
CA SER B 478 20.50 -8.54 -12.52
C SER B 478 20.57 -8.89 -11.04
N ARG B 479 20.71 -10.16 -10.70
CA ARG B 479 20.67 -10.63 -9.31
C ARG B 479 22.08 -11.01 -8.86
N THR B 480 22.56 -10.37 -7.80
CA THR B 480 23.88 -10.69 -7.26
C THR B 480 23.83 -12.07 -6.61
N PRO B 481 24.78 -12.96 -6.92
CA PRO B 481 24.72 -14.32 -6.37
C PRO B 481 24.85 -14.35 -4.86
N ARG B 482 24.34 -15.44 -4.29
CA ARG B 482 24.39 -15.73 -2.87
C ARG B 482 25.16 -17.02 -2.65
N PRO B 483 25.60 -17.29 -1.42
CA PRO B 483 26.39 -18.50 -1.17
C PRO B 483 25.66 -19.77 -1.59
N PHE B 484 26.41 -20.71 -2.15
CA PHE B 484 25.86 -22.00 -2.51
C PHE B 484 25.36 -22.73 -1.27
N PRO B 485 24.35 -23.58 -1.41
CA PRO B 485 23.88 -24.36 -0.25
C PRO B 485 24.75 -25.58 0.01
N GLN B 486 24.32 -26.44 0.92
CA GLN B 486 24.98 -27.71 1.18
C GLN B 486 24.01 -28.87 0.90
N LEU B 487 24.55 -29.97 0.39
CA LEU B 487 23.78 -31.17 0.12
C LEU B 487 24.41 -32.33 0.87
N LYS B 488 23.64 -32.94 1.77
CA LYS B 488 24.12 -34.03 2.60
C LYS B 488 23.19 -35.22 2.49
N PHE B 489 23.76 -36.41 2.62
CA PHE B 489 22.99 -37.66 2.62
C PHE B 489 22.66 -38.04 4.05
N LYS B 490 21.39 -38.40 4.29
CA LYS B 490 20.96 -38.74 5.64
C LYS B 490 21.41 -40.14 6.05
N ARG B 491 21.60 -41.04 5.09
CA ARG B 491 22.04 -42.39 5.40
C ARG B 491 23.01 -42.87 4.33
N LYS B 492 23.78 -43.91 4.68
CA LYS B 492 24.69 -44.55 3.76
C LYS B 492 23.99 -45.77 3.15
N VAL B 493 23.97 -45.83 1.82
CA VAL B 493 23.26 -46.87 1.10
C VAL B 493 24.25 -47.99 0.73
N GLU B 494 23.70 -49.16 0.43
CA GLU B 494 24.52 -50.30 0.04
C GLU B 494 24.74 -50.33 -1.48
N ASN B 495 23.68 -50.15 -2.24
CA ASN B 495 23.74 -50.04 -3.69
C ASN B 495 23.36 -48.63 -4.11
N ILE B 496 23.98 -48.16 -5.20
CA ILE B 496 23.74 -46.79 -5.66
C ILE B 496 22.29 -46.56 -6.08
N GLU B 497 21.56 -47.64 -6.38
CA GLU B 497 20.17 -47.52 -6.81
C GLU B 497 19.22 -47.30 -5.65
N ASP B 498 19.69 -47.37 -4.40
CA ASP B 498 18.84 -47.31 -3.22
C ASP B 498 18.59 -45.90 -2.72
N PHE B 499 19.15 -44.88 -3.37
CA PHE B 499 18.95 -43.51 -2.92
C PHE B 499 17.49 -43.10 -3.11
N LYS B 500 16.95 -42.40 -2.11
CA LYS B 500 15.60 -41.89 -2.15
C LYS B 500 15.62 -40.40 -1.86
N TRP B 501 14.56 -39.71 -2.27
CA TRP B 501 14.47 -38.27 -2.05
C TRP B 501 14.45 -37.92 -0.57
N GLU B 502 13.96 -38.84 0.27
CA GLU B 502 13.95 -38.61 1.71
C GLU B 502 15.34 -38.64 2.31
N ASP B 503 16.32 -39.21 1.61
CA ASP B 503 17.69 -39.28 2.08
C ASP B 503 18.48 -38.01 1.78
N ILE B 504 17.87 -37.02 1.13
CA ILE B 504 18.56 -35.81 0.71
C ILE B 504 18.21 -34.69 1.67
N GLU B 505 19.22 -33.96 2.12
CA GLU B 505 19.04 -32.80 2.99
C GLU B 505 19.72 -31.60 2.34
N LEU B 506 18.93 -30.60 1.96
CA LEU B 506 19.44 -29.38 1.33
C LEU B 506 19.48 -28.28 2.38
N ILE B 507 20.68 -27.85 2.74
CA ILE B 507 20.89 -26.95 3.86
C ILE B 507 21.35 -25.59 3.35
N GLY B 508 20.68 -24.54 3.80
CA GLY B 508 21.13 -23.19 3.52
C GLY B 508 20.90 -22.71 2.10
N TYR B 509 19.79 -23.10 1.49
CA TYR B 509 19.46 -22.68 0.12
C TYR B 509 18.49 -21.51 0.21
N TYR B 510 18.98 -20.32 -0.13
CA TYR B 510 18.19 -19.10 -0.12
C TYR B 510 18.26 -18.45 -1.49
N PRO B 511 17.56 -19.00 -2.47
CA PRO B 511 17.65 -18.48 -3.83
C PRO B 511 16.74 -17.28 -4.06
N TYR B 512 16.90 -16.69 -5.24
CA TYR B 512 15.99 -15.66 -5.73
C TYR B 512 14.73 -16.32 -6.28
N PRO B 513 13.65 -15.55 -6.50
CA PRO B 513 12.39 -16.14 -6.98
C PRO B 513 12.54 -16.97 -8.25
N THR B 514 11.63 -17.91 -8.46
CA THR B 514 11.68 -18.74 -9.66
C THR B 514 11.46 -17.88 -10.89
N ILE B 515 12.03 -18.32 -12.02
CA ILE B 515 11.93 -17.62 -13.29
C ILE B 515 11.36 -18.61 -14.29
N LYS B 516 10.13 -18.36 -14.75
CA LYS B 516 9.44 -19.28 -15.65
C LYS B 516 10.00 -19.16 -17.06
N MET B 517 10.32 -20.31 -17.66
CA MET B 517 10.86 -20.37 -19.02
C MET B 517 10.29 -21.59 -19.71
N ASP B 518 9.80 -21.40 -20.94
CA ASP B 518 9.17 -22.47 -21.70
C ASP B 518 10.21 -23.29 -22.45
N MET B 519 10.02 -24.61 -22.48
CA MET B 519 10.92 -25.50 -23.20
C MET B 519 10.56 -25.55 -24.69
N ALA B 520 11.59 -25.56 -25.53
CA ALA B 520 11.41 -25.71 -26.96
C ALA B 520 11.35 -27.20 -27.32
N VAL B 521 10.20 -27.63 -27.84
CA VAL B 521 10.00 -29.04 -28.16
C VAL B 521 10.56 -29.36 -29.54
N GLU C 3 -61.05 13.85 -11.41
CA GLU C 3 -60.56 14.90 -12.29
C GLU C 3 -59.66 15.87 -11.51
N LYS C 4 -58.97 15.34 -10.51
CA LYS C 4 -58.04 16.14 -9.73
C LYS C 4 -56.72 16.28 -10.48
N ASN C 5 -55.86 17.17 -9.98
CA ASN C 5 -54.65 17.54 -10.69
C ASN C 5 -53.52 16.56 -10.41
N VAL C 6 -52.71 16.30 -11.43
CA VAL C 6 -51.58 15.38 -11.35
C VAL C 6 -50.34 16.13 -11.80
N SER C 7 -49.33 16.20 -10.92
CA SER C 7 -48.12 16.97 -11.18
C SER C 7 -46.90 16.10 -11.00
N ILE C 8 -45.93 16.27 -11.89
CA ILE C 8 -44.61 15.66 -11.75
C ILE C 8 -43.73 16.61 -10.94
N VAL C 9 -42.99 16.05 -9.98
CA VAL C 9 -41.97 16.77 -9.24
C VAL C 9 -40.65 16.06 -9.48
N VAL C 10 -39.66 16.78 -9.99
CA VAL C 10 -38.39 16.18 -10.36
C VAL C 10 -37.29 17.23 -10.25
N ALA C 11 -36.08 16.77 -9.92
CA ALA C 11 -34.87 17.56 -9.95
C ALA C 11 -33.90 16.89 -10.92
N ALA C 12 -33.62 17.55 -12.03
CA ALA C 12 -32.82 16.98 -13.09
C ALA C 12 -31.65 17.91 -13.43
N SER C 13 -30.65 17.34 -14.09
CA SER C 13 -29.50 18.12 -14.52
C SER C 13 -29.91 19.09 -15.63
N VAL C 14 -29.09 20.13 -15.82
CA VAL C 14 -29.49 21.25 -16.67
C VAL C 14 -29.43 20.86 -18.15
N LEU C 15 -28.49 19.99 -18.54
CA LEU C 15 -28.31 19.64 -19.93
C LEU C 15 -28.79 18.22 -20.23
N SER C 16 -28.23 17.21 -19.57
CA SER C 16 -28.56 15.83 -19.84
C SER C 16 -29.77 15.31 -19.05
N SER C 17 -30.28 16.10 -18.11
CA SER C 17 -31.46 15.75 -17.32
C SER C 17 -31.24 14.50 -16.49
N GLY C 18 -30.07 14.39 -15.87
CA GLY C 18 -29.80 13.27 -14.97
C GLY C 18 -30.42 13.50 -13.60
N ILE C 19 -30.95 12.44 -13.00
CA ILE C 19 -31.68 12.56 -11.75
C ILE C 19 -31.16 11.60 -10.69
N GLY C 20 -30.34 10.63 -11.09
CA GLY C 20 -29.89 9.64 -10.13
C GLY C 20 -28.60 8.96 -10.53
N ILE C 21 -27.97 8.32 -9.55
CA ILE C 21 -26.74 7.55 -9.75
C ILE C 21 -26.57 6.58 -8.59
N ASN C 22 -26.43 5.29 -8.92
CA ASN C 22 -26.17 4.24 -7.94
C ASN C 22 -27.22 4.24 -6.82
N GLY C 23 -28.49 4.38 -7.21
CA GLY C 23 -29.58 4.29 -6.26
C GLY C 23 -29.77 5.50 -5.36
N GLN C 24 -29.03 6.59 -5.59
CA GLN C 24 -29.16 7.80 -4.80
C GLN C 24 -29.09 9.01 -5.71
N LEU C 25 -29.11 10.20 -5.11
CA LEU C 25 -29.07 11.44 -5.87
C LEU C 25 -27.62 11.81 -6.21
N PRO C 26 -27.41 12.46 -7.36
CA PRO C 26 -26.07 12.95 -7.70
C PRO C 26 -25.66 14.24 -7.00
N TRP C 27 -26.48 14.74 -6.08
CA TRP C 27 -26.21 15.99 -5.38
C TRP C 27 -26.90 15.95 -4.02
N SER C 28 -26.65 16.99 -3.21
CA SER C 28 -27.26 17.13 -1.89
C SER C 28 -27.64 18.60 -1.71
N ILE C 29 -28.88 18.93 -2.04
CA ILE C 29 -29.40 20.29 -1.93
C ILE C 29 -30.54 20.26 -0.92
N SER C 30 -30.31 20.86 0.25
CA SER C 30 -31.31 20.82 1.31
C SER C 30 -32.55 21.63 0.94
N GLU C 31 -32.37 22.79 0.32
CA GLU C 31 -33.50 23.63 -0.05
C GLU C 31 -34.39 22.95 -1.07
N ASP C 32 -33.82 22.12 -1.95
CA ASP C 32 -34.62 21.39 -2.93
C ASP C 32 -35.52 20.37 -2.25
N LEU C 33 -35.01 19.67 -1.23
CA LEU C 33 -35.84 18.73 -0.49
C LEU C 33 -36.96 19.45 0.25
N LYS C 34 -36.66 20.61 0.83
CA LYS C 34 -37.70 21.41 1.46
C LYS C 34 -38.76 21.85 0.45
N PHE C 35 -38.32 22.15 -0.78
CA PHE C 35 -39.28 22.48 -1.83
C PHE C 35 -40.17 21.30 -2.16
N PHE C 36 -39.59 20.10 -2.27
CA PHE C 36 -40.39 18.89 -2.47
C PHE C 36 -41.41 18.73 -1.35
N SER C 37 -40.99 18.95 -0.10
CA SER C 37 -41.90 18.81 1.03
C SER C 37 -43.04 19.81 0.95
N LYS C 38 -42.72 21.08 0.66
CA LYS C 38 -43.75 22.11 0.65
C LYS C 38 -44.70 21.95 -0.55
N ILE C 39 -44.19 21.50 -1.69
CA ILE C 39 -45.05 21.40 -2.86
C ILE C 39 -45.93 20.15 -2.79
N THR C 40 -45.49 19.12 -2.06
CA THR C 40 -46.29 17.90 -1.90
C THR C 40 -47.25 17.97 -0.73
N ASN C 41 -47.01 18.86 0.24
CA ASN C 41 -47.92 19.08 1.34
C ASN C 41 -48.93 20.19 1.07
N ASN C 42 -48.73 20.98 0.01
CA ASN C 42 -49.62 22.10 -0.29
C ASN C 42 -50.99 21.56 -0.69
N LYS C 43 -51.97 21.71 0.21
CA LYS C 43 -53.33 21.25 -0.04
C LYS C 43 -54.30 22.32 0.42
N CYS C 44 -55.58 22.12 0.08
CA CYS C 44 -56.64 23.06 0.42
C CYS C 44 -57.61 22.55 1.46
N ASP C 45 -57.83 21.23 1.53
CA ASP C 45 -58.78 20.63 2.46
C ASP C 45 -58.04 20.09 3.66
N SER C 46 -58.47 20.48 4.86
CA SER C 46 -57.83 20.02 6.09
C SER C 46 -58.12 18.56 6.38
N ASN C 47 -59.13 17.98 5.74
CA ASN C 47 -59.50 16.58 5.95
C ASN C 47 -59.06 15.68 4.81
N LYS C 48 -58.14 16.14 3.96
CA LYS C 48 -57.62 15.34 2.87
C LYS C 48 -56.10 15.32 2.91
N LYS C 49 -55.52 14.37 2.18
CA LYS C 49 -54.08 14.22 2.08
C LYS C 49 -53.69 14.07 0.62
N ASN C 50 -52.42 14.34 0.32
CA ASN C 50 -51.90 14.21 -1.03
C ASN C 50 -51.23 12.85 -1.21
N ALA C 51 -51.32 12.32 -2.42
CA ALA C 51 -50.75 11.02 -2.76
C ALA C 51 -49.49 11.20 -3.59
N LEU C 52 -48.40 10.57 -3.16
CA LEU C 52 -47.12 10.64 -3.86
C LEU C 52 -46.83 9.28 -4.47
N ILE C 53 -46.85 9.22 -5.80
CA ILE C 53 -46.59 7.98 -6.53
C ILE C 53 -45.11 7.87 -6.82
N MET C 54 -44.53 6.71 -6.53
CA MET C 54 -43.11 6.47 -6.78
C MET C 54 -42.87 5.00 -7.09
N GLY C 55 -41.76 4.74 -7.78
CA GLY C 55 -41.38 3.38 -8.09
C GLY C 55 -40.75 2.67 -6.90
N ARG C 56 -40.51 1.36 -7.09
CA ARG C 56 -39.99 0.55 -5.99
C ARG C 56 -38.56 0.96 -5.63
N LYS C 57 -37.71 1.16 -6.63
CA LYS C 57 -36.32 1.55 -6.34
C LYS C 57 -36.27 2.91 -5.67
N THR C 58 -37.16 3.82 -6.06
CA THR C 58 -37.26 5.11 -5.36
C THR C 58 -37.75 4.91 -3.94
N TRP C 59 -38.71 4.00 -3.73
CA TRP C 59 -39.18 3.69 -2.39
C TRP C 59 -38.05 3.13 -1.53
N ASP C 60 -37.09 2.43 -2.13
CA ASP C 60 -35.94 1.94 -1.37
C ASP C 60 -34.97 3.07 -1.06
N SER C 61 -34.79 4.01 -1.99
CA SER C 61 -33.81 5.07 -1.81
C SER C 61 -34.18 6.02 -0.67
N ILE C 62 -35.45 6.08 -0.29
CA ILE C 62 -35.89 6.94 0.80
C ILE C 62 -36.03 6.14 2.10
N GLY C 63 -35.43 4.95 2.18
CA GLY C 63 -35.43 4.18 3.41
C GLY C 63 -36.69 3.40 3.71
N ARG C 64 -37.64 3.34 2.77
CA ARG C 64 -38.90 2.63 2.95
C ARG C 64 -39.66 3.12 4.18
N ARG C 65 -39.64 4.43 4.41
CA ARG C 65 -40.34 5.01 5.53
C ARG C 65 -41.32 6.09 5.05
N PRO C 66 -42.50 6.17 5.67
CA PRO C 66 -43.53 7.09 5.16
C PRO C 66 -43.15 8.54 5.36
N LEU C 67 -43.77 9.39 4.53
CA LEU C 67 -43.62 10.83 4.61
C LEU C 67 -44.82 11.42 5.35
N LYS C 68 -44.55 12.33 6.27
CA LYS C 68 -45.59 12.85 7.15
C LYS C 68 -46.66 13.57 6.34
N ASN C 69 -47.92 13.41 6.78
CA ASN C 69 -49.11 14.08 6.25
C ASN C 69 -49.44 13.67 4.82
N ARG C 70 -48.74 12.67 4.25
CA ARG C 70 -48.97 12.26 2.88
C ARG C 70 -49.09 10.74 2.80
N ILE C 71 -49.62 10.28 1.68
CA ILE C 71 -49.82 8.86 1.41
C ILE C 71 -48.91 8.49 0.24
N ILE C 72 -48.00 7.55 0.47
CA ILE C 72 -47.05 7.12 -0.55
C ILE C 72 -47.64 5.93 -1.30
N VAL C 73 -47.55 5.97 -2.62
CA VAL C 73 -48.09 4.92 -3.49
C VAL C 73 -46.90 4.32 -4.23
N VAL C 74 -46.54 3.09 -3.90
CA VAL C 74 -45.40 2.41 -4.48
C VAL C 74 -45.87 1.53 -5.63
N ILE C 75 -45.22 1.66 -6.78
CA ILE C 75 -45.49 0.83 -7.95
C ILE C 75 -44.46 -0.29 -7.95
N SER C 76 -44.92 -1.52 -7.71
CA SER C 76 -44.01 -2.66 -7.67
C SER C 76 -44.78 -3.92 -7.99
N SER C 77 -44.10 -4.89 -8.60
CA SER C 77 -44.68 -6.17 -8.91
C SER C 77 -44.38 -7.24 -7.86
N SER C 78 -43.45 -6.99 -6.95
CA SER C 78 -43.05 -7.99 -5.97
C SER C 78 -43.42 -7.62 -4.53
N LEU C 79 -43.57 -6.34 -4.22
CA LEU C 79 -43.89 -5.95 -2.85
C LEU C 79 -45.27 -6.47 -2.46
N PRO C 80 -45.43 -6.99 -1.25
CA PRO C 80 -46.74 -7.49 -0.82
C PRO C 80 -47.71 -6.34 -0.57
N GLN C 81 -48.94 -6.51 -1.07
CA GLN C 81 -49.98 -5.49 -0.92
C GLN C 81 -50.48 -5.53 0.52
N ASP C 82 -49.71 -4.90 1.40
CA ASP C 82 -50.02 -4.88 2.83
C ASP C 82 -51.10 -3.85 3.13
N GLU C 83 -52.03 -4.24 3.99
CA GLU C 83 -53.09 -3.36 4.45
C GLU C 83 -52.84 -2.82 5.85
N ALA C 84 -51.69 -3.15 6.46
CA ALA C 84 -51.42 -2.72 7.83
C ALA C 84 -51.12 -1.23 7.88
N ASP C 85 -50.19 -0.75 7.06
CA ASP C 85 -49.83 0.66 7.04
C ASP C 85 -50.76 1.43 6.12
N PRO C 86 -51.57 2.35 6.65
CA PRO C 86 -52.47 3.12 5.77
C PRO C 86 -51.79 4.24 5.01
N ASN C 87 -50.55 4.60 5.35
CA ASN C 87 -49.84 5.67 4.68
C ASN C 87 -48.99 5.18 3.51
N VAL C 88 -48.90 3.87 3.30
CA VAL C 88 -48.15 3.30 2.19
C VAL C 88 -49.00 2.20 1.57
N VAL C 89 -49.27 2.33 0.26
CA VAL C 89 -50.08 1.38 -0.48
C VAL C 89 -49.34 0.99 -1.75
N VAL C 90 -49.44 -0.29 -2.12
CA VAL C 90 -48.71 -0.84 -3.25
C VAL C 90 -49.69 -1.19 -4.37
N PHE C 91 -49.33 -0.85 -5.60
CA PHE C 91 -50.10 -1.18 -6.79
C PHE C 91 -49.20 -1.85 -7.81
N ARG C 92 -49.82 -2.69 -8.65
CA ARG C 92 -49.07 -3.51 -9.59
C ARG C 92 -48.69 -2.79 -10.87
N ASN C 93 -49.37 -1.69 -11.20
CA ASN C 93 -49.05 -0.92 -12.38
C ASN C 93 -49.55 0.50 -12.20
N LEU C 94 -49.02 1.41 -13.03
CA LEU C 94 -49.35 2.82 -12.89
C LEU C 94 -50.81 3.09 -13.27
N GLU C 95 -51.32 2.39 -14.28
CA GLU C 95 -52.70 2.63 -14.72
C GLU C 95 -53.70 2.29 -13.62
N ASP C 96 -53.59 1.09 -13.04
CA ASP C 96 -54.45 0.72 -11.92
C ASP C 96 -54.23 1.62 -10.71
N SER C 97 -53.06 2.23 -10.59
CA SER C 97 -52.78 3.11 -9.46
C SER C 97 -53.58 4.41 -9.54
N ILE C 98 -53.96 4.82 -10.75
CA ILE C 98 -54.77 6.02 -10.93
C ILE C 98 -56.23 5.67 -10.64
N GLU C 99 -56.52 5.32 -9.38
CA GLU C 99 -57.88 5.13 -8.93
C GLU C 99 -58.30 6.19 -7.92
N ASN C 100 -57.43 7.15 -7.63
CA ASN C 100 -57.82 8.28 -6.80
C ASN C 100 -58.69 9.29 -7.53
N LEU C 101 -58.75 9.24 -8.86
CA LEU C 101 -59.60 10.17 -9.60
C LEU C 101 -61.07 9.87 -9.36
N MET C 102 -61.47 8.62 -9.56
CA MET C 102 -62.87 8.22 -9.44
C MET C 102 -63.20 7.81 -8.01
N ASN C 103 -62.51 6.79 -7.50
CA ASN C 103 -62.71 6.34 -6.14
C ASN C 103 -61.73 7.05 -5.21
N ASP C 104 -61.90 6.80 -3.91
CA ASP C 104 -61.09 7.41 -2.84
C ASP C 104 -61.07 8.94 -3.00
N ASP C 105 -62.21 9.54 -2.64
CA ASP C 105 -62.39 10.98 -2.66
C ASP C 105 -61.58 11.73 -1.61
N SER C 106 -60.92 11.01 -0.69
CA SER C 106 -60.16 11.64 0.39
C SER C 106 -58.79 12.17 -0.07
N ILE C 107 -58.41 12.00 -1.32
CA ILE C 107 -57.16 12.50 -1.86
C ILE C 107 -57.45 13.70 -2.74
N GLU C 108 -56.76 14.81 -2.48
CA GLU C 108 -56.97 16.07 -3.19
C GLU C 108 -56.08 16.19 -4.43
N ASN C 109 -54.77 16.02 -4.26
CA ASN C 109 -53.82 16.16 -5.35
C ASN C 109 -52.97 14.90 -5.46
N ILE C 110 -52.44 14.67 -6.66
CA ILE C 110 -51.61 13.51 -6.96
C ILE C 110 -50.28 14.01 -7.51
N PHE C 111 -49.19 13.45 -7.00
CA PHE C 111 -47.85 13.84 -7.40
C PHE C 111 -47.06 12.62 -7.85
N VAL C 112 -46.47 12.70 -9.03
CA VAL C 112 -45.60 11.65 -9.56
C VAL C 112 -44.16 12.10 -9.37
N CYS C 113 -43.33 11.23 -8.80
CA CYS C 113 -41.97 11.61 -8.45
C CYS C 113 -41.06 10.40 -8.28
N GLY C 114 -41.32 9.33 -9.02
CA GLY C 114 -40.67 8.06 -8.72
C GLY C 114 -39.79 7.44 -9.78
N GLY C 115 -38.78 8.18 -10.23
CA GLY C 115 -37.75 7.61 -11.07
C GLY C 115 -38.11 7.60 -12.55
N GLU C 116 -37.12 7.22 -13.36
CA GLU C 116 -37.23 7.31 -14.81
C GLU C 116 -38.36 6.44 -15.34
N SER C 117 -38.51 5.23 -14.80
CA SER C 117 -39.55 4.32 -15.30
C SER C 117 -40.94 4.89 -15.08
N ILE C 118 -41.21 5.42 -13.89
CA ILE C 118 -42.54 5.96 -13.59
C ILE C 118 -42.74 7.28 -14.33
N TYR C 119 -41.69 8.10 -14.44
CA TYR C 119 -41.80 9.34 -15.20
C TYR C 119 -42.16 9.06 -16.66
N ARG C 120 -41.43 8.13 -17.28
CA ARG C 120 -41.65 7.84 -18.70
C ARG C 120 -43.03 7.24 -18.94
N ASP C 121 -43.49 6.38 -18.03
CA ASP C 121 -44.82 5.78 -18.19
C ASP C 121 -45.92 6.82 -17.96
N ALA C 122 -45.70 7.76 -17.04
CA ALA C 122 -46.71 8.77 -16.77
C ALA C 122 -46.80 9.78 -17.91
N LEU C 123 -45.71 10.01 -18.62
CA LEU C 123 -45.74 10.92 -19.77
C LEU C 123 -46.22 10.23 -21.03
N LYS C 124 -45.91 8.94 -21.21
CA LYS C 124 -46.34 8.23 -22.40
C LYS C 124 -47.86 8.03 -22.42
N ASP C 125 -48.48 7.92 -21.24
CA ASP C 125 -49.92 7.72 -21.15
C ASP C 125 -50.68 9.02 -20.91
N ASN C 126 -50.00 10.16 -20.94
CA ASN C 126 -50.63 11.48 -20.85
C ASN C 126 -51.45 11.63 -19.58
N PHE C 127 -50.90 11.18 -18.45
CA PHE C 127 -51.52 11.32 -17.15
C PHE C 127 -51.11 12.60 -16.42
N VAL C 128 -50.09 13.30 -16.92
CA VAL C 128 -49.46 14.39 -16.19
C VAL C 128 -50.05 15.71 -16.66
N ASP C 129 -50.41 16.58 -15.71
CA ASP C 129 -50.92 17.92 -16.01
C ASP C 129 -49.87 19.01 -15.80
N ARG C 130 -49.07 18.90 -14.75
CA ARG C 130 -48.08 19.90 -14.41
C ARG C 130 -46.72 19.24 -14.20
N ILE C 131 -45.66 20.03 -14.34
CA ILE C 131 -44.30 19.55 -14.11
C ILE C 131 -43.56 20.60 -13.29
N TYR C 132 -43.07 20.20 -12.12
CA TYR C 132 -42.23 21.04 -11.28
C TYR C 132 -40.78 20.57 -11.45
N LEU C 133 -40.01 21.30 -12.23
CA LEU C 133 -38.64 20.92 -12.56
C LEU C 133 -37.66 21.78 -11.77
N THR C 134 -36.68 21.12 -11.15
CA THR C 134 -35.59 21.79 -10.47
C THR C 134 -34.32 21.52 -11.27
N ARG C 135 -33.90 22.50 -12.06
CA ARG C 135 -32.72 22.37 -12.90
C ARG C 135 -31.47 22.58 -12.06
N VAL C 136 -30.57 21.60 -12.06
CA VAL C 136 -29.34 21.64 -11.27
C VAL C 136 -28.16 21.78 -12.23
N ALA C 137 -27.25 22.70 -11.91
CA ALA C 137 -26.12 23.00 -12.79
C ALA C 137 -24.94 22.09 -12.46
N LEU C 138 -25.12 20.81 -12.81
CA LEU C 138 -24.09 19.79 -12.63
C LEU C 138 -24.16 18.84 -13.82
N GLU C 139 -23.06 18.74 -14.57
CA GLU C 139 -23.10 17.94 -15.79
C GLU C 139 -21.88 17.03 -15.96
N ASP C 140 -20.73 17.44 -15.44
CA ASP C 140 -19.51 16.63 -15.59
C ASP C 140 -19.39 15.57 -14.50
N ILE C 141 -20.48 14.89 -14.19
CA ILE C 141 -20.51 13.79 -13.24
C ILE C 141 -21.23 12.61 -13.89
N GLU C 142 -21.27 11.48 -13.18
CA GLU C 142 -21.84 10.26 -13.73
C GLU C 142 -23.31 10.13 -13.38
N PHE C 143 -24.11 9.71 -14.36
CA PHE C 143 -25.52 9.44 -14.16
C PHE C 143 -25.84 8.04 -14.70
N ASP C 144 -26.84 7.41 -14.09
CA ASP C 144 -27.42 6.18 -14.62
C ASP C 144 -28.93 6.24 -14.75
N THR C 145 -29.56 7.33 -14.33
CA THR C 145 -31.00 7.52 -14.41
C THR C 145 -31.30 8.95 -14.84
N TYR C 146 -32.09 9.09 -15.89
CA TYR C 146 -32.35 10.39 -16.49
C TYR C 146 -33.85 10.68 -16.50
N PHE C 147 -34.18 11.97 -16.56
CA PHE C 147 -35.57 12.40 -16.71
C PHE C 147 -35.90 12.51 -18.20
N PRO C 148 -37.04 11.97 -18.64
CA PRO C 148 -37.35 11.98 -20.07
C PRO C 148 -37.46 13.39 -20.62
N GLU C 149 -37.19 13.52 -21.92
CA GLU C 149 -37.35 14.81 -22.59
C GLU C 149 -38.80 15.25 -22.50
N ILE C 150 -39.01 16.49 -22.10
CA ILE C 150 -40.37 17.01 -21.90
C ILE C 150 -41.09 17.06 -23.25
N PRO C 151 -42.25 16.43 -23.38
CA PRO C 151 -42.94 16.43 -24.68
C PRO C 151 -43.38 17.83 -25.08
N GLU C 152 -43.56 18.01 -26.39
CA GLU C 152 -43.94 19.30 -26.95
C GLU C 152 -45.31 19.78 -26.50
N THR C 153 -46.12 18.89 -25.90
CA THR C 153 -47.43 19.29 -25.40
C THR C 153 -47.33 20.12 -24.11
N PHE C 154 -46.14 20.25 -23.53
CA PHE C 154 -45.94 21.07 -22.35
C PHE C 154 -45.22 22.35 -22.71
N LEU C 155 -45.57 23.44 -22.01
CA LEU C 155 -44.91 24.72 -22.20
C LEU C 155 -44.53 25.31 -20.85
N PRO C 156 -43.37 25.94 -20.74
CA PRO C 156 -42.98 26.57 -19.48
C PRO C 156 -43.81 27.80 -19.19
N VAL C 157 -44.23 27.94 -17.94
CA VAL C 157 -45.01 29.08 -17.47
C VAL C 157 -44.33 29.83 -16.34
N TYR C 158 -43.20 29.34 -15.85
CA TYR C 158 -42.51 29.97 -14.73
C TYR C 158 -41.05 29.52 -14.71
N MET C 159 -40.16 30.47 -14.43
CA MET C 159 -38.74 30.18 -14.25
C MET C 159 -38.22 31.08 -13.14
N SER C 160 -37.83 30.48 -12.01
CA SER C 160 -37.41 31.25 -10.85
C SER C 160 -36.02 31.84 -11.06
N GLN C 161 -35.61 32.67 -10.10
CA GLN C 161 -34.24 33.16 -10.10
C GLN C 161 -33.28 32.03 -9.74
N THR C 162 -32.01 32.26 -10.03
CA THR C 162 -30.98 31.27 -9.73
C THR C 162 -30.62 31.32 -8.25
N PHE C 163 -30.64 30.16 -7.60
CA PHE C 163 -30.23 30.01 -6.21
C PHE C 163 -28.92 29.25 -6.12
N CYS C 164 -28.27 29.35 -4.96
CA CYS C 164 -26.97 28.74 -4.74
C CYS C 164 -26.96 27.97 -3.42
N THR C 165 -26.48 26.73 -3.47
CA THR C 165 -26.26 25.92 -2.27
C THR C 165 -24.95 25.18 -2.46
N LYS C 166 -23.96 25.49 -1.63
CA LYS C 166 -22.63 24.88 -1.70
C LYS C 166 -22.03 25.02 -3.10
N ASN C 167 -22.08 26.25 -3.63
CA ASN C 167 -21.55 26.60 -4.94
C ASN C 167 -22.26 25.89 -6.10
N ILE C 168 -23.45 25.35 -5.85
CA ILE C 168 -24.24 24.69 -6.89
C ILE C 168 -25.42 25.59 -7.24
N SER C 169 -25.52 25.94 -8.52
CA SER C 169 -26.62 26.78 -9.00
C SER C 169 -27.80 25.93 -9.40
N TYR C 170 -29.01 26.40 -9.08
CA TYR C 170 -30.21 25.67 -9.45
C TYR C 170 -31.39 26.63 -9.60
N ASP C 171 -32.36 26.21 -10.41
CA ASP C 171 -33.56 26.97 -10.75
C ASP C 171 -34.81 26.19 -10.35
N PHE C 172 -35.96 26.83 -10.53
CA PHE C 172 -37.26 26.20 -10.34
C PHE C 172 -38.16 26.61 -11.49
N MET C 173 -38.70 25.63 -12.21
CA MET C 173 -39.55 25.89 -13.36
C MET C 173 -40.85 25.11 -13.23
N ILE C 174 -41.89 25.62 -13.89
CA ILE C 174 -43.20 24.98 -13.94
C ILE C 174 -43.58 24.83 -15.41
N PHE C 175 -44.05 23.64 -15.78
CA PHE C 175 -44.51 23.35 -17.13
C PHE C 175 -45.98 22.95 -17.10
N GLU C 176 -46.77 23.51 -18.02
CA GLU C 176 -48.19 23.23 -18.12
C GLU C 176 -48.51 22.61 -19.47
N LYS C 177 -49.44 21.66 -19.46
CA LYS C 177 -49.90 21.03 -20.69
C LYS C 177 -51.01 21.90 -21.29
N GLN C 178 -50.80 22.37 -22.51
CA GLN C 178 -51.76 23.25 -23.16
C GLN C 178 -52.96 22.45 -23.68
N GLU C 179 -54.13 23.08 -23.62
CA GLU C 179 -55.37 22.45 -24.07
C GLU C 179 -55.96 23.19 -25.26
N LEU C 193 -58.14 43.35 -16.12
CA LEU C 193 -59.50 42.81 -16.14
C LEU C 193 -59.84 42.37 -17.57
N LYS C 194 -61.07 42.65 -17.97
CA LYS C 194 -61.57 42.43 -19.32
C LYS C 194 -61.70 43.76 -20.06
N SER C 195 -62.46 44.70 -19.50
CA SER C 195 -62.75 45.97 -20.12
C SER C 195 -61.63 46.99 -19.96
N ILE C 196 -60.67 46.73 -19.07
CA ILE C 196 -59.54 47.64 -18.94
C ILE C 196 -58.72 47.62 -20.21
N ASP C 197 -58.47 46.43 -20.76
CA ASP C 197 -57.70 46.31 -22.00
C ASP C 197 -58.44 46.95 -23.17
N ASP C 198 -59.76 46.80 -23.23
CA ASP C 198 -60.53 47.40 -24.32
C ASP C 198 -60.46 48.92 -24.26
N THR C 199 -60.63 49.49 -23.08
CA THR C 199 -60.59 50.95 -22.94
C THR C 199 -59.21 51.49 -23.30
N VAL C 200 -58.15 50.79 -22.88
CA VAL C 200 -56.80 51.23 -23.22
C VAL C 200 -56.56 51.13 -24.73
N ASP C 201 -57.09 50.08 -25.37
CA ASP C 201 -56.97 49.97 -26.81
C ASP C 201 -57.72 51.08 -27.52
N LEU C 202 -58.91 51.42 -27.03
CA LEU C 202 -59.68 52.50 -27.62
C LEU C 202 -58.95 53.83 -27.48
N LEU C 203 -58.38 54.10 -26.30
CA LEU C 203 -57.59 55.31 -26.11
C LEU C 203 -56.36 55.31 -27.01
N GLY C 204 -55.78 54.14 -27.27
CA GLY C 204 -54.66 54.04 -28.18
C GLY C 204 -55.02 54.26 -29.63
N GLU C 205 -56.28 53.99 -30.00
CA GLU C 205 -56.75 54.29 -31.35
C GLU C 205 -56.99 55.78 -31.53
N ILE C 206 -57.49 56.45 -30.49
CA ILE C 206 -57.79 57.87 -30.59
C ILE C 206 -56.52 58.69 -30.65
N PHE C 207 -55.63 58.50 -29.67
CA PHE C 207 -54.34 59.18 -29.63
C PHE C 207 -53.31 58.23 -30.23
N GLY C 208 -52.67 58.65 -31.32
CA GLY C 208 -51.75 57.76 -32.01
C GLY C 208 -50.54 57.46 -31.17
N ILE C 209 -49.57 58.38 -31.15
CA ILE C 209 -48.42 58.27 -30.28
C ILE C 209 -48.44 59.35 -29.21
N ARG C 210 -49.55 60.08 -29.10
CA ARG C 210 -49.71 61.01 -27.98
C ARG C 210 -49.89 60.28 -26.66
N LYS C 211 -50.35 59.03 -26.69
CA LYS C 211 -50.44 58.18 -25.52
C LYS C 211 -49.09 57.48 -25.32
N MET C 212 -48.48 57.69 -24.16
CA MET C 212 -47.12 57.19 -23.93
C MET C 212 -47.06 55.67 -24.00
N GLY C 213 -48.18 54.98 -23.71
CA GLY C 213 -48.20 53.55 -23.82
C GLY C 213 -47.89 53.05 -25.22
N ASN C 214 -48.32 53.79 -26.25
CA ASN C 214 -48.03 53.40 -27.62
C ASN C 214 -46.56 53.62 -27.99
N ARG C 215 -45.86 54.52 -27.30
CA ARG C 215 -44.42 54.68 -27.51
C ARG C 215 -43.61 53.61 -26.78
N HIS C 216 -44.25 52.86 -25.87
CA HIS C 216 -43.61 51.75 -25.16
C HIS C 216 -44.49 50.52 -25.35
N LYS C 217 -44.64 50.10 -26.61
CA LYS C 217 -45.49 48.95 -26.91
C LYS C 217 -44.89 47.66 -26.38
N PHE C 218 -45.76 46.75 -25.96
CA PHE C 218 -45.31 45.46 -25.50
C PHE C 218 -44.77 44.63 -26.66
N PRO C 219 -43.64 43.94 -26.49
CA PRO C 219 -43.04 43.22 -27.60
C PRO C 219 -43.97 42.13 -28.14
N LYS C 220 -43.94 41.95 -29.46
CA LYS C 220 -44.72 40.91 -30.10
C LYS C 220 -44.15 39.53 -29.76
N GLU C 221 -45.00 38.51 -29.95
CA GLU C 221 -44.63 37.15 -29.56
C GLU C 221 -43.43 36.63 -30.35
N GLU C 222 -43.30 37.04 -31.62
CA GLU C 222 -42.23 36.52 -32.46
C GLU C 222 -40.85 36.98 -32.02
N ILE C 223 -40.76 38.01 -31.19
CA ILE C 223 -39.49 38.52 -30.70
C ILE C 223 -39.39 38.43 -29.18
N TYR C 224 -40.27 37.66 -28.56
CA TYR C 224 -40.33 37.50 -27.12
C TYR C 224 -39.69 36.17 -26.74
N ASN C 225 -38.71 36.21 -25.85
CA ASN C 225 -38.00 35.00 -25.46
C ASN C 225 -38.88 34.12 -24.60
N THR C 226 -39.12 32.87 -25.05
CA THR C 226 -40.01 31.91 -24.41
C THR C 226 -41.34 32.58 -24.06
N PRO C 227 -42.17 32.90 -25.05
CA PRO C 227 -43.37 33.71 -24.78
C PRO C 227 -44.37 33.03 -23.85
N SER C 228 -44.26 31.71 -23.66
CA SER C 228 -45.23 31.00 -22.83
C SER C 228 -45.09 31.34 -21.35
N ILE C 229 -43.94 31.82 -20.90
CA ILE C 229 -43.73 32.24 -19.51
C ILE C 229 -44.19 33.69 -19.42
N ARG C 230 -45.45 33.90 -19.03
CA ARG C 230 -46.00 35.25 -19.03
C ARG C 230 -45.88 35.93 -17.67
N PHE C 231 -46.34 35.30 -16.60
CA PHE C 231 -46.36 35.92 -15.28
C PHE C 231 -45.26 35.42 -14.37
N GLY C 232 -44.36 34.56 -14.85
CA GLY C 232 -43.34 33.98 -14.00
C GLY C 232 -41.93 34.16 -14.52
N ARG C 233 -41.65 35.34 -15.08
CA ARG C 233 -40.33 35.64 -15.62
C ARG C 233 -39.40 36.15 -14.52
N GLU C 234 -39.20 35.31 -13.50
CA GLU C 234 -38.44 35.72 -12.33
C GLU C 234 -36.93 35.71 -12.57
N HIS C 235 -36.45 34.79 -13.41
CA HIS C 235 -35.04 34.72 -13.73
C HIS C 235 -34.57 36.05 -14.31
N TYR C 236 -33.52 36.60 -13.70
CA TYR C 236 -33.08 37.95 -14.01
C TYR C 236 -32.30 38.04 -15.32
N GLU C 237 -32.06 36.92 -16.00
CA GLU C 237 -31.55 37.02 -17.37
C GLU C 237 -32.61 37.62 -18.30
N PHE C 238 -33.88 37.47 -17.94
CA PHE C 238 -34.96 38.10 -18.69
C PHE C 238 -34.85 39.62 -18.68
N GLN C 239 -34.24 40.19 -17.63
CA GLN C 239 -34.06 41.64 -17.58
C GLN C 239 -33.23 42.14 -18.76
N TYR C 240 -32.39 41.28 -19.34
CA TYR C 240 -31.63 41.61 -20.53
C TYR C 240 -32.36 41.24 -21.81
N LEU C 241 -32.97 40.05 -21.84
CA LEU C 241 -33.68 39.60 -23.04
C LEU C 241 -34.87 40.50 -23.34
N ASP C 242 -35.61 40.91 -22.29
CA ASP C 242 -36.74 41.79 -22.50
C ASP C 242 -36.31 43.15 -23.04
N LEU C 243 -35.13 43.64 -22.63
CA LEU C 243 -34.61 44.87 -23.20
C LEU C 243 -34.33 44.73 -24.69
N LEU C 244 -33.76 43.59 -25.10
CA LEU C 244 -33.63 43.28 -26.53
C LEU C 244 -34.99 43.33 -27.22
N SER C 245 -35.97 42.63 -26.65
CA SER C 245 -37.30 42.59 -27.26
C SER C 245 -37.92 43.97 -27.34
N ARG C 246 -37.79 44.77 -26.28
CA ARG C 246 -38.35 46.11 -26.29
C ARG C 246 -37.71 46.98 -27.37
N VAL C 247 -36.40 46.84 -27.57
CA VAL C 247 -35.74 47.59 -28.64
C VAL C 247 -36.25 47.12 -30.00
N LEU C 248 -36.33 45.81 -30.21
CA LEU C 248 -36.83 45.30 -31.48
C LEU C 248 -38.26 45.75 -31.76
N GLU C 249 -39.03 46.04 -30.71
CA GLU C 249 -40.42 46.43 -30.89
C GLU C 249 -40.57 47.93 -31.07
N ASN C 250 -39.81 48.74 -30.35
CA ASN C 250 -40.00 50.19 -30.34
C ASN C 250 -38.77 50.97 -30.80
N GLY C 251 -37.69 50.30 -31.17
CA GLY C 251 -36.47 51.01 -31.50
C GLY C 251 -36.61 51.80 -32.78
N ALA C 252 -36.23 53.08 -32.73
CA ALA C 252 -36.23 53.92 -33.91
C ALA C 252 -34.93 53.74 -34.70
N TYR C 253 -35.06 53.64 -36.02
CA TYR C 253 -33.90 53.48 -36.88
C TYR C 253 -33.16 54.80 -36.97
N ARG C 254 -31.93 54.85 -36.45
CA ARG C 254 -31.18 56.08 -36.33
C ARG C 254 -29.74 55.89 -36.78
N GLU C 255 -29.17 56.94 -37.35
CA GLU C 255 -27.77 56.98 -37.71
C GLU C 255 -26.92 57.40 -36.52
N ASN C 256 -25.62 57.18 -36.61
CA ASN C 256 -24.70 57.54 -35.54
C ASN C 256 -23.33 57.84 -36.14
N ARG C 257 -22.33 57.99 -35.27
CA ARG C 257 -20.99 58.37 -35.72
C ARG C 257 -20.35 57.29 -36.59
N THR C 258 -20.73 56.03 -36.40
CA THR C 258 -20.24 54.96 -37.25
C THR C 258 -21.13 54.80 -38.47
N GLY C 259 -20.66 54.00 -39.43
CA GLY C 259 -21.43 53.74 -40.62
C GLY C 259 -22.57 52.77 -40.47
N ILE C 260 -22.74 52.18 -39.29
CA ILE C 260 -23.75 51.16 -39.03
C ILE C 260 -24.85 51.80 -38.19
N SER C 261 -26.05 51.90 -38.77
CA SER C 261 -27.19 52.46 -38.06
C SER C 261 -27.68 51.51 -36.98
N THR C 262 -28.44 52.05 -36.03
CA THR C 262 -28.95 51.29 -34.89
C THR C 262 -30.45 51.46 -34.77
N TYR C 263 -31.05 50.58 -33.98
CA TYR C 263 -32.42 50.74 -33.48
C TYR C 263 -32.33 51.09 -32.00
N SER C 264 -32.81 52.28 -31.65
CA SER C 264 -32.51 52.87 -30.34
C SER C 264 -33.78 53.27 -29.60
N ILE C 265 -33.75 53.09 -28.28
CA ILE C 265 -34.74 53.63 -27.35
C ILE C 265 -34.00 54.28 -26.20
N PHE C 266 -34.73 55.08 -25.42
CA PHE C 266 -34.14 55.91 -24.38
C PHE C 266 -34.78 55.62 -23.03
N GLY C 267 -33.94 55.46 -22.01
CA GLY C 267 -34.41 55.28 -20.64
C GLY C 267 -34.89 53.87 -20.30
N GLN C 268 -33.96 52.98 -19.96
CA GLN C 268 -34.28 51.61 -19.61
C GLN C 268 -33.55 51.20 -18.34
N MET C 269 -33.95 50.06 -17.78
CA MET C 269 -33.45 49.59 -16.50
C MET C 269 -33.33 48.07 -16.50
N MET C 270 -32.24 47.59 -15.89
CA MET C 270 -32.03 46.16 -15.69
C MET C 270 -31.63 45.92 -14.24
N ARG C 271 -32.14 44.84 -13.66
CA ARG C 271 -31.90 44.49 -12.26
C ARG C 271 -31.36 43.07 -12.19
N PHE C 272 -30.32 42.88 -11.38
CA PHE C 272 -29.69 41.57 -11.25
C PHE C 272 -29.40 41.28 -9.78
N ASP C 273 -29.55 40.01 -9.41
CA ASP C 273 -29.17 39.54 -8.10
C ASP C 273 -27.72 39.04 -8.13
N MET C 274 -27.00 39.30 -7.04
CA MET C 274 -25.64 38.81 -6.88
C MET C 274 -25.42 38.04 -5.59
N ARG C 275 -26.46 37.86 -4.77
CA ARG C 275 -26.31 37.12 -3.52
C ARG C 275 -26.25 35.62 -3.76
N GLU C 276 -27.04 35.10 -4.69
CA GLU C 276 -27.14 33.67 -4.93
C GLU C 276 -26.69 33.25 -6.32
N SER C 277 -26.18 34.17 -7.14
CA SER C 277 -25.78 33.84 -8.50
C SER C 277 -24.90 34.95 -9.04
N PHE C 278 -24.37 34.74 -10.25
CA PHE C 278 -23.54 35.73 -10.93
C PHE C 278 -24.16 36.06 -12.28
N PRO C 279 -24.47 37.33 -12.56
CA PRO C 279 -25.22 37.66 -13.79
C PRO C 279 -24.40 37.54 -15.06
N LEU C 280 -23.96 36.33 -15.39
CA LEU C 280 -23.30 36.05 -16.66
C LEU C 280 -24.29 35.34 -17.57
N LEU C 281 -24.57 35.95 -18.73
CA LEU C 281 -25.63 35.47 -19.60
C LEU C 281 -25.38 34.02 -20.03
N THR C 282 -26.45 33.22 -20.02
CA THR C 282 -26.37 31.83 -20.44
C THR C 282 -26.83 31.61 -21.87
N THR C 283 -27.61 32.51 -22.45
CA THR C 283 -28.05 32.37 -23.83
C THR C 283 -26.93 32.59 -24.83
N LYS C 284 -25.70 32.79 -24.36
CA LYS C 284 -24.55 33.06 -25.22
C LYS C 284 -23.26 32.92 -24.42
N LYS C 285 -22.27 32.22 -24.95
CA LYS C 285 -20.99 32.09 -24.26
C LYS C 285 -20.28 33.45 -24.26
N VAL C 286 -20.04 33.98 -23.07
CA VAL C 286 -19.44 35.30 -22.90
C VAL C 286 -17.99 35.12 -22.45
N ALA C 287 -17.08 35.84 -23.11
CA ALA C 287 -15.67 35.77 -22.78
C ALA C 287 -15.41 36.39 -21.42
N ILE C 288 -15.52 35.59 -20.36
CA ILE C 288 -15.36 36.12 -19.01
C ILE C 288 -13.92 36.57 -18.76
N ARG C 289 -12.95 35.90 -19.38
CA ARG C 289 -11.55 36.25 -19.14
C ARG C 289 -11.23 37.65 -19.66
N SER C 290 -11.74 38.00 -20.84
CA SER C 290 -11.52 39.33 -21.39
C SER C 290 -12.19 40.39 -20.52
N ILE C 291 -13.36 40.07 -19.96
CA ILE C 291 -14.05 41.00 -19.07
C ILE C 291 -13.20 41.30 -17.84
N PHE C 292 -12.66 40.27 -17.20
CA PHE C 292 -11.84 40.47 -16.01
C PHE C 292 -10.59 41.28 -16.35
N GLU C 293 -9.93 40.95 -17.46
CA GLU C 293 -8.70 41.63 -17.81
C GLU C 293 -8.94 43.11 -18.08
N GLU C 294 -10.09 43.43 -18.69
CA GLU C 294 -10.44 44.83 -18.89
C GLU C 294 -10.69 45.53 -17.55
N LEU C 295 -11.37 44.85 -16.62
CA LEU C 295 -11.69 45.47 -15.34
C LEU C 295 -10.44 45.72 -14.51
N ILE C 296 -9.55 44.73 -14.43
CA ILE C 296 -8.30 44.91 -13.68
C ILE C 296 -7.41 45.91 -14.39
N TRP C 297 -7.55 46.03 -15.71
CA TRP C 297 -6.85 47.08 -16.45
C TRP C 297 -7.35 48.46 -16.03
N PHE C 298 -8.66 48.59 -15.81
CA PHE C 298 -9.21 49.83 -15.29
C PHE C 298 -8.73 50.10 -13.87
N ILE C 299 -8.81 49.09 -12.99
CA ILE C 299 -8.53 49.30 -11.58
C ILE C 299 -7.09 49.74 -11.36
N LYS C 300 -6.15 49.15 -12.11
CA LYS C 300 -4.75 49.52 -11.96
C LYS C 300 -4.44 50.94 -12.44
N GLY C 301 -5.42 51.64 -13.01
CA GLY C 301 -5.19 52.97 -13.52
C GLY C 301 -4.49 53.03 -14.85
N ASP C 302 -4.52 51.93 -15.60
CA ASP C 302 -3.73 51.80 -16.81
C ASP C 302 -4.53 52.29 -18.02
N THR C 303 -3.86 53.04 -18.90
CA THR C 303 -4.43 53.48 -20.16
C THR C 303 -3.69 52.91 -21.36
N ASN C 304 -2.79 51.95 -21.14
CA ASN C 304 -1.99 51.36 -22.20
C ASN C 304 -2.79 50.24 -22.86
N GLY C 305 -3.20 50.46 -24.11
CA GLY C 305 -3.95 49.46 -24.85
C GLY C 305 -3.13 48.25 -25.24
N ASN C 306 -1.81 48.39 -25.31
CA ASN C 306 -0.97 47.25 -25.65
C ASN C 306 -0.97 46.19 -24.56
N HIS C 307 -1.11 46.60 -23.29
CA HIS C 307 -1.14 45.63 -22.20
C HIS C 307 -2.34 44.70 -22.33
N LEU C 308 -3.43 45.17 -22.92
CA LEU C 308 -4.56 44.29 -23.20
C LEU C 308 -4.29 43.43 -24.44
N ILE C 309 -3.68 44.01 -25.46
CA ILE C 309 -3.36 43.24 -26.67
C ILE C 309 -2.28 42.21 -26.38
N GLU C 310 -1.35 42.52 -25.48
CA GLU C 310 -0.31 41.56 -25.11
C GLU C 310 -0.87 40.37 -24.34
N LYS C 311 -2.06 40.51 -23.76
CA LYS C 311 -2.71 39.42 -23.04
C LYS C 311 -3.83 38.78 -23.86
N LYS C 312 -3.76 38.90 -25.18
CA LYS C 312 -4.74 38.28 -26.10
C LYS C 312 -6.17 38.78 -25.83
N VAL C 313 -6.29 40.09 -25.58
CA VAL C 313 -7.58 40.74 -25.39
C VAL C 313 -7.65 41.87 -26.41
N TYR C 314 -8.59 41.75 -27.36
CA TYR C 314 -8.64 42.63 -28.52
C TYR C 314 -9.92 43.47 -28.56
N ILE C 315 -10.50 43.76 -27.40
CA ILE C 315 -11.74 44.54 -27.38
C ILE C 315 -11.49 46.03 -27.59
N TRP C 316 -10.29 46.52 -27.28
CA TRP C 316 -9.95 47.92 -27.48
C TRP C 316 -9.01 48.12 -28.67
N SER C 317 -8.99 47.17 -29.60
CA SER C 317 -8.12 47.31 -30.77
C SER C 317 -8.76 48.21 -31.83
N GLY C 318 -10.09 48.12 -31.99
CA GLY C 318 -10.74 48.93 -33.00
C GLY C 318 -10.70 50.42 -32.68
N ASN C 319 -10.96 50.78 -31.43
CA ASN C 319 -10.93 52.17 -31.01
C ASN C 319 -9.52 52.67 -30.68
N GLY C 320 -8.50 51.87 -30.98
CA GLY C 320 -7.13 52.27 -30.73
C GLY C 320 -6.21 51.90 -31.87
N SER C 321 -6.58 52.25 -33.09
CA SER C 321 -5.77 52.03 -34.27
C SER C 321 -5.25 53.36 -34.82
N LYS C 322 -4.25 53.26 -35.70
CA LYS C 322 -3.68 54.46 -36.30
C LYS C 322 -4.72 55.21 -37.13
N GLU C 323 -5.53 54.47 -37.89
CA GLU C 323 -6.54 55.12 -38.73
C GLU C 323 -7.64 55.76 -37.89
N TYR C 324 -8.10 55.07 -36.84
CA TYR C 324 -9.16 55.61 -36.00
C TYR C 324 -8.67 56.82 -35.21
N LEU C 325 -7.45 56.75 -34.68
CA LEU C 325 -6.92 57.87 -33.91
C LEU C 325 -6.71 59.10 -34.79
N GLU C 326 -6.20 58.90 -36.01
CA GLU C 326 -6.05 60.01 -36.93
C GLU C 326 -7.39 60.56 -37.40
N ARG C 327 -8.42 59.71 -37.47
CA ARG C 327 -9.72 60.16 -37.95
C ARG C 327 -10.40 61.09 -36.95
N ILE C 328 -10.26 60.80 -35.65
CA ILE C 328 -10.91 61.59 -34.63
C ILE C 328 -10.01 62.75 -34.20
N GLY C 329 -8.90 62.93 -34.92
CA GLY C 329 -8.02 64.05 -34.68
C GLY C 329 -6.99 63.83 -33.60
N LEU C 330 -6.54 62.60 -33.39
CA LEU C 330 -5.50 62.28 -32.42
C LEU C 330 -4.35 61.53 -33.09
N GLY C 331 -3.96 61.97 -34.28
CA GLY C 331 -2.88 61.32 -35.01
C GLY C 331 -1.53 61.44 -34.36
N HIS C 332 -1.36 62.40 -33.44
CA HIS C 332 -0.11 62.56 -32.70
C HIS C 332 0.13 61.46 -31.67
N ARG C 333 -0.88 60.65 -31.37
CA ARG C 333 -0.77 59.63 -30.35
C ARG C 333 -0.11 58.37 -30.88
N GLU C 334 0.40 57.56 -29.94
CA GLU C 334 0.89 56.23 -30.26
C GLU C 334 -0.28 55.34 -30.68
N GLU C 335 0.06 54.13 -31.15
CA GLU C 335 -0.94 53.26 -31.79
C GLU C 335 -2.11 52.99 -30.87
N ASN C 336 -1.85 52.51 -29.67
CA ASN C 336 -2.91 52.10 -28.74
C ASN C 336 -2.99 52.99 -27.52
N ASP C 337 -2.54 54.25 -27.62
CA ASP C 337 -2.64 55.19 -26.52
C ASP C 337 -4.07 55.73 -26.50
N LEU C 338 -4.93 55.06 -25.72
CA LEU C 338 -6.34 55.41 -25.70
C LEU C 338 -6.60 56.75 -25.01
N GLY C 339 -5.64 57.26 -24.24
CA GLY C 339 -5.81 58.52 -23.57
C GLY C 339 -6.46 58.37 -22.21
N PRO C 340 -6.75 59.49 -21.56
CA PRO C 340 -7.34 59.42 -20.22
C PRO C 340 -8.78 58.94 -20.25
N ILE C 341 -8.99 57.66 -19.98
CA ILE C 341 -10.31 57.04 -20.10
C ILE C 341 -10.65 56.40 -18.77
N TYR C 342 -11.46 55.33 -18.81
CA TYR C 342 -11.75 54.58 -17.59
C TYR C 342 -10.45 54.23 -16.88
N GLY C 343 -10.52 54.16 -15.54
CA GLY C 343 -9.36 53.91 -14.73
C GLY C 343 -8.37 55.05 -14.61
N PHE C 344 -8.35 55.99 -15.56
CA PHE C 344 -7.52 57.17 -15.37
C PHE C 344 -8.29 58.24 -14.62
N GLN C 345 -9.59 58.34 -14.85
CA GLN C 345 -10.43 59.18 -14.02
C GLN C 345 -10.73 58.52 -12.68
N TRP C 346 -10.59 57.20 -12.60
CA TRP C 346 -10.79 56.48 -11.34
C TRP C 346 -9.64 56.74 -10.38
N ARG C 347 -8.40 56.76 -10.88
CA ARG C 347 -7.21 56.86 -10.04
C ARG C 347 -6.54 58.23 -10.09
N HIS C 348 -6.67 58.96 -11.20
CA HIS C 348 -6.02 60.26 -11.36
C HIS C 348 -6.99 61.24 -12.03
N TYR C 349 -8.09 61.52 -11.34
CA TYR C 349 -9.09 62.43 -11.89
C TYR C 349 -8.55 63.85 -11.95
N ASN C 350 -8.85 64.54 -13.05
CA ASN C 350 -8.39 65.91 -13.32
C ASN C 350 -6.88 66.01 -13.45
N GLY C 351 -6.19 64.89 -13.64
CA GLY C 351 -4.75 64.92 -13.80
C GLY C 351 -4.37 65.29 -15.23
N GLU C 352 -3.33 66.11 -15.36
CA GLU C 352 -2.85 66.54 -16.66
C GLU C 352 -2.26 65.34 -17.38
N TYR C 353 -2.94 64.89 -18.43
CA TYR C 353 -2.50 63.72 -19.18
C TYR C 353 -1.43 64.10 -20.19
N LYS C 354 -0.39 63.27 -20.27
CA LYS C 354 0.68 63.50 -21.24
C LYS C 354 0.72 62.36 -22.26
N THR C 355 1.32 61.23 -21.89
CA THR C 355 1.37 60.04 -22.73
C THR C 355 1.03 58.82 -21.88
N MET C 356 1.01 57.66 -22.53
CA MET C 356 0.67 56.39 -21.87
C MET C 356 1.83 55.82 -21.06
N HIS C 357 3.03 56.38 -21.19
CA HIS C 357 4.20 55.82 -20.53
C HIS C 357 4.62 56.59 -19.28
N ASP C 358 4.12 57.80 -19.08
CA ASP C 358 4.56 58.59 -17.94
C ASP C 358 4.03 58.02 -16.64
N ASP C 359 4.65 58.43 -15.53
CA ASP C 359 4.27 57.97 -14.21
C ASP C 359 3.29 58.95 -13.60
N TYR C 360 2.08 58.48 -13.29
CA TYR C 360 1.01 59.32 -12.75
C TYR C 360 0.71 59.01 -11.29
N THR C 361 1.62 58.33 -10.59
CA THR C 361 1.40 57.99 -9.19
C THR C 361 1.40 59.26 -8.35
N GLY C 362 0.25 59.58 -7.75
CA GLY C 362 0.09 60.74 -6.90
C GLY C 362 -0.61 61.91 -7.55
N VAL C 363 -0.74 61.92 -8.89
CA VAL C 363 -1.39 63.02 -9.59
C VAL C 363 -2.90 62.77 -9.63
N GLY C 364 -3.66 63.86 -9.60
CA GLY C 364 -5.10 63.77 -9.69
C GLY C 364 -5.74 63.21 -8.44
N VAL C 365 -7.05 63.08 -8.50
CA VAL C 365 -7.85 62.55 -7.39
C VAL C 365 -8.03 61.05 -7.59
N ASP C 366 -7.72 60.27 -6.56
CA ASP C 366 -7.88 58.82 -6.59
C ASP C 366 -9.27 58.51 -6.05
N GLN C 367 -10.24 58.42 -6.97
CA GLN C 367 -11.61 58.14 -6.55
C GLN C 367 -11.74 56.74 -5.96
N LEU C 368 -11.05 55.76 -6.54
CA LEU C 368 -11.22 54.39 -6.09
C LEU C 368 -10.73 54.21 -4.66
N ALA C 369 -9.59 54.82 -4.32
CA ALA C 369 -9.07 54.73 -2.95
C ALA C 369 -10.01 55.43 -1.97
N LYS C 370 -10.44 56.65 -2.32
CA LYS C 370 -11.39 57.37 -1.47
C LYS C 370 -12.70 56.61 -1.36
N LEU C 371 -13.13 55.95 -2.44
CA LEU C 371 -14.36 55.16 -2.40
C LEU C 371 -14.23 54.00 -1.42
N ILE C 372 -13.13 53.26 -1.50
CA ILE C 372 -12.92 52.13 -0.60
C ILE C 372 -12.83 52.61 0.85
N GLU C 373 -12.09 53.69 1.08
CA GLU C 373 -11.95 54.22 2.44
C GLU C 373 -13.29 54.65 3.00
N THR C 374 -14.13 55.28 2.18
CA THR C 374 -15.45 55.70 2.66
C THR C 374 -16.39 54.50 2.87
N LEU C 375 -16.23 53.44 2.06
CA LEU C 375 -17.13 52.29 2.17
C LEU C 375 -16.96 51.57 3.51
N LYS C 376 -15.73 51.47 4.01
CA LYS C 376 -15.50 50.77 5.27
C LYS C 376 -15.51 51.68 6.49
N ASN C 377 -15.29 52.98 6.32
CA ASN C 377 -15.29 53.91 7.45
C ASN C 377 -16.65 54.53 7.68
N ASN C 378 -17.41 54.80 6.62
CA ASN C 378 -18.75 55.39 6.72
C ASN C 378 -19.67 54.65 5.78
N PRO C 379 -20.20 53.49 6.20
CA PRO C 379 -20.99 52.67 5.27
C PRO C 379 -22.32 53.30 4.89
N LYS C 380 -23.00 53.94 5.85
CA LYS C 380 -24.30 54.53 5.58
C LYS C 380 -24.21 55.87 4.86
N ASP C 381 -23.01 56.27 4.41
CA ASP C 381 -22.87 57.48 3.62
C ASP C 381 -23.57 57.33 2.28
N ARG C 382 -24.19 58.42 1.82
CA ARG C 382 -24.96 58.43 0.59
C ARG C 382 -24.19 59.01 -0.59
N ARG C 383 -22.85 59.00 -0.54
CA ARG C 383 -22.02 59.68 -1.53
C ARG C 383 -20.93 58.76 -2.06
N HIS C 384 -21.19 57.45 -2.09
CA HIS C 384 -20.24 56.48 -2.63
C HIS C 384 -20.34 56.50 -4.16
N ILE C 385 -19.75 57.53 -4.75
CA ILE C 385 -19.90 57.82 -6.17
C ILE C 385 -18.56 57.64 -6.87
N LEU C 386 -18.57 56.94 -7.99
CA LEU C 386 -17.41 56.80 -8.87
C LEU C 386 -17.82 57.27 -10.26
N THR C 387 -17.22 58.36 -10.73
CA THR C 387 -17.57 58.95 -12.00
C THR C 387 -16.40 58.89 -12.97
N ALA C 388 -16.74 58.93 -14.26
CA ALA C 388 -15.74 58.95 -15.32
C ALA C 388 -15.94 60.07 -16.32
N TRP C 389 -17.00 60.87 -16.17
CA TRP C 389 -17.30 61.94 -17.11
C TRP C 389 -16.52 63.20 -16.71
N ASN C 390 -15.46 63.50 -17.45
CA ASN C 390 -14.66 64.71 -17.23
C ASN C 390 -14.75 65.60 -18.47
N PRO C 391 -15.57 66.65 -18.43
CA PRO C 391 -15.71 67.52 -19.61
C PRO C 391 -14.41 68.18 -20.05
N SER C 392 -13.43 68.32 -19.15
CA SER C 392 -12.17 68.94 -19.54
C SER C 392 -11.25 68.00 -20.32
N ALA C 393 -11.49 66.69 -20.23
CA ALA C 393 -10.64 65.70 -20.88
C ALA C 393 -11.34 64.94 -21.99
N LEU C 394 -12.59 65.27 -22.31
CA LEU C 394 -13.33 64.51 -23.31
C LEU C 394 -12.66 64.56 -24.67
N SER C 395 -12.11 65.72 -25.05
CA SER C 395 -11.48 65.86 -26.36
C SER C 395 -10.22 65.03 -26.49
N GLN C 396 -9.58 64.67 -25.38
CA GLN C 396 -8.37 63.88 -25.39
C GLN C 396 -8.62 62.37 -25.37
N MET C 397 -9.87 61.95 -25.15
CA MET C 397 -10.19 60.53 -25.05
C MET C 397 -10.41 59.94 -26.43
N ALA C 398 -9.96 58.70 -26.61
CA ALA C 398 -10.27 57.96 -27.84
C ALA C 398 -11.75 57.62 -27.94
N LEU C 399 -12.45 57.55 -26.80
CA LEU C 399 -13.88 57.28 -26.76
C LEU C 399 -14.44 57.77 -25.42
N PRO C 400 -15.50 58.57 -25.44
CA PRO C 400 -16.09 59.04 -24.18
C PRO C 400 -16.62 57.89 -23.34
N PRO C 401 -16.73 58.07 -22.03
CA PRO C 401 -17.18 56.96 -21.17
C PRO C 401 -18.62 56.57 -21.47
N CYS C 402 -18.85 55.25 -21.52
CA CYS C 402 -20.20 54.71 -21.69
C CYS C 402 -20.84 54.40 -20.34
N HIS C 403 -20.19 53.57 -19.53
CA HIS C 403 -20.57 53.43 -18.13
C HIS C 403 -20.01 54.65 -17.41
N VAL C 404 -20.86 55.67 -17.29
CA VAL C 404 -20.41 57.01 -16.94
C VAL C 404 -20.25 57.17 -15.43
N LEU C 405 -21.24 56.74 -14.66
CA LEU C 405 -21.25 56.98 -13.23
C LEU C 405 -21.83 55.77 -12.51
N SER C 406 -21.27 55.47 -11.34
CA SER C 406 -21.72 54.36 -10.53
C SER C 406 -21.82 54.79 -9.07
N GLN C 407 -22.82 54.24 -8.38
CA GLN C 407 -23.04 54.50 -6.97
C GLN C 407 -23.12 53.18 -6.22
N TYR C 408 -22.64 53.19 -4.97
CA TYR C 408 -22.55 51.99 -4.17
C TYR C 408 -23.26 52.20 -2.84
N TYR C 409 -23.84 51.12 -2.32
CA TYR C 409 -24.77 51.17 -1.21
C TYR C 409 -24.52 49.98 -0.30
N VAL C 410 -24.44 50.24 1.00
CA VAL C 410 -24.22 49.21 2.01
C VAL C 410 -25.55 49.00 2.73
N THR C 411 -26.12 47.81 2.58
CA THR C 411 -27.39 47.49 3.22
C THR C 411 -27.19 47.28 4.72
N ASN C 412 -28.32 47.12 5.43
CA ASN C 412 -28.25 46.92 6.86
C ASN C 412 -27.63 45.57 7.22
N ASP C 413 -27.78 44.57 6.35
CA ASP C 413 -27.18 43.26 6.56
C ASP C 413 -25.81 43.13 5.89
N ASN C 414 -25.07 44.23 5.76
CA ASN C 414 -23.69 44.24 5.29
C ASN C 414 -23.55 43.62 3.90
N CYS C 415 -24.40 44.08 2.99
CA CYS C 415 -24.29 43.73 1.57
C CYS C 415 -24.02 44.98 0.76
N LEU C 416 -23.32 44.81 -0.35
CA LEU C 416 -22.89 45.92 -1.20
C LEU C 416 -23.67 45.85 -2.52
N SER C 417 -24.55 46.82 -2.74
CA SER C 417 -25.28 46.96 -3.98
C SER C 417 -24.64 48.04 -4.85
N CYS C 418 -24.94 47.98 -6.14
CA CYS C 418 -24.32 48.87 -7.12
C CYS C 418 -25.37 49.38 -8.10
N ASN C 419 -25.36 50.69 -8.34
CA ASN C 419 -26.14 51.31 -9.41
C ASN C 419 -25.19 51.86 -10.47
N LEU C 420 -25.53 51.65 -11.73
CA LEU C 420 -24.71 52.09 -12.84
C LEU C 420 -25.58 52.82 -13.85
N TYR C 421 -25.16 54.02 -14.26
CA TYR C 421 -25.79 54.73 -15.35
C TYR C 421 -24.93 54.62 -16.59
N GLN C 422 -25.54 54.17 -17.69
CA GLN C 422 -24.86 53.98 -18.96
C GLN C 422 -25.52 54.86 -20.01
N ARG C 423 -24.74 55.81 -20.56
CA ARG C 423 -25.30 56.74 -21.53
C ARG C 423 -25.60 56.08 -22.86
N SER C 424 -24.76 55.14 -23.28
CA SER C 424 -24.93 54.43 -24.53
C SER C 424 -24.59 52.97 -24.31
N CYS C 425 -25.46 52.08 -24.79
CA CYS C 425 -25.36 50.66 -24.49
C CYS C 425 -25.54 49.85 -25.77
N ASP C 426 -24.44 49.30 -26.28
CA ASP C 426 -24.50 48.35 -27.38
C ASP C 426 -24.99 47.02 -26.83
N LEU C 427 -26.27 46.70 -27.07
CA LEU C 427 -26.86 45.51 -26.49
C LEU C 427 -26.28 44.23 -27.07
N GLY C 428 -25.60 44.30 -28.21
CA GLY C 428 -25.03 43.12 -28.83
C GLY C 428 -23.72 42.70 -28.21
N LEU C 429 -22.87 43.67 -27.87
CA LEU C 429 -21.53 43.39 -27.35
C LEU C 429 -21.28 44.01 -25.99
N GLY C 430 -21.49 45.32 -25.85
CA GLY C 430 -21.10 46.01 -24.63
C GLY C 430 -21.93 45.64 -23.42
N SER C 431 -23.23 45.39 -23.61
CA SER C 431 -24.11 45.17 -22.47
C SER C 431 -23.73 43.94 -21.65
N PRO C 432 -23.52 42.75 -22.24
CA PRO C 432 -23.10 41.62 -21.39
C PRO C 432 -21.77 41.85 -20.71
N PHE C 433 -20.83 42.50 -21.39
CA PHE C 433 -19.56 42.84 -20.76
C PHE C 433 -19.77 43.79 -19.59
N ASN C 434 -20.62 44.80 -19.76
CA ASN C 434 -20.85 45.78 -18.69
C ASN C 434 -21.51 45.12 -17.48
N ILE C 435 -22.48 44.24 -17.71
CA ILE C 435 -23.13 43.54 -16.61
C ILE C 435 -22.12 42.74 -15.78
N ALA C 436 -21.35 41.88 -16.46
CA ALA C 436 -20.38 41.06 -15.75
C ALA C 436 -19.25 41.91 -15.14
N SER C 437 -18.83 42.96 -15.84
CA SER C 437 -17.70 43.75 -15.37
C SER C 437 -18.02 44.44 -14.04
N TYR C 438 -19.18 45.11 -13.98
CA TYR C 438 -19.56 45.78 -12.75
C TYR C 438 -20.05 44.79 -11.69
N ALA C 439 -20.47 43.60 -12.09
CA ALA C 439 -20.74 42.55 -11.10
C ALA C 439 -19.44 42.13 -10.42
N ILE C 440 -18.38 41.89 -11.20
CA ILE C 440 -17.08 41.53 -10.63
C ILE C 440 -16.54 42.66 -9.78
N LEU C 441 -16.69 43.90 -10.25
CA LEU C 441 -16.18 45.05 -9.50
C LEU C 441 -16.88 45.19 -8.16
N THR C 442 -18.19 44.98 -8.12
CA THR C 442 -18.90 45.05 -6.84
C THR C 442 -18.44 43.95 -5.90
N MET C 443 -18.20 42.75 -6.43
CA MET C 443 -17.71 41.65 -5.59
C MET C 443 -16.32 41.95 -5.05
N MET C 444 -15.45 42.51 -5.89
CA MET C 444 -14.12 42.89 -5.42
C MET C 444 -14.20 43.94 -4.32
N LEU C 445 -15.00 44.98 -4.54
CA LEU C 445 -15.18 46.00 -3.51
C LEU C 445 -15.78 45.42 -2.24
N ALA C 446 -16.67 44.44 -2.39
CA ALA C 446 -17.30 43.82 -1.22
C ALA C 446 -16.27 43.02 -0.42
N GLN C 447 -15.37 42.31 -1.10
CA GLN C 447 -14.38 41.51 -0.39
C GLN C 447 -13.33 42.39 0.28
N VAL C 448 -12.88 43.44 -0.41
CA VAL C 448 -11.87 44.33 0.15
C VAL C 448 -12.43 45.10 1.35
N CYS C 449 -13.71 45.45 1.31
CA CYS C 449 -14.33 46.17 2.42
C CYS C 449 -14.96 45.25 3.45
N GLY C 450 -15.04 43.95 3.19
CA GLY C 450 -15.60 43.02 4.15
C GLY C 450 -17.10 42.87 4.12
N TYR C 451 -17.72 43.04 2.95
CA TYR C 451 -19.16 42.87 2.80
C TYR C 451 -19.45 41.71 1.85
N GLU C 452 -20.73 41.49 1.61
CA GLU C 452 -21.22 40.50 0.67
C GLU C 452 -21.84 41.17 -0.55
N PRO C 453 -21.85 40.49 -1.71
CA PRO C 453 -22.48 41.10 -2.89
C PRO C 453 -23.98 41.25 -2.70
N GLY C 454 -24.52 42.37 -3.20
CA GLY C 454 -25.93 42.66 -3.06
C GLY C 454 -26.69 42.60 -4.36
N GLU C 455 -27.13 43.75 -4.85
CA GLU C 455 -27.87 43.83 -6.09
C GLU C 455 -27.13 44.71 -7.09
N LEU C 456 -27.47 44.55 -8.37
CA LEU C 456 -26.88 45.33 -9.44
C LEU C 456 -28.00 45.90 -10.29
N ALA C 457 -28.15 47.22 -10.27
CA ALA C 457 -29.11 47.92 -11.11
C ALA C 457 -28.34 48.72 -12.14
N ILE C 458 -28.74 48.59 -13.41
CA ILE C 458 -28.11 49.31 -14.52
C ILE C 458 -29.18 50.18 -15.17
N PHE C 459 -28.95 51.48 -15.19
CA PHE C 459 -29.85 52.44 -15.82
C PHE C 459 -29.22 52.91 -17.13
N ILE C 460 -29.95 52.75 -18.23
CA ILE C 460 -29.43 52.94 -19.57
C ILE C 460 -30.10 54.14 -20.22
N GLY C 461 -29.29 55.01 -20.82
CA GLY C 461 -29.81 56.07 -21.67
C GLY C 461 -30.16 55.57 -23.05
N ASP C 462 -29.19 55.63 -23.97
CA ASP C 462 -29.39 55.21 -25.35
C ASP C 462 -29.12 53.72 -25.46
N ALA C 463 -30.18 52.92 -25.32
CA ALA C 463 -30.10 51.48 -25.52
C ALA C 463 -30.40 51.17 -26.97
N HIS C 464 -29.42 50.59 -27.67
CA HIS C 464 -29.52 50.43 -29.12
C HIS C 464 -29.00 49.06 -29.55
N ILE C 465 -29.44 48.65 -30.72
CA ILE C 465 -29.00 47.41 -31.37
C ILE C 465 -28.48 47.77 -32.76
N TYR C 466 -27.24 47.38 -33.06
CA TYR C 466 -26.69 47.64 -34.38
C TYR C 466 -27.33 46.71 -35.41
N GLU C 467 -27.58 47.27 -36.60
CA GLU C 467 -28.38 46.57 -37.60
C GLU C 467 -27.71 45.30 -38.13
N ASN C 468 -26.39 45.18 -38.01
CA ASN C 468 -25.71 43.96 -38.41
C ASN C 468 -25.73 42.88 -37.33
N HIS C 469 -26.40 43.14 -36.21
CA HIS C 469 -26.59 42.17 -35.15
C HIS C 469 -28.00 41.58 -35.13
N LEU C 470 -28.85 41.98 -36.08
CA LEU C 470 -30.26 41.60 -36.02
C LEU C 470 -30.42 40.08 -36.15
N THR C 471 -29.73 39.47 -37.11
CA THR C 471 -29.83 38.01 -37.26
C THR C 471 -29.27 37.30 -36.04
N GLN C 472 -28.21 37.85 -35.43
CA GLN C 472 -27.59 37.20 -34.29
C GLN C 472 -28.45 37.29 -33.04
N LEU C 473 -28.90 38.50 -32.70
CA LEU C 473 -29.66 38.69 -31.46
C LEU C 473 -31.00 37.96 -31.50
N LYS C 474 -31.64 37.90 -32.67
CA LYS C 474 -32.85 37.09 -32.80
C LYS C 474 -32.56 35.62 -32.53
N GLU C 475 -31.41 35.13 -33.01
CA GLU C 475 -30.99 33.77 -32.68
C GLU C 475 -30.83 33.60 -31.17
N GLN C 476 -30.21 34.57 -30.50
CA GLN C 476 -30.04 34.50 -29.05
C GLN C 476 -31.38 34.51 -28.34
N LEU C 477 -32.41 35.13 -28.93
CA LEU C 477 -33.74 35.17 -28.33
C LEU C 477 -34.49 33.86 -28.47
N SER C 478 -34.02 32.93 -29.30
CA SER C 478 -34.66 31.63 -29.46
C SER C 478 -34.19 30.62 -28.42
N ARG C 479 -33.30 31.01 -27.52
CA ARG C 479 -32.68 30.10 -26.55
C ARG C 479 -33.28 30.36 -25.17
N THR C 480 -33.86 29.32 -24.58
CA THR C 480 -34.42 29.44 -23.24
C THR C 480 -33.30 29.59 -22.22
N PRO C 481 -33.37 30.56 -21.32
CA PRO C 481 -32.26 30.81 -20.38
C PRO C 481 -32.02 29.62 -19.46
N ARG C 482 -30.79 29.55 -18.98
CA ARG C 482 -30.32 28.53 -18.05
C ARG C 482 -29.87 29.19 -16.76
N PRO C 483 -29.75 28.43 -15.67
CA PRO C 483 -29.37 29.04 -14.38
C PRO C 483 -28.04 29.77 -14.47
N PHE C 484 -27.97 30.91 -13.77
CA PHE C 484 -26.74 31.67 -13.70
C PHE C 484 -25.65 30.84 -13.02
N PRO C 485 -24.38 31.07 -13.37
CA PRO C 485 -23.30 30.36 -12.69
C PRO C 485 -22.96 31.00 -11.35
N GLN C 486 -21.89 30.53 -10.72
CA GLN C 486 -21.36 31.13 -9.50
C GLN C 486 -19.94 31.61 -9.75
N LEU C 487 -19.59 32.73 -9.13
CA LEU C 487 -18.24 33.29 -9.23
C LEU C 487 -17.68 33.45 -7.83
N LYS C 488 -16.58 32.75 -7.55
CA LYS C 488 -15.95 32.78 -6.25
C LYS C 488 -14.47 33.14 -6.39
N PHE C 489 -13.96 33.82 -5.36
CA PHE C 489 -12.55 34.17 -5.29
C PHE C 489 -11.80 33.10 -4.50
N LYS C 490 -10.65 32.68 -5.03
CA LYS C 490 -9.90 31.61 -4.39
C LYS C 490 -9.13 32.09 -3.15
N ARG C 491 -8.78 33.37 -3.09
CA ARG C 491 -8.04 33.92 -1.96
C ARG C 491 -8.55 35.31 -1.64
N LYS C 492 -8.29 35.76 -0.42
CA LYS C 492 -8.64 37.10 0.03
C LYS C 492 -7.43 38.01 -0.12
N VAL C 493 -7.60 39.11 -0.85
CA VAL C 493 -6.50 40.02 -1.11
C VAL C 493 -6.57 41.18 -0.12
N GLU C 494 -5.46 41.88 0.03
CA GLU C 494 -5.41 43.04 0.91
C GLU C 494 -5.70 44.33 0.15
N ASN C 495 -5.10 44.50 -1.03
CA ASN C 495 -5.35 45.63 -1.89
C ASN C 495 -6.07 45.16 -3.16
N ILE C 496 -6.96 46.02 -3.67
CA ILE C 496 -7.78 45.65 -4.81
C ILE C 496 -6.97 45.43 -6.08
N GLU C 497 -5.75 45.95 -6.16
CA GLU C 497 -4.94 45.81 -7.35
C GLU C 497 -4.27 44.44 -7.46
N ASP C 498 -4.37 43.59 -6.44
CA ASP C 498 -3.66 42.32 -6.42
C ASP C 498 -4.44 41.18 -7.04
N PHE C 499 -5.65 41.43 -7.53
CA PHE C 499 -6.44 40.36 -8.14
C PHE C 499 -5.79 39.85 -9.41
N LYS C 500 -5.80 38.53 -9.58
CA LYS C 500 -5.28 37.88 -10.78
C LYS C 500 -6.35 36.96 -11.36
N TRP C 501 -6.19 36.64 -12.64
CA TRP C 501 -7.15 35.77 -13.32
C TRP C 501 -7.17 34.37 -12.72
N GLU C 502 -6.05 33.95 -12.13
CA GLU C 502 -5.99 32.64 -11.48
C GLU C 502 -6.80 32.61 -10.19
N ASP C 503 -7.16 33.77 -9.64
CA ASP C 503 -7.91 33.85 -8.40
C ASP C 503 -9.42 33.71 -8.60
N ILE C 504 -9.88 33.56 -9.84
CA ILE C 504 -11.30 33.50 -10.15
C ILE C 504 -11.69 32.05 -10.45
N GLU C 505 -12.80 31.60 -9.85
CA GLU C 505 -13.34 30.27 -10.07
C GLU C 505 -14.79 30.40 -10.54
N LEU C 506 -15.05 29.98 -11.77
CA LEU C 506 -16.38 30.06 -12.36
C LEU C 506 -17.02 28.67 -12.30
N ILE C 507 -18.06 28.54 -11.48
CA ILE C 507 -18.65 27.24 -11.16
C ILE C 507 -20.03 27.14 -11.79
N GLY C 508 -20.27 26.07 -12.53
CA GLY C 508 -21.59 25.77 -13.05
C GLY C 508 -22.05 26.63 -14.20
N TYR C 509 -21.13 27.02 -15.09
CA TYR C 509 -21.47 27.83 -16.25
C TYR C 509 -21.64 26.92 -17.45
N TYR C 510 -22.87 26.75 -17.90
CA TYR C 510 -23.21 25.90 -19.05
C TYR C 510 -23.99 26.72 -20.06
N PRO C 511 -23.32 27.61 -20.79
CA PRO C 511 -24.02 28.50 -21.71
C PRO C 511 -24.32 27.84 -23.04
N TYR C 512 -25.07 28.57 -23.87
CA TYR C 512 -25.28 28.20 -25.25
C TYR C 512 -24.06 28.60 -26.09
N PRO C 513 -23.93 28.06 -27.30
CA PRO C 513 -22.74 28.35 -28.12
C PRO C 513 -22.52 29.84 -28.32
N THR C 514 -21.27 30.21 -28.55
CA THR C 514 -20.92 31.60 -28.78
C THR C 514 -21.56 32.10 -30.07
N ILE C 515 -21.82 33.41 -30.13
CA ILE C 515 -22.45 34.06 -31.27
C ILE C 515 -21.53 35.18 -31.73
N LYS C 516 -20.98 35.06 -32.93
CA LYS C 516 -20.03 36.04 -33.45
C LYS C 516 -20.76 37.30 -33.90
N MET C 517 -20.27 38.45 -33.43
CA MET C 517 -20.84 39.75 -33.79
C MET C 517 -19.71 40.75 -33.95
N ASP C 518 -19.76 41.54 -35.03
CA ASP C 518 -18.69 42.48 -35.32
C ASP C 518 -18.91 43.80 -34.57
N MET C 519 -17.81 44.37 -34.10
CA MET C 519 -17.87 45.65 -33.39
C MET C 519 -17.90 46.80 -34.39
N ALA C 520 -18.72 47.80 -34.10
CA ALA C 520 -18.80 49.02 -34.90
C ALA C 520 -17.74 50.01 -34.41
N VAL C 521 -16.77 50.31 -35.28
CA VAL C 521 -15.68 51.21 -34.91
C VAL C 521 -16.09 52.66 -35.10
N GLU D 3 -49.13 35.81 38.05
CA GLU D 3 -47.69 35.73 37.92
C GLU D 3 -47.29 34.95 36.67
N LYS D 4 -47.23 35.64 35.53
CA LYS D 4 -46.82 35.01 34.29
C LYS D 4 -45.29 34.90 34.23
N ASN D 5 -44.81 34.14 33.26
CA ASN D 5 -43.40 33.80 33.19
C ASN D 5 -42.63 34.89 32.44
N VAL D 6 -41.42 35.18 32.92
CA VAL D 6 -40.55 36.19 32.32
C VAL D 6 -39.21 35.55 32.03
N SER D 7 -38.81 35.57 30.76
CA SER D 7 -37.57 34.93 30.33
C SER D 7 -36.71 35.91 29.55
N ILE D 8 -35.42 35.87 29.78
CA ILE D 8 -34.45 36.62 28.98
C ILE D 8 -34.02 35.75 27.81
N VAL D 9 -33.96 36.35 26.62
CA VAL D 9 -33.40 35.71 25.43
C VAL D 9 -32.23 36.57 24.97
N VAL D 10 -31.05 35.96 24.86
CA VAL D 10 -29.84 36.71 24.53
C VAL D 10 -28.87 35.79 23.82
N ALA D 11 -28.07 36.39 22.94
CA ALA D 11 -26.94 35.73 22.28
C ALA D 11 -25.69 36.53 22.63
N ALA D 12 -24.80 35.93 23.42
CA ALA D 12 -23.63 36.63 23.91
C ALA D 12 -22.37 35.84 23.58
N SER D 13 -21.24 36.54 23.62
CA SER D 13 -19.95 35.91 23.38
C SER D 13 -19.62 34.95 24.50
N VAL D 14 -18.72 34.00 24.20
CA VAL D 14 -18.49 32.90 25.12
C VAL D 14 -17.66 33.35 26.33
N LEU D 15 -16.75 34.30 26.15
CA LEU D 15 -15.87 34.74 27.23
C LEU D 15 -16.25 36.11 27.75
N SER D 16 -16.24 37.13 26.90
CA SER D 16 -16.52 38.50 27.32
C SER D 16 -18.00 38.86 27.28
N SER D 17 -18.86 37.98 26.75
CA SER D 17 -20.30 38.18 26.73
C SER D 17 -20.69 39.42 25.92
N GLY D 18 -20.04 39.62 24.78
CA GLY D 18 -20.41 40.71 23.90
C GLY D 18 -21.64 40.37 23.08
N ILE D 19 -22.52 41.36 22.88
CA ILE D 19 -23.79 41.12 22.22
C ILE D 19 -24.01 42.09 21.06
N GLY D 20 -23.20 43.16 20.99
CA GLY D 20 -23.43 44.16 19.98
C GLY D 20 -22.18 44.97 19.67
N ILE D 21 -22.24 45.64 18.52
CA ILE D 21 -21.17 46.54 18.07
C ILE D 21 -21.72 47.51 17.03
N ASN D 22 -21.57 48.81 17.29
CA ASN D 22 -21.97 49.86 16.35
C ASN D 22 -23.44 49.72 15.94
N GLY D 23 -24.29 49.45 16.91
CA GLY D 23 -25.72 49.42 16.66
C GLY D 23 -26.24 48.19 15.93
N GLN D 24 -25.40 47.19 15.71
CA GLN D 24 -25.82 45.96 15.05
C GLN D 24 -25.18 44.78 15.75
N LEU D 25 -25.39 43.58 15.20
CA LEU D 25 -24.85 42.37 15.81
C LEU D 25 -23.41 42.14 15.36
N PRO D 26 -22.58 41.57 16.22
CA PRO D 26 -21.21 41.22 15.83
C PRO D 26 -21.09 39.94 15.02
N TRP D 27 -22.21 39.32 14.63
CA TRP D 27 -22.19 38.08 13.87
C TRP D 27 -23.47 37.99 13.06
N SER D 28 -23.57 36.96 12.23
CA SER D 28 -24.76 36.71 11.42
C SER D 28 -25.02 35.20 11.43
N ILE D 29 -25.85 34.76 12.37
CA ILE D 29 -26.20 33.36 12.52
C ILE D 29 -27.70 33.22 12.27
N SER D 30 -28.05 32.60 11.14
CA SER D 30 -29.47 32.50 10.76
C SER D 30 -30.24 31.60 11.72
N GLU D 31 -29.63 30.47 12.11
CA GLU D 31 -30.31 29.54 13.01
C GLU D 31 -30.59 30.17 14.37
N ASP D 32 -29.73 31.09 14.81
CA ASP D 32 -29.97 31.76 16.08
C ASP D 32 -31.21 32.65 16.02
N LEU D 33 -31.39 33.35 14.90
CA LEU D 33 -32.60 34.15 14.74
C LEU D 33 -33.85 33.27 14.68
N LYS D 34 -33.75 32.13 14.00
CA LYS D 34 -34.86 31.18 13.99
C LYS D 34 -35.16 30.67 15.40
N PHE D 35 -34.11 30.47 16.21
CA PHE D 35 -34.33 30.09 17.60
C PHE D 35 -35.05 31.18 18.36
N PHE D 36 -34.63 32.44 18.18
CA PHE D 36 -35.34 33.56 18.80
C PHE D 36 -36.80 33.58 18.37
N SER D 37 -37.07 33.36 17.08
CA SER D 37 -38.44 33.39 16.60
C SER D 37 -39.27 32.27 17.23
N LYS D 38 -38.72 31.06 17.26
CA LYS D 38 -39.50 29.93 17.78
C LYS D 38 -39.70 30.02 19.29
N ILE D 39 -38.72 30.56 20.02
CA ILE D 39 -38.85 30.59 21.49
C ILE D 39 -39.76 31.74 21.93
N THR D 40 -39.87 32.81 21.13
CA THR D 40 -40.76 33.92 21.47
C THR D 40 -42.17 33.72 20.97
N ASN D 41 -42.37 32.86 19.97
CA ASN D 41 -43.71 32.52 19.49
C ASN D 41 -44.29 31.31 20.20
N ASN D 42 -43.48 30.59 20.98
CA ASN D 42 -43.95 29.39 21.67
C ASN D 42 -44.96 29.77 22.73
N LYS D 43 -46.23 29.48 22.47
CA LYS D 43 -47.30 29.78 23.41
C LYS D 43 -48.23 28.57 23.52
N CYS D 44 -49.13 28.63 24.50
CA CYS D 44 -50.07 27.55 24.74
C CYS D 44 -51.50 27.90 24.37
N ASP D 45 -51.88 29.17 24.48
CA ASP D 45 -53.23 29.63 24.14
C ASP D 45 -53.20 30.26 22.76
N SER D 46 -54.10 29.79 21.89
CA SER D 46 -54.17 30.32 20.53
C SER D 46 -54.75 31.73 20.47
N ASN D 47 -55.39 32.18 21.54
CA ASN D 47 -56.01 33.50 21.58
C ASN D 47 -55.20 34.50 22.39
N LYS D 48 -53.93 34.21 22.66
CA LYS D 48 -53.06 35.11 23.38
C LYS D 48 -51.78 35.33 22.59
N LYS D 49 -51.04 36.37 22.97
CA LYS D 49 -49.77 36.71 22.32
C LYS D 49 -48.71 36.95 23.38
N ASN D 50 -47.45 36.80 22.96
CA ASN D 50 -46.29 37.04 23.82
C ASN D 50 -45.77 38.45 23.63
N ALA D 51 -45.25 39.02 24.71
CA ALA D 51 -44.73 40.38 24.73
C ALA D 51 -43.20 40.35 24.74
N LEU D 52 -42.59 41.08 23.81
CA LEU D 52 -41.13 41.16 23.70
C LEU D 52 -40.69 42.56 24.11
N ILE D 53 -40.01 42.67 25.25
CA ILE D 53 -39.55 43.94 25.77
C ILE D 53 -38.15 44.22 25.23
N MET D 54 -37.93 45.43 24.71
CA MET D 54 -36.63 45.81 24.19
C MET D 54 -36.42 47.29 24.39
N GLY D 55 -35.14 47.69 24.40
CA GLY D 55 -34.80 49.09 24.50
C GLY D 55 -34.96 49.83 23.19
N ARG D 56 -34.80 51.16 23.27
CA ARG D 56 -35.01 51.99 22.08
C ARG D 56 -33.96 51.72 21.02
N LYS D 57 -32.68 51.64 21.41
CA LYS D 57 -31.63 51.40 20.44
C LYS D 57 -31.78 50.02 19.80
N THR D 58 -32.23 49.03 20.57
CA THR D 58 -32.55 47.73 20.00
C THR D 58 -33.73 47.82 19.04
N TRP D 59 -34.75 48.61 19.39
CA TRP D 59 -35.88 48.84 18.50
C TRP D 59 -35.44 49.49 17.20
N ASP D 60 -34.39 50.32 17.25
CA ASP D 60 -33.86 50.93 16.03
C ASP D 60 -33.09 49.90 15.20
N SER D 61 -32.34 49.03 15.85
CA SER D 61 -31.49 48.07 15.15
C SER D 61 -32.29 47.05 14.34
N ILE D 62 -33.55 46.82 14.69
CA ILE D 62 -34.39 45.88 13.97
C ILE D 62 -35.30 46.60 12.96
N GLY D 63 -34.98 47.85 12.63
CA GLY D 63 -35.70 48.57 11.61
C GLY D 63 -37.02 49.18 12.04
N ARG D 64 -37.33 49.16 13.34
CA ARG D 64 -38.58 49.71 13.87
C ARG D 64 -39.80 49.10 13.17
N ARG D 65 -39.75 47.78 12.95
CA ARG D 65 -40.87 47.09 12.32
C ARG D 65 -41.37 45.97 13.22
N PRO D 66 -42.67 45.75 13.28
CA PRO D 66 -43.22 44.77 14.24
C PRO D 66 -42.86 43.35 13.84
N LEU D 67 -42.88 42.48 14.86
CA LEU D 67 -42.64 41.05 14.68
C LEU D 67 -43.98 40.31 14.67
N LYS D 68 -44.16 39.43 13.71
CA LYS D 68 -45.45 38.78 13.51
C LYS D 68 -45.85 37.97 14.73
N ASN D 69 -47.15 37.97 15.02
CA ASN D 69 -47.79 37.20 16.08
C ASN D 69 -47.37 37.61 17.49
N ARG D 70 -46.60 38.69 17.64
CA ARG D 70 -46.11 39.12 18.94
C ARG D 70 -46.32 40.61 19.11
N ILE D 71 -46.23 41.06 20.35
CA ILE D 71 -46.40 42.46 20.72
C ILE D 71 -45.07 42.97 21.24
N ILE D 72 -44.54 44.00 20.59
CA ILE D 72 -43.25 44.56 20.95
C ILE D 72 -43.46 45.70 21.93
N VAL D 73 -42.67 45.70 23.01
CA VAL D 73 -42.75 46.70 24.06
C VAL D 73 -41.41 47.44 24.08
N VAL D 74 -41.41 48.70 23.64
CA VAL D 74 -40.20 49.50 23.56
C VAL D 74 -40.08 50.35 24.81
N ILE D 75 -38.91 50.34 25.43
CA ILE D 75 -38.62 51.16 26.60
C ILE D 75 -37.89 52.40 26.09
N SER D 76 -38.54 53.56 26.20
CA SER D 76 -37.93 54.80 25.74
C SER D 76 -38.56 55.96 26.49
N SER D 77 -37.77 57.01 26.69
CA SER D 77 -38.25 58.23 27.32
C SER D 77 -38.67 59.30 26.33
N SER D 78 -38.30 59.16 25.05
CA SER D 78 -38.60 60.18 24.06
C SER D 78 -39.61 59.75 22.99
N LEU D 79 -39.74 58.45 22.74
CA LEU D 79 -40.67 57.99 21.72
C LEU D 79 -42.10 58.32 22.13
N PRO D 80 -42.93 58.78 21.20
CA PRO D 80 -44.32 59.10 21.54
C PRO D 80 -45.13 57.83 21.78
N GLN D 81 -45.93 57.86 22.85
CA GLN D 81 -46.78 56.73 23.22
C GLN D 81 -47.95 56.69 22.24
N ASP D 82 -47.68 56.14 21.06
CA ASP D 82 -48.67 56.08 20.00
C ASP D 82 -49.64 54.93 20.23
N GLU D 83 -50.93 55.20 19.99
CA GLU D 83 -51.98 54.20 20.11
C GLU D 83 -52.43 53.67 18.75
N ALA D 84 -51.80 54.10 17.67
CA ALA D 84 -52.22 53.66 16.34
C ALA D 84 -51.84 52.20 16.10
N ASP D 85 -50.58 51.85 16.31
CA ASP D 85 -50.12 50.48 16.09
C ASP D 85 -50.37 49.66 17.34
N PRO D 86 -51.23 48.63 17.29
CA PRO D 86 -51.47 47.81 18.48
C PRO D 86 -50.38 46.79 18.76
N ASN D 87 -49.47 46.56 17.81
CA ASN D 87 -48.41 45.58 17.98
C ASN D 87 -47.13 46.18 18.55
N VAL D 88 -47.07 47.49 18.74
CA VAL D 88 -45.93 48.17 19.31
C VAL D 88 -46.43 49.17 20.35
N VAL D 89 -45.96 49.04 21.58
CA VAL D 89 -46.36 49.92 22.68
C VAL D 89 -45.10 50.45 23.35
N VAL D 90 -45.14 51.71 23.77
CA VAL D 90 -43.99 52.39 24.34
C VAL D 90 -44.26 52.64 25.82
N PHE D 91 -43.25 52.40 26.65
CA PHE D 91 -43.33 52.65 28.08
C PHE D 91 -42.15 53.50 28.52
N ARG D 92 -42.36 54.27 29.59
CA ARG D 92 -41.36 55.22 30.04
C ARG D 92 -40.29 54.58 30.94
N ASN D 93 -40.57 53.41 31.50
CA ASN D 93 -39.59 52.74 32.34
C ASN D 93 -39.91 51.25 32.36
N LEU D 94 -38.91 50.45 32.76
CA LEU D 94 -39.07 49.00 32.76
C LEU D 94 -40.05 48.54 33.83
N GLU D 95 -40.05 49.21 35.00
CA GLU D 95 -40.95 48.81 36.08
C GLU D 95 -42.41 48.97 35.68
N ASP D 96 -42.77 50.14 35.16
CA ASP D 96 -44.14 50.34 34.66
C ASP D 96 -44.44 49.43 33.49
N SER D 97 -43.41 49.00 32.75
CA SER D 97 -43.63 48.13 31.60
C SER D 97 -44.04 46.72 32.03
N ILE D 98 -43.61 46.29 33.21
CA ILE D 98 -44.04 44.99 33.72
C ILE D 98 -45.41 45.18 34.34
N GLU D 99 -46.37 45.61 33.52
CA GLU D 99 -47.77 45.68 33.91
C GLU D 99 -48.63 44.75 33.07
N ASN D 100 -48.01 43.93 32.22
CA ASN D 100 -48.74 42.90 31.50
C ASN D 100 -49.16 41.75 32.39
N LEU D 101 -48.58 41.66 33.60
CA LEU D 101 -48.96 40.60 34.52
C LEU D 101 -50.38 40.83 35.05
N MET D 102 -50.65 42.04 35.55
CA MET D 102 -51.92 42.35 36.18
C MET D 102 -52.92 42.88 35.16
N ASN D 103 -54.18 42.45 35.31
CA ASN D 103 -55.32 42.89 34.49
C ASN D 103 -55.19 42.56 33.01
N ASP D 104 -54.01 42.16 32.55
CA ASP D 104 -53.77 41.89 31.13
C ASP D 104 -53.68 40.38 30.91
N ASP D 105 -54.85 39.74 30.95
CA ASP D 105 -54.92 38.30 30.71
C ASP D 105 -54.63 37.92 29.27
N SER D 106 -54.54 38.89 28.36
CA SER D 106 -54.27 38.59 26.95
C SER D 106 -52.80 38.32 26.66
N ILE D 107 -51.92 38.51 27.64
CA ILE D 107 -50.49 38.25 27.49
C ILE D 107 -50.15 37.00 28.28
N GLU D 108 -49.55 36.02 27.61
CA GLU D 108 -49.22 34.75 28.27
C GLU D 108 -47.80 34.75 28.83
N ASN D 109 -46.80 35.04 28.00
CA ASN D 109 -45.41 35.04 28.42
C ASN D 109 -44.76 36.38 28.07
N ILE D 110 -43.71 36.71 28.81
CA ILE D 110 -42.97 37.96 28.64
C ILE D 110 -41.51 37.61 28.38
N PHE D 111 -40.91 38.26 27.38
CA PHE D 111 -39.52 38.00 27.01
C PHE D 111 -38.74 39.31 27.01
N VAL D 112 -37.62 39.32 27.72
CA VAL D 112 -36.73 40.46 27.77
C VAL D 112 -35.56 40.18 26.85
N CYS D 113 -35.25 41.13 25.96
CA CYS D 113 -34.24 40.88 24.94
C CYS D 113 -33.68 42.18 24.35
N GLY D 114 -33.64 43.24 25.15
CA GLY D 114 -33.40 44.56 24.58
C GLY D 114 -32.18 45.32 25.03
N GLY D 115 -31.00 44.72 24.86
CA GLY D 115 -29.76 45.44 25.06
C GLY D 115 -29.28 45.45 26.50
N GLU D 116 -28.07 45.98 26.67
CA GLU D 116 -27.39 45.91 27.96
C GLU D 116 -28.18 46.63 29.04
N SER D 117 -28.74 47.80 28.72
CA SER D 117 -29.46 48.58 29.72
C SER D 117 -30.67 47.83 30.24
N ILE D 118 -31.46 47.24 29.33
CA ILE D 118 -32.67 46.53 29.76
C ILE D 118 -32.30 45.22 30.44
N TYR D 119 -31.26 44.54 29.97
CA TYR D 119 -30.79 43.33 30.64
C TYR D 119 -30.36 43.62 32.07
N ARG D 120 -29.54 44.65 32.26
CA ARG D 120 -29.01 44.95 33.59
C ARG D 120 -30.12 45.38 34.54
N ASP D 121 -31.08 46.17 34.05
CA ASP D 121 -32.18 46.59 34.91
C ASP D 121 -33.11 45.43 35.25
N ALA D 122 -33.32 44.52 34.31
CA ALA D 122 -34.19 43.38 34.57
C ALA D 122 -33.58 42.40 35.55
N LEU D 123 -32.24 42.31 35.58
CA LEU D 123 -31.57 41.44 36.53
C LEU D 123 -31.38 42.10 37.89
N LYS D 124 -31.13 43.41 37.91
CA LYS D 124 -30.93 44.10 39.19
C LYS D 124 -32.22 44.17 39.99
N ASP D 125 -33.37 44.21 39.32
CA ASP D 125 -34.66 44.29 39.99
C ASP D 125 -35.33 42.93 40.15
N ASN D 126 -34.64 41.85 39.79
CA ASN D 126 -35.11 40.48 40.02
C ASN D 126 -36.46 40.23 39.34
N PHE D 127 -36.60 40.71 38.10
CA PHE D 127 -37.80 40.47 37.31
C PHE D 127 -37.73 39.21 36.47
N VAL D 128 -36.54 38.62 36.34
CA VAL D 128 -36.28 37.56 35.37
C VAL D 128 -36.39 36.20 36.06
N ASP D 129 -37.12 35.28 35.42
CA ASP D 129 -37.23 33.90 35.90
C ASP D 129 -36.35 32.93 35.14
N ARG D 130 -36.26 33.07 33.82
CA ARG D 130 -35.49 32.16 32.98
C ARG D 130 -34.55 32.96 32.08
N ILE D 131 -33.51 32.28 31.61
CA ILE D 131 -32.53 32.89 30.71
C ILE D 131 -32.25 31.90 29.58
N TYR D 132 -32.50 32.32 28.34
CA TYR D 132 -32.15 31.55 27.15
C TYR D 132 -30.90 32.17 26.53
N LEU D 133 -29.76 31.54 26.77
CA LEU D 133 -28.46 32.07 26.34
C LEU D 133 -27.95 31.31 25.13
N THR D 134 -27.51 32.03 24.11
CA THR D 134 -26.87 31.48 22.93
C THR D 134 -25.40 31.91 22.97
N ARG D 135 -24.53 30.99 23.40
CA ARG D 135 -23.11 31.28 23.50
C ARG D 135 -22.47 31.17 22.12
N VAL D 136 -21.80 32.23 21.69
CA VAL D 136 -21.18 32.31 20.37
C VAL D 136 -19.66 32.32 20.55
N ALA D 137 -18.97 31.49 19.77
CA ALA D 137 -17.51 31.34 19.88
C ALA D 137 -16.81 32.37 18.99
N LEU D 138 -16.90 33.63 19.41
CA LEU D 138 -16.26 34.75 18.74
C LEU D 138 -15.76 35.72 19.79
N GLU D 139 -14.45 35.95 19.83
CA GLU D 139 -13.89 36.78 20.91
C GLU D 139 -12.86 37.80 20.44
N ASP D 140 -12.11 37.56 19.38
CA ASP D 140 -11.09 38.51 18.96
C ASP D 140 -11.66 39.59 18.04
N ILE D 141 -12.82 40.14 18.37
CA ILE D 141 -13.45 41.21 17.63
C ILE D 141 -13.85 42.30 18.62
N GLU D 142 -14.36 43.41 18.08
CA GLU D 142 -14.68 44.57 18.89
C GLU D 142 -16.14 44.54 19.34
N PHE D 143 -16.36 44.88 20.61
CA PHE D 143 -17.70 45.00 21.18
C PHE D 143 -17.86 46.37 21.83
N ASP D 144 -19.10 46.86 21.84
CA ASP D 144 -19.45 48.03 22.63
C ASP D 144 -20.67 47.80 23.51
N THR D 145 -21.27 46.62 23.47
CA THR D 145 -22.43 46.29 24.29
C THR D 145 -22.29 44.85 24.79
N TYR D 146 -22.38 44.67 26.10
CA TYR D 146 -22.15 43.39 26.74
C TYR D 146 -23.36 42.94 27.54
N PHE D 147 -23.47 41.62 27.74
CA PHE D 147 -24.49 41.03 28.58
C PHE D 147 -23.99 40.93 30.03
N PRO D 148 -24.79 41.33 31.02
CA PRO D 148 -24.30 41.33 32.40
C PRO D 148 -23.96 39.92 32.86
N GLU D 149 -23.04 39.85 33.83
CA GLU D 149 -22.71 38.56 34.42
C GLU D 149 -23.94 37.98 35.10
N ILE D 150 -24.21 36.71 34.81
CA ILE D 150 -25.43 36.07 35.33
C ILE D 150 -25.32 35.98 36.86
N PRO D 151 -26.30 36.49 37.60
CA PRO D 151 -26.21 36.45 39.07
C PRO D 151 -26.21 35.02 39.59
N GLU D 152 -25.66 34.87 40.79
CA GLU D 152 -25.54 33.55 41.42
C GLU D 152 -26.88 32.91 41.74
N THR D 153 -27.98 33.67 41.67
CA THR D 153 -29.30 33.11 41.91
C THR D 153 -29.80 32.24 40.76
N PHE D 154 -29.08 32.21 39.64
CA PHE D 154 -29.44 31.37 38.50
C PHE D 154 -28.51 30.17 38.40
N LEU D 155 -29.07 29.05 37.95
CA LEU D 155 -28.28 27.85 37.72
C LEU D 155 -28.61 27.27 36.35
N PRO D 156 -27.60 26.76 35.64
CA PRO D 156 -27.87 26.15 34.33
C PRO D 156 -28.58 24.81 34.48
N VAL D 157 -29.58 24.60 33.64
CA VAL D 157 -30.33 23.34 33.62
C VAL D 157 -30.25 22.64 32.28
N TYR D 158 -29.64 23.26 31.27
CA TYR D 158 -29.58 22.68 29.94
C TYR D 158 -28.42 23.30 29.17
N MET D 159 -27.70 22.47 28.42
CA MET D 159 -26.63 22.92 27.54
C MET D 159 -26.66 22.06 26.29
N SER D 160 -26.99 22.66 25.15
CA SER D 160 -27.17 21.91 23.92
C SER D 160 -25.83 21.47 23.35
N GLN D 161 -25.91 20.65 22.30
CA GLN D 161 -24.72 20.29 21.55
C GLN D 161 -24.20 21.51 20.79
N THR D 162 -22.95 21.42 20.35
CA THR D 162 -22.35 22.51 19.60
C THR D 162 -22.82 22.47 18.15
N PHE D 163 -23.29 23.61 17.66
CA PHE D 163 -23.72 23.78 16.28
C PHE D 163 -22.73 24.66 15.53
N CYS D 164 -22.81 24.60 14.21
CA CYS D 164 -21.88 25.33 13.34
C CYS D 164 -22.65 26.08 12.25
N THR D 165 -22.32 27.35 12.07
CA THR D 165 -22.84 28.16 10.97
C THR D 165 -21.71 29.02 10.44
N LYS D 166 -21.31 28.79 9.20
CA LYS D 166 -20.21 29.52 8.55
C LYS D 166 -18.95 29.48 9.42
N ASN D 167 -18.61 28.27 9.87
CA ASN D 167 -17.43 28.00 10.70
C ASN D 167 -17.49 28.67 12.06
N ILE D 168 -18.67 29.10 12.51
CA ILE D 168 -18.83 29.71 13.82
C ILE D 168 -19.57 28.72 14.72
N SER D 169 -18.96 28.38 15.84
CA SER D 169 -19.55 27.45 16.79
C SER D 169 -20.42 28.21 17.79
N TYR D 170 -21.56 27.61 18.15
CA TYR D 170 -22.43 28.23 19.13
C TYR D 170 -23.24 27.17 19.86
N ASP D 171 -23.66 27.51 21.09
CA ASP D 171 -24.41 26.62 21.97
C ASP D 171 -25.74 27.26 22.33
N PHE D 172 -26.57 26.50 23.04
CA PHE D 172 -27.84 26.99 23.57
C PHE D 172 -27.97 26.49 25.01
N MET D 173 -28.17 27.41 25.95
CA MET D 173 -28.27 27.07 27.36
C MET D 173 -29.52 27.70 27.96
N ILE D 174 -30.01 27.09 29.03
CA ILE D 174 -31.14 27.59 29.80
C ILE D 174 -30.71 27.74 31.24
N PHE D 175 -31.02 28.90 31.84
CA PHE D 175 -30.74 29.16 33.25
C PHE D 175 -32.05 29.45 33.97
N GLU D 176 -32.22 28.84 35.14
CA GLU D 176 -33.41 29.03 35.95
C GLU D 176 -33.02 29.60 37.31
N LYS D 177 -33.86 30.49 37.84
CA LYS D 177 -33.63 31.09 39.15
C LYS D 177 -34.12 30.15 40.24
N GLN D 178 -33.23 29.77 41.14
CA GLN D 178 -33.57 28.85 42.22
C GLN D 178 -34.39 29.54 43.29
N GLU D 179 -35.30 28.78 43.90
CA GLU D 179 -36.18 29.32 44.94
C GLU D 179 -35.91 28.67 46.28
N LYS D 180 -36.97 28.44 47.07
CA LYS D 180 -36.85 27.88 48.40
C LYS D 180 -36.61 26.37 48.33
N LYS D 181 -36.32 25.80 49.50
CA LYS D 181 -36.06 24.36 49.64
C LYS D 181 -34.95 23.87 48.71
N LEU D 193 -41.09 6.80 39.21
CA LEU D 193 -41.73 8.09 39.41
C LEU D 193 -41.70 8.47 40.89
N LYS D 194 -42.31 7.64 41.74
CA LYS D 194 -42.30 7.88 43.18
C LYS D 194 -41.76 6.68 43.94
N SER D 195 -42.45 5.55 43.83
CA SER D 195 -42.16 4.34 44.58
C SER D 195 -41.08 3.48 43.94
N ILE D 196 -40.73 3.74 42.68
CA ILE D 196 -39.68 2.96 42.03
C ILE D 196 -38.34 3.23 42.69
N ASP D 197 -38.05 4.49 43.00
CA ASP D 197 -36.78 4.82 43.64
C ASP D 197 -36.66 4.16 45.01
N ASP D 198 -37.75 4.12 45.77
CA ASP D 198 -37.73 3.48 47.08
C ASP D 198 -37.49 1.98 46.96
N THR D 199 -38.19 1.32 46.03
CA THR D 199 -38.03 -0.12 45.86
C THR D 199 -36.62 -0.47 45.41
N VAL D 200 -36.04 0.32 44.50
CA VAL D 200 -34.68 0.06 44.06
C VAL D 200 -33.70 0.22 45.20
N ASP D 201 -33.91 1.23 46.05
CA ASP D 201 -33.03 1.41 47.22
C ASP D 201 -33.15 0.24 48.18
N LEU D 202 -34.37 -0.26 48.40
CA LEU D 202 -34.55 -1.40 49.28
C LEU D 202 -33.87 -2.64 48.73
N LEU D 203 -34.01 -2.89 47.42
CA LEU D 203 -33.30 -4.01 46.81
C LEU D 203 -31.79 -3.83 46.91
N GLY D 204 -31.31 -2.59 46.86
CA GLY D 204 -29.89 -2.35 47.02
C GLY D 204 -29.39 -2.56 48.43
N GLU D 205 -30.27 -2.41 49.42
CA GLU D 205 -29.90 -2.73 50.79
C GLU D 205 -29.87 -4.24 51.01
N ILE D 206 -30.78 -4.97 50.38
CA ILE D 206 -30.84 -6.42 50.55
C ILE D 206 -29.64 -7.08 49.89
N PHE D 207 -29.44 -6.81 48.60
CA PHE D 207 -28.29 -7.33 47.85
C PHE D 207 -27.21 -6.25 47.85
N GLY D 208 -26.06 -6.55 48.43
CA GLY D 208 -25.03 -5.53 48.55
C GLY D 208 -24.49 -5.13 47.20
N ILE D 209 -23.56 -5.92 46.67
CA ILE D 209 -23.05 -5.72 45.33
C ILE D 209 -23.50 -6.82 44.39
N ARG D 210 -24.41 -7.69 44.86
CA ARG D 210 -25.06 -8.64 43.98
C ARG D 210 -25.99 -7.96 42.99
N LYS D 211 -26.50 -6.77 43.33
CA LYS D 211 -27.30 -5.97 42.42
C LYS D 211 -26.37 -5.13 41.55
N MET D 212 -26.46 -5.30 40.24
CA MET D 212 -25.50 -4.66 39.34
C MET D 212 -25.59 -3.14 39.42
N GLY D 213 -26.75 -2.59 39.80
CA GLY D 213 -26.86 -1.16 39.95
C GLY D 213 -25.91 -0.58 40.99
N ASN D 214 -25.64 -1.34 42.05
CA ASN D 214 -24.73 -0.87 43.10
C ASN D 214 -23.28 -0.87 42.63
N ARG D 215 -22.93 -1.67 41.63
CA ARG D 215 -21.61 -1.62 41.03
C ARG D 215 -21.46 -0.48 40.04
N HIS D 216 -22.57 0.16 39.64
CA HIS D 216 -22.56 1.31 38.75
C HIS D 216 -23.35 2.46 39.39
N LYS D 217 -22.87 2.91 40.54
CA LYS D 217 -23.57 3.96 41.27
C LYS D 217 -23.48 5.29 40.52
N PHE D 218 -24.55 6.07 40.62
CA PHE D 218 -24.55 7.39 40.00
C PHE D 218 -23.60 8.31 40.78
N PRO D 219 -22.80 9.12 40.07
CA PRO D 219 -21.81 9.95 40.76
C PRO D 219 -22.46 10.93 41.74
N LYS D 220 -21.77 11.15 42.86
CA LYS D 220 -22.23 12.11 43.84
C LYS D 220 -22.08 13.53 43.30
N GLU D 221 -22.80 14.46 43.93
CA GLU D 221 -22.82 15.84 43.42
C GLU D 221 -21.45 16.50 43.49
N GLU D 222 -20.63 16.13 44.49
CA GLU D 222 -19.34 16.79 44.66
C GLU D 222 -18.36 16.48 43.55
N ILE D 223 -18.61 15.44 42.75
CA ILE D 223 -17.74 15.07 41.64
C ILE D 223 -18.46 15.13 40.30
N TYR D 224 -19.63 15.76 40.25
CA TYR D 224 -20.42 15.86 39.03
C TYR D 224 -20.26 17.27 38.45
N ASN D 225 -19.87 17.34 37.18
CA ASN D 225 -19.61 18.62 36.55
C ASN D 225 -20.92 19.37 36.31
N THR D 226 -21.01 20.59 36.87
CA THR D 226 -22.22 21.43 36.84
C THR D 226 -23.45 20.60 37.21
N PRO D 227 -23.59 20.23 38.49
CA PRO D 227 -24.65 19.27 38.86
C PRO D 227 -26.06 19.79 38.62
N SER D 228 -26.24 21.09 38.43
CA SER D 228 -27.58 21.61 38.19
C SER D 228 -28.14 21.19 36.84
N ILE D 229 -27.30 20.82 35.89
CA ILE D 229 -27.75 20.34 34.58
C ILE D 229 -28.00 18.85 34.74
N ARG D 230 -29.24 18.49 35.05
CA ARG D 230 -29.63 17.10 35.31
C ARG D 230 -30.19 16.41 34.07
N PHE D 231 -31.19 17.00 33.43
CA PHE D 231 -31.86 16.39 32.30
C PHE D 231 -31.45 17.00 30.96
N GLY D 232 -30.49 17.91 30.95
CA GLY D 232 -30.12 18.59 29.72
C GLY D 232 -28.65 18.52 29.41
N ARG D 233 -28.04 17.35 29.64
CA ARG D 233 -26.61 17.16 29.36
C ARG D 233 -26.38 16.76 27.91
N GLU D 234 -26.82 17.65 27.01
CA GLU D 234 -26.75 17.37 25.58
C GLU D 234 -25.35 17.58 25.02
N HIS D 235 -24.62 18.57 25.54
CA HIS D 235 -23.26 18.82 25.07
C HIS D 235 -22.40 17.57 25.26
N TYR D 236 -21.78 17.12 24.18
CA TYR D 236 -21.09 15.84 24.18
C TYR D 236 -19.74 15.86 24.88
N GLU D 237 -19.27 17.02 25.35
CA GLU D 237 -18.13 17.00 26.26
C GLU D 237 -18.49 16.34 27.59
N PHE D 238 -19.77 16.36 27.95
CA PHE D 238 -20.23 15.64 29.13
C PHE D 238 -19.99 14.14 29.01
N GLN D 239 -19.98 13.61 27.78
CA GLN D 239 -19.69 12.20 27.58
C GLN D 239 -18.33 11.81 28.13
N TYR D 240 -17.39 12.77 28.19
CA TYR D 240 -16.08 12.56 28.78
C TYR D 240 -16.05 12.93 30.26
N LEU D 241 -16.66 14.06 30.62
CA LEU D 241 -16.64 14.49 32.01
C LEU D 241 -17.40 13.52 32.91
N ASP D 242 -18.55 13.01 32.44
CA ASP D 242 -19.30 12.04 33.23
C ASP D 242 -18.54 10.73 33.38
N LEU D 243 -17.74 10.35 32.38
CA LEU D 243 -16.90 9.16 32.54
C LEU D 243 -15.88 9.35 33.65
N LEU D 244 -15.27 10.54 33.74
CA LEU D 244 -14.41 10.85 34.87
C LEU D 244 -15.16 10.69 36.19
N SER D 245 -16.37 11.28 36.27
CA SER D 245 -17.16 11.19 37.49
C SER D 245 -17.48 9.74 37.84
N ARG D 246 -17.84 8.93 36.84
CA ARG D 246 -18.16 7.53 37.10
C ARG D 246 -16.95 6.78 37.64
N VAL D 247 -15.76 7.07 37.12
CA VAL D 247 -14.54 6.46 37.63
C VAL D 247 -14.29 6.88 39.07
N LEU D 248 -14.42 8.19 39.35
CA LEU D 248 -14.22 8.68 40.72
C LEU D 248 -15.21 8.05 41.68
N GLU D 249 -16.40 7.64 41.19
CA GLU D 249 -17.42 7.08 42.07
C GLU D 249 -17.27 5.58 42.26
N ASN D 250 -16.92 4.84 41.21
CA ASN D 250 -16.91 3.38 41.26
C ASN D 250 -15.55 2.76 40.98
N GLY D 251 -14.52 3.57 40.76
CA GLY D 251 -13.23 3.03 40.37
C GLY D 251 -12.59 2.26 41.51
N ALA D 252 -12.15 1.04 41.22
CA ALA D 252 -11.43 0.24 42.19
C ALA D 252 -9.95 0.60 42.17
N TYR D 253 -9.37 0.73 43.36
CA TYR D 253 -7.95 1.06 43.48
C TYR D 253 -7.12 -0.16 43.12
N ARG D 254 -6.37 -0.08 42.03
CA ARG D 254 -5.65 -1.22 41.49
C ARG D 254 -4.24 -0.83 41.12
N GLU D 255 -3.32 -1.79 41.27
CA GLU D 255 -1.95 -1.64 40.83
C GLU D 255 -1.82 -2.03 39.36
N ASN D 256 -0.70 -1.64 38.76
CA ASN D 256 -0.46 -1.95 37.35
C ASN D 256 1.05 -2.03 37.12
N ARG D 257 1.44 -2.12 35.85
CA ARG D 257 2.85 -2.32 35.51
C ARG D 257 3.71 -1.13 35.93
N THR D 258 3.12 0.06 36.03
CA THR D 258 3.84 1.23 36.53
C THR D 258 3.72 1.32 38.04
N GLY D 259 4.52 2.20 38.63
CA GLY D 259 4.44 2.39 40.06
C GLY D 259 3.28 3.22 40.55
N ILE D 260 2.46 3.74 39.63
CA ILE D 260 1.36 4.64 39.98
C ILE D 260 0.06 3.86 39.83
N SER D 261 -0.62 3.64 40.96
CA SER D 261 -1.88 2.92 40.95
C SER D 261 -2.98 3.79 40.35
N THR D 262 -4.08 3.13 39.93
CA THR D 262 -5.20 3.80 39.30
C THR D 262 -6.50 3.45 40.01
N TYR D 263 -7.53 4.23 39.70
CA TYR D 263 -8.91 3.87 40.02
C TYR D 263 -9.58 3.49 38.71
N SER D 264 -10.04 2.24 38.62
CA SER D 264 -10.39 1.63 37.35
C SER D 264 -11.80 1.07 37.34
N ILE D 265 -12.48 1.19 36.20
CA ILE D 265 -13.74 0.49 35.92
C ILE D 265 -13.63 -0.11 34.52
N PHE D 266 -14.55 -1.03 34.22
CA PHE D 266 -14.49 -1.83 33.00
C PHE D 266 -15.77 -1.67 32.20
N GLY D 267 -15.62 -1.43 30.89
CA GLY D 267 -16.75 -1.35 29.97
C GLY D 267 -17.49 -0.02 29.99
N GLN D 268 -16.99 0.96 29.24
CA GLN D 268 -17.60 2.28 29.18
C GLN D 268 -17.69 2.74 27.72
N MET D 269 -18.44 3.82 27.51
CA MET D 269 -18.75 4.30 26.17
C MET D 269 -18.79 5.82 26.13
N MET D 270 -18.26 6.40 25.05
CA MET D 270 -18.34 7.83 24.80
C MET D 270 -18.81 8.04 23.36
N ARG D 271 -19.67 9.04 23.17
CA ARG D 271 -20.24 9.34 21.87
C ARG D 271 -20.02 10.80 21.55
N PHE D 272 -19.60 11.09 20.32
CA PHE D 272 -19.31 12.46 19.92
C PHE D 272 -19.87 12.74 18.54
N ASP D 273 -20.34 13.97 18.34
CA ASP D 273 -20.77 14.43 17.04
C ASP D 273 -19.59 15.09 16.32
N MET D 274 -19.52 14.89 15.01
CA MET D 274 -18.50 15.53 14.19
C MET D 274 -19.09 16.30 13.01
N ARG D 275 -20.41 16.33 12.88
CA ARG D 275 -21.03 17.06 11.78
C ARG D 275 -20.99 18.57 12.00
N GLU D 276 -21.22 19.01 13.24
CA GLU D 276 -21.31 20.43 13.54
C GLU D 276 -20.22 20.93 14.48
N SER D 277 -19.27 20.10 14.87
CA SER D 277 -18.23 20.52 15.79
C SER D 277 -17.08 19.51 15.76
N PHE D 278 -16.02 19.83 16.49
CA PHE D 278 -14.85 18.97 16.61
C PHE D 278 -14.61 18.65 18.08
N PRO D 279 -14.59 17.37 18.48
CA PRO D 279 -14.55 17.03 19.91
C PRO D 279 -13.20 17.30 20.56
N LEU D 280 -12.78 18.56 20.62
CA LEU D 280 -11.59 18.96 21.34
C LEU D 280 -12.04 19.58 22.66
N LEU D 281 -11.62 18.97 23.77
CA LEU D 281 -12.13 19.36 25.08
C LEU D 281 -11.87 20.83 25.37
N THR D 282 -12.88 21.49 25.93
CA THR D 282 -12.77 22.89 26.31
C THR D 282 -12.44 23.10 27.78
N THR D 283 -12.71 22.11 28.64
CA THR D 283 -12.38 22.23 30.05
C THR D 283 -10.89 22.16 30.31
N LYS D 284 -10.07 22.08 29.27
CA LYS D 284 -8.62 21.99 29.38
C LYS D 284 -7.99 22.25 28.02
N LYS D 285 -6.96 23.07 27.97
CA LYS D 285 -6.27 23.32 26.70
C LYS D 285 -5.53 22.05 26.28
N VAL D 286 -5.90 21.53 25.11
CA VAL D 286 -5.36 20.28 24.59
C VAL D 286 -4.38 20.61 23.47
N ALA D 287 -3.20 19.98 23.51
CA ALA D 287 -2.17 20.20 22.48
C ALA D 287 -2.61 19.60 21.14
N ILE D 288 -3.32 20.40 20.34
CA ILE D 288 -3.84 19.88 19.08
C ILE D 288 -2.72 19.58 18.10
N ARG D 289 -1.63 20.36 18.14
CA ARG D 289 -0.54 20.14 17.20
C ARG D 289 0.14 18.80 17.44
N SER D 290 0.38 18.46 18.71
CA SER D 290 0.98 17.17 19.02
C SER D 290 0.06 16.02 18.62
N ILE D 291 -1.25 16.20 18.77
CA ILE D 291 -2.19 15.18 18.34
C ILE D 291 -2.08 14.92 16.85
N PHE D 292 -2.07 16.01 16.06
CA PHE D 292 -1.96 15.86 14.61
C PHE D 292 -0.65 15.21 14.21
N GLU D 293 0.46 15.66 14.80
CA GLU D 293 1.77 15.14 14.41
C GLU D 293 1.89 13.66 14.73
N GLU D 294 1.29 13.21 15.85
CA GLU D 294 1.27 11.78 16.15
C GLU D 294 0.42 11.02 15.13
N LEU D 295 -0.71 11.58 14.72
CA LEU D 295 -1.60 10.88 13.80
C LEU D 295 -0.95 10.74 12.42
N ILE D 296 -0.37 11.82 11.91
CA ILE D 296 0.29 11.73 10.61
C ILE D 296 1.54 10.87 10.71
N TRP D 297 2.13 10.80 11.90
CA TRP D 297 3.22 9.87 12.15
C TRP D 297 2.75 8.42 12.03
N PHE D 298 1.53 8.15 12.51
CA PHE D 298 0.94 6.83 12.33
C PHE D 298 0.65 6.56 10.86
N ILE D 299 0.04 7.52 10.18
CA ILE D 299 -0.42 7.29 8.81
C ILE D 299 0.76 6.98 7.89
N LYS D 300 1.87 7.68 8.07
CA LYS D 300 3.05 7.43 7.25
C LYS D 300 3.71 6.08 7.52
N GLY D 301 3.23 5.33 8.52
CA GLY D 301 3.83 4.05 8.86
C GLY D 301 5.10 4.14 9.67
N ASP D 302 5.34 5.27 10.32
CA ASP D 302 6.63 5.53 10.97
C ASP D 302 6.61 5.03 12.41
N THR D 303 7.71 4.38 12.80
CA THR D 303 7.91 3.96 14.18
C THR D 303 9.13 4.61 14.83
N ASN D 304 9.73 5.59 14.16
CA ASN D 304 10.92 6.27 14.69
C ASN D 304 10.45 7.40 15.61
N GLY D 305 10.69 7.22 16.91
CA GLY D 305 10.29 8.22 17.89
C GLY D 305 11.05 9.52 17.79
N ASN D 306 12.22 9.51 17.17
CA ASN D 306 12.99 10.74 17.02
C ASN D 306 12.30 11.73 16.09
N HIS D 307 11.57 11.23 15.08
CA HIS D 307 10.88 12.13 14.16
C HIS D 307 9.81 12.96 14.87
N LEU D 308 9.23 12.42 15.95
CA LEU D 308 8.31 13.21 16.77
C LEU D 308 9.07 14.16 17.67
N ILE D 309 10.19 13.71 18.24
CA ILE D 309 11.00 14.58 19.09
C ILE D 309 11.62 15.71 18.28
N GLU D 310 11.96 15.47 17.02
CA GLU D 310 12.50 16.52 16.17
C GLU D 310 11.47 17.59 15.86
N LYS D 311 10.18 17.29 15.99
CA LYS D 311 9.11 18.27 15.80
C LYS D 311 8.54 18.76 17.12
N LYS D 312 9.32 18.68 18.20
CA LYS D 312 8.91 19.18 19.52
C LYS D 312 7.64 18.49 20.02
N VAL D 313 7.56 17.18 19.81
CA VAL D 313 6.46 16.35 20.31
C VAL D 313 7.08 15.25 21.15
N TYR D 314 6.80 15.26 22.45
CA TYR D 314 7.50 14.39 23.40
C TYR D 314 6.57 13.39 24.08
N ILE D 315 5.47 13.01 23.42
CA ILE D 315 4.55 12.10 24.08
C ILE D 315 5.04 10.66 24.07
N TRP D 316 5.91 10.29 23.12
CA TRP D 316 6.47 8.94 23.07
C TRP D 316 7.91 8.89 23.56
N SER D 317 8.33 9.87 24.36
CA SER D 317 9.68 9.86 24.90
C SER D 317 9.80 8.92 26.10
N GLY D 318 8.75 8.86 26.93
CA GLY D 318 8.82 8.03 28.11
C GLY D 318 8.89 6.55 27.78
N ASN D 319 8.06 6.09 26.84
CA ASN D 319 8.06 4.69 26.43
C ASN D 319 9.14 4.38 25.42
N GLY D 320 10.04 5.32 25.15
CA GLY D 320 11.12 5.09 24.21
C GLY D 320 12.44 5.63 24.71
N SER D 321 12.80 5.28 25.94
CA SER D 321 14.08 5.65 26.52
C SER D 321 14.95 4.40 26.67
N LYS D 322 16.25 4.62 26.85
CA LYS D 322 17.16 3.49 27.03
C LYS D 322 16.79 2.69 28.27
N GLU D 323 16.45 3.38 29.36
CA GLU D 323 16.13 2.70 30.61
C GLU D 323 14.81 1.94 30.49
N TYR D 324 13.79 2.55 29.86
CA TYR D 324 12.51 1.86 29.74
C TYR D 324 12.62 0.66 28.80
N LEU D 325 13.33 0.81 27.69
CA LEU D 325 13.46 -0.30 26.75
C LEU D 325 14.26 -1.45 27.36
N GLU D 326 15.32 -1.14 28.11
CA GLU D 326 16.09 -2.19 28.78
C GLU D 326 15.26 -2.85 29.87
N ARG D 327 14.35 -2.10 30.50
CA ARG D 327 13.56 -2.66 31.59
C ARG D 327 12.53 -3.66 31.08
N ILE D 328 11.92 -3.40 29.93
CA ILE D 328 10.89 -4.28 29.39
C ILE D 328 11.53 -5.33 28.48
N GLY D 329 12.86 -5.38 28.47
CA GLY D 329 13.57 -6.40 27.73
C GLY D 329 13.82 -6.11 26.27
N LEU D 330 13.97 -4.84 25.90
CA LEU D 330 14.28 -4.44 24.53
C LEU D 330 15.53 -3.58 24.50
N GLY D 331 16.53 -3.95 25.29
CA GLY D 331 17.77 -3.19 25.36
C GLY D 331 18.57 -3.21 24.08
N HIS D 332 18.28 -4.16 23.17
CA HIS D 332 18.94 -4.22 21.89
C HIS D 332 18.49 -3.12 20.93
N ARG D 333 17.44 -2.39 21.27
CA ARG D 333 16.88 -1.38 20.38
C ARG D 333 17.65 -0.07 20.49
N GLU D 334 17.55 0.73 19.44
CA GLU D 334 18.02 2.10 19.52
C GLU D 334 17.14 2.87 20.50
N GLU D 335 17.55 4.09 20.86
CA GLU D 335 16.92 4.78 21.97
C GLU D 335 15.41 4.92 21.76
N ASN D 336 14.99 5.41 20.61
CA ASN D 336 13.57 5.66 20.37
C ASN D 336 12.97 4.71 19.35
N ASP D 337 13.56 3.52 19.17
CA ASP D 337 13.00 2.52 18.26
C ASP D 337 11.85 1.82 18.97
N LEU D 338 10.64 2.36 18.76
CA LEU D 338 9.47 1.87 19.46
C LEU D 338 9.03 0.48 18.98
N GLY D 339 9.50 0.04 17.83
CA GLY D 339 9.13 -1.27 17.32
C GLY D 339 7.87 -1.20 16.51
N PRO D 340 7.37 -2.37 16.07
CA PRO D 340 6.17 -2.37 15.23
C PRO D 340 4.91 -2.03 16.00
N ILE D 341 4.48 -0.77 15.94
CA ILE D 341 3.34 -0.33 16.75
C ILE D 341 2.31 0.27 15.82
N TYR D 342 1.51 1.22 16.33
CA TYR D 342 0.56 1.92 15.48
C TYR D 342 1.25 2.42 14.23
N GLY D 343 0.53 2.36 13.11
CA GLY D 343 1.05 2.74 11.83
C GLY D 343 1.95 1.72 11.17
N PHE D 344 2.59 0.83 11.94
CA PHE D 344 3.28 -0.26 11.29
C PHE D 344 2.36 -1.43 11.04
N GLN D 345 1.41 -1.66 11.96
CA GLN D 345 0.34 -2.61 11.68
C GLN D 345 -0.70 -2.02 10.74
N TRP D 346 -0.76 -0.69 10.63
CA TRP D 346 -1.68 -0.06 9.68
C TRP D 346 -1.19 -0.25 8.25
N ARG D 347 0.11 -0.12 8.03
CA ARG D 347 0.67 -0.14 6.68
C ARG D 347 1.42 -1.43 6.36
N HIS D 348 1.94 -2.13 7.35
CA HIS D 348 2.73 -3.35 7.12
C HIS D 348 2.34 -4.40 8.17
N TYR D 349 1.09 -4.82 8.15
CA TYR D 349 0.62 -5.81 9.12
C TYR D 349 1.28 -7.16 8.87
N ASN D 350 1.69 -7.82 9.95
CA ASN D 350 2.39 -9.10 9.92
C ASN D 350 3.75 -9.01 9.22
N GLY D 351 4.28 -7.80 9.04
CA GLY D 351 5.58 -7.66 8.40
C GLY D 351 6.69 -7.91 9.39
N GLU D 352 7.72 -8.62 8.92
CA GLU D 352 8.87 -8.94 9.77
C GLU D 352 9.63 -7.66 10.09
N TYR D 353 9.56 -7.23 11.35
CA TYR D 353 10.20 -5.99 11.77
C TYR D 353 11.66 -6.24 12.13
N LYS D 354 12.53 -5.32 11.71
CA LYS D 354 13.94 -5.38 12.07
C LYS D 354 14.29 -4.19 12.95
N THR D 355 14.52 -3.03 12.33
CA THR D 355 14.75 -1.78 13.06
C THR D 355 13.91 -0.69 12.42
N MET D 356 13.97 0.51 13.00
CA MET D 356 13.21 1.64 12.47
C MET D 356 13.84 2.23 11.22
N HIS D 357 15.05 1.79 10.83
CA HIS D 357 15.75 2.39 9.72
C HIS D 357 15.59 1.63 8.42
N ASP D 358 15.13 0.38 8.47
CA ASP D 358 15.00 -0.43 7.27
C ASP D 358 13.83 0.05 6.42
N ASP D 359 13.83 -0.36 5.15
CA ASP D 359 12.79 0.00 4.20
C ASP D 359 11.71 -1.07 4.21
N TYR D 360 10.49 -0.69 4.56
CA TYR D 360 9.37 -1.63 4.66
C TYR D 360 8.33 -1.43 3.58
N THR D 361 8.66 -0.69 2.52
CA THR D 361 7.71 -0.44 1.44
C THR D 361 7.40 -1.74 0.72
N GLY D 362 6.15 -2.19 0.81
CA GLY D 362 5.74 -3.44 0.18
C GLY D 362 5.61 -4.60 1.14
N VAL D 363 6.16 -4.48 2.35
CA VAL D 363 6.09 -5.56 3.32
C VAL D 363 4.77 -5.49 4.08
N GLY D 364 4.24 -6.65 4.41
CA GLY D 364 3.02 -6.73 5.20
C GLY D 364 1.79 -6.29 4.42
N VAL D 365 0.67 -6.30 5.12
CA VAL D 365 -0.62 -5.90 4.56
C VAL D 365 -0.85 -4.43 4.85
N ASP D 366 -1.18 -3.66 3.81
CA ASP D 366 -1.46 -2.23 3.96
C ASP D 366 -2.95 -2.09 4.25
N GLN D 367 -3.29 -2.08 5.54
CA GLN D 367 -4.69 -1.97 5.93
C GLN D 367 -5.29 -0.63 5.53
N LEU D 368 -4.53 0.45 5.71
CA LEU D 368 -5.06 1.78 5.45
C LEU D 368 -5.41 1.97 3.99
N ALA D 369 -4.55 1.49 3.08
CA ALA D 369 -4.84 1.59 1.67
C ALA D 369 -6.07 0.76 1.30
N LYS D 370 -6.12 -0.49 1.76
CA LYS D 370 -7.29 -1.32 1.51
C LYS D 370 -8.54 -0.70 2.11
N LEU D 371 -8.40 -0.08 3.29
CA LEU D 371 -9.55 0.56 3.93
C LEU D 371 -10.10 1.69 3.07
N ILE D 372 -9.22 2.57 2.59
CA ILE D 372 -9.65 3.67 1.73
C ILE D 372 -10.26 3.13 0.44
N GLU D 373 -9.63 2.12 -0.16
CA GLU D 373 -10.15 1.56 -1.40
C GLU D 373 -11.52 0.94 -1.18
N THR D 374 -11.72 0.25 -0.06
CA THR D 374 -13.03 -0.33 0.22
C THR D 374 -14.06 0.74 0.56
N LEU D 375 -13.62 1.82 1.20
CA LEU D 375 -14.55 2.89 1.58
C LEU D 375 -15.12 3.59 0.35
N LYS D 376 -14.33 3.73 -0.72
CA LYS D 376 -14.79 4.42 -1.91
C LYS D 376 -15.45 3.50 -2.93
N ASN D 377 -15.13 2.21 -2.93
CA ASN D 377 -15.70 1.27 -3.89
C ASN D 377 -16.92 0.53 -3.36
N ASN D 378 -16.95 0.19 -2.08
CA ASN D 378 -18.07 -0.53 -1.47
C ASN D 378 -18.39 0.10 -0.12
N PRO D 379 -19.16 1.19 -0.12
CA PRO D 379 -19.36 1.92 1.15
C PRO D 379 -20.21 1.18 2.15
N LYS D 380 -21.25 0.48 1.71
CA LYS D 380 -22.14 -0.24 2.62
C LYS D 380 -21.57 -1.58 3.09
N ASP D 381 -20.31 -1.85 2.78
CA ASP D 381 -19.65 -3.05 3.30
C ASP D 381 -19.52 -2.95 4.81
N ARG D 382 -19.65 -4.09 5.49
CA ARG D 382 -19.61 -4.14 6.95
C ARG D 382 -18.24 -4.52 7.50
N ARG D 383 -17.17 -4.31 6.72
CA ARG D 383 -15.85 -4.80 7.10
C ARG D 383 -14.78 -3.73 6.98
N HIS D 384 -15.16 -2.46 7.18
CA HIS D 384 -14.19 -1.35 7.16
C HIS D 384 -13.45 -1.30 8.50
N ILE D 385 -12.54 -2.25 8.68
CA ILE D 385 -11.89 -2.48 9.96
C ILE D 385 -10.39 -2.20 9.83
N LEU D 386 -9.85 -1.46 10.79
CA LEU D 386 -8.42 -1.19 10.92
C LEU D 386 -7.98 -1.66 12.30
N THR D 387 -7.12 -2.67 12.35
CA THR D 387 -6.68 -3.27 13.60
C THR D 387 -5.19 -3.05 13.81
N ALA D 388 -4.79 -3.08 15.09
CA ALA D 388 -3.39 -2.97 15.46
C ALA D 388 -2.94 -4.09 16.40
N TRP D 389 -3.85 -4.98 16.81
CA TRP D 389 -3.50 -6.05 17.73
C TRP D 389 -2.94 -7.23 16.94
N ASN D 390 -1.63 -7.39 16.97
CA ASN D 390 -0.94 -8.50 16.31
C ASN D 390 -0.28 -9.36 17.38
N PRO D 391 -0.86 -10.50 17.76
CA PRO D 391 -0.25 -11.32 18.81
C PRO D 391 1.16 -11.78 18.47
N SER D 392 1.53 -11.83 17.19
CA SER D 392 2.88 -12.23 16.81
C SER D 392 3.90 -11.14 17.03
N ALA D 393 3.46 -9.88 17.14
CA ALA D 393 4.37 -8.74 17.28
C ALA D 393 4.26 -8.03 18.62
N LEU D 394 3.42 -8.54 19.53
CA LEU D 394 3.22 -7.85 20.81
C LEU D 394 4.52 -7.76 21.61
N SER D 395 5.31 -8.83 21.62
CA SER D 395 6.54 -8.85 22.40
C SER D 395 7.58 -7.87 21.89
N GLN D 396 7.51 -7.48 20.62
CA GLN D 396 8.48 -6.56 20.05
C GLN D 396 8.10 -5.09 20.22
N MET D 397 6.88 -4.79 20.66
CA MET D 397 6.44 -3.41 20.76
C MET D 397 6.92 -2.77 22.06
N ALA D 398 7.26 -1.48 21.98
CA ALA D 398 7.57 -0.75 23.20
C ALA D 398 6.35 -0.61 24.09
N LEU D 399 5.16 -0.67 23.50
CA LEU D 399 3.91 -0.62 24.23
C LEU D 399 2.81 -1.23 23.37
N PRO D 400 2.05 -2.19 23.90
CA PRO D 400 0.96 -2.78 23.11
C PRO D 400 -0.07 -1.74 22.76
N PRO D 401 -0.85 -1.96 21.69
CA PRO D 401 -1.81 -0.94 21.26
C PRO D 401 -2.91 -0.72 22.29
N CYS D 402 -3.24 0.55 22.52
CA CYS D 402 -4.35 0.93 23.37
C CYS D 402 -5.63 1.12 22.57
N HIS D 403 -5.59 1.99 21.56
CA HIS D 403 -6.66 2.03 20.57
C HIS D 403 -6.42 0.86 19.63
N VAL D 404 -7.09 -0.24 19.94
CA VAL D 404 -6.74 -1.55 19.36
C VAL D 404 -7.37 -1.72 18.00
N LEU D 405 -8.67 -1.43 17.88
CA LEU D 405 -9.41 -1.73 16.66
C LEU D 405 -10.41 -0.62 16.40
N SER D 406 -10.59 -0.28 15.12
CA SER D 406 -11.53 0.75 14.72
C SER D 406 -12.32 0.28 13.52
N GLN D 407 -13.61 0.65 13.47
CA GLN D 407 -14.49 0.30 12.37
C GLN D 407 -15.13 1.56 11.82
N TYR D 408 -15.40 1.56 10.52
CA TYR D 408 -15.89 2.73 9.83
C TYR D 408 -17.16 2.39 9.06
N TYR D 409 -18.05 3.38 8.96
CA TYR D 409 -19.42 3.18 8.50
C TYR D 409 -19.81 4.36 7.63
N VAL D 410 -20.38 4.09 6.46
CA VAL D 410 -20.85 5.11 5.53
C VAL D 410 -22.37 5.16 5.61
N THR D 411 -22.90 6.29 6.06
CA THR D 411 -24.34 6.43 6.19
C THR D 411 -24.98 6.60 4.81
N ASN D 412 -26.31 6.60 4.79
CA ASN D 412 -27.02 6.74 3.53
C ASN D 412 -26.85 8.14 2.95
N ASP D 413 -26.65 9.15 3.80
CA ASP D 413 -26.39 10.52 3.35
C ASP D 413 -24.90 10.83 3.23
N ASN D 414 -24.08 9.82 2.92
CA ASN D 414 -22.67 10.00 2.60
C ASN D 414 -21.90 10.67 3.73
N CYS D 415 -22.10 10.16 4.95
CA CYS D 415 -21.32 10.56 6.10
C CYS D 415 -20.52 9.37 6.62
N LEU D 416 -19.35 9.65 7.18
CA LEU D 416 -18.42 8.64 7.65
C LEU D 416 -18.34 8.66 9.17
N SER D 417 -18.86 7.62 9.81
CA SER D 417 -18.78 7.46 11.25
C SER D 417 -17.70 6.47 11.62
N CYS D 418 -17.26 6.54 12.88
CA CYS D 418 -16.14 5.74 13.36
C CYS D 418 -16.45 5.16 14.73
N ASN D 419 -16.19 3.87 14.89
CA ASN D 419 -16.21 3.20 16.18
C ASN D 419 -14.79 2.77 16.55
N LEU D 420 -14.43 2.97 17.81
CA LEU D 420 -13.10 2.65 18.29
C LEU D 420 -13.21 1.85 19.58
N TYR D 421 -12.50 0.73 19.65
CA TYR D 421 -12.37 -0.01 20.89
C TYR D 421 -11.01 0.25 21.50
N GLN D 422 -11.00 0.68 22.76
CA GLN D 422 -9.79 1.01 23.49
C GLN D 422 -9.68 0.08 24.70
N ARG D 423 -8.63 -0.73 24.74
CA ARG D 423 -8.50 -1.70 25.82
C ARG D 423 -8.13 -1.02 27.14
N SER D 424 -7.31 0.02 27.09
CA SER D 424 -6.86 0.74 28.27
C SER D 424 -6.88 2.23 27.97
N CYS D 425 -7.46 3.01 28.88
CA CYS D 425 -7.70 4.43 28.63
C CYS D 425 -7.27 5.25 29.84
N ASP D 426 -6.15 5.95 29.70
CA ASP D 426 -5.74 6.96 30.68
C ASP D 426 -6.61 8.20 30.46
N LEU D 427 -7.60 8.38 31.34
CA LEU D 427 -8.56 9.47 31.17
C LEU D 427 -7.92 10.84 31.38
N GLY D 428 -6.75 10.91 32.01
CA GLY D 428 -6.09 12.18 32.24
C GLY D 428 -5.34 12.70 31.04
N LEU D 429 -4.67 11.80 30.31
CA LEU D 429 -3.82 12.20 29.20
C LEU D 429 -4.22 11.54 27.89
N GLY D 430 -4.35 10.21 27.86
CA GLY D 430 -4.56 9.53 26.59
C GLY D 430 -5.94 9.76 26.00
N SER D 431 -6.96 9.86 26.87
CA SER D 431 -8.33 9.94 26.38
C SER D 431 -8.60 11.18 25.54
N PRO D 432 -8.26 12.40 25.99
CA PRO D 432 -8.50 13.56 25.11
C PRO D 432 -7.72 13.48 23.81
N PHE D 433 -6.49 12.97 23.85
CA PHE D 433 -5.73 12.76 22.62
C PHE D 433 -6.42 11.76 21.72
N ASN D 434 -6.89 10.64 22.27
CA ASN D 434 -7.53 9.62 21.44
C ASN D 434 -8.81 10.14 20.80
N ILE D 435 -9.60 10.91 21.53
CA ILE D 435 -10.83 11.47 20.99
C ILE D 435 -10.52 12.34 19.78
N ALA D 436 -9.63 13.33 19.95
CA ALA D 436 -9.31 14.25 18.86
C ALA D 436 -8.56 13.53 17.74
N SER D 437 -7.70 12.57 18.07
CA SER D 437 -6.90 11.92 17.06
C SER D 437 -7.78 11.14 16.08
N TYR D 438 -8.70 10.33 16.60
CA TYR D 438 -9.59 9.58 15.72
C TYR D 438 -10.65 10.46 15.10
N ALA D 439 -10.95 11.61 15.69
CA ALA D 439 -11.79 12.59 15.01
C ALA D 439 -11.10 13.11 13.76
N ILE D 440 -9.83 13.50 13.89
CA ILE D 440 -9.07 13.99 12.73
C ILE D 440 -8.92 12.88 11.69
N LEU D 441 -8.66 11.65 12.14
CA LEU D 441 -8.47 10.55 11.20
C LEU D 441 -9.73 10.29 10.39
N THR D 442 -10.90 10.32 11.04
CA THR D 442 -12.15 10.12 10.31
C THR D 442 -12.39 11.26 9.31
N MET D 443 -12.05 12.50 9.70
CA MET D 443 -12.21 13.62 8.79
C MET D 443 -11.29 13.49 7.59
N MET D 444 -10.04 13.06 7.81
CA MET D 444 -9.12 12.84 6.70
C MET D 444 -9.65 11.75 5.78
N LEU D 445 -10.10 10.63 6.34
CA LEU D 445 -10.68 9.56 5.53
C LEU D 445 -11.90 10.05 4.78
N ALA D 446 -12.69 10.93 5.41
CA ALA D 446 -13.90 11.43 4.75
C ALA D 446 -13.56 12.30 3.55
N GLN D 447 -12.52 13.13 3.66
CA GLN D 447 -12.17 14.01 2.55
C GLN D 447 -11.55 13.22 1.41
N VAL D 448 -10.68 12.26 1.72
CA VAL D 448 -10.05 11.46 0.68
C VAL D 448 -11.06 10.57 -0.02
N CYS D 449 -12.06 10.09 0.70
CA CYS D 449 -13.09 9.25 0.12
C CYS D 449 -14.30 10.02 -0.40
N GLY D 450 -14.37 11.32 -0.12
CA GLY D 450 -15.46 12.13 -0.62
C GLY D 450 -16.73 12.12 0.21
N TYR D 451 -16.62 11.95 1.53
CA TYR D 451 -17.76 11.96 2.42
C TYR D 451 -17.63 13.12 3.41
N GLU D 452 -18.62 13.21 4.30
CA GLU D 452 -18.63 14.19 5.37
C GLU D 452 -18.43 13.50 6.71
N PRO D 453 -17.88 14.19 7.70
CA PRO D 453 -17.70 13.55 9.01
C PRO D 453 -19.03 13.23 9.66
N GLY D 454 -19.09 12.09 10.34
CA GLY D 454 -20.32 11.65 10.96
C GLY D 454 -20.27 11.67 12.47
N GLU D 455 -20.26 10.49 13.09
CA GLU D 455 -20.21 10.36 14.54
C GLU D 455 -18.95 9.61 14.95
N LEU D 456 -18.60 9.76 16.22
CA LEU D 456 -17.45 9.08 16.81
C LEU D 456 -17.88 8.40 18.09
N ALA D 457 -17.86 7.08 18.09
CA ALA D 457 -18.15 6.28 19.28
C ALA D 457 -16.86 5.59 19.73
N ILE D 458 -16.56 5.69 21.02
CA ILE D 458 -15.38 5.08 21.60
C ILE D 458 -15.83 4.12 22.69
N PHE D 459 -15.48 2.85 22.54
CA PHE D 459 -15.79 1.81 23.51
C PHE D 459 -14.53 1.46 24.28
N ILE D 460 -14.59 1.57 25.61
CA ILE D 460 -13.42 1.49 26.47
C ILE D 460 -13.52 0.26 27.35
N GLY D 461 -12.42 -0.49 27.44
CA GLY D 461 -12.31 -1.56 28.41
C GLY D 461 -11.94 -1.03 29.78
N ASP D 462 -10.65 -0.93 30.07
CA ASP D 462 -10.15 -0.47 31.36
C ASP D 462 -10.05 1.05 31.33
N ALA D 463 -11.10 1.73 31.76
CA ALA D 463 -11.11 3.18 31.92
C ALA D 463 -10.65 3.51 33.32
N HIS D 464 -9.52 4.23 33.43
CA HIS D 464 -8.88 4.42 34.72
C HIS D 464 -8.37 5.84 34.87
N ILE D 465 -8.15 6.24 36.12
CA ILE D 465 -7.56 7.52 36.48
C ILE D 465 -6.35 7.24 37.35
N TYR D 466 -5.18 7.76 36.94
CA TYR D 466 -3.99 7.60 37.75
C TYR D 466 -4.08 8.48 38.99
N GLU D 467 -3.60 7.93 40.12
CA GLU D 467 -3.83 8.59 41.41
C GLU D 467 -3.13 9.93 41.53
N ASN D 468 -2.09 10.18 40.73
CA ASN D 468 -1.44 11.49 40.74
C ASN D 468 -2.14 12.49 39.85
N HIS D 469 -3.28 12.14 39.26
CA HIS D 469 -4.11 13.05 38.49
C HIS D 469 -5.36 13.48 39.23
N LEU D 470 -5.56 13.03 40.46
CA LEU D 470 -6.82 13.27 41.16
C LEU D 470 -7.05 14.75 41.42
N THR D 471 -6.03 15.46 41.92
CA THR D 471 -6.19 16.89 42.14
C THR D 471 -6.45 17.63 40.83
N GLN D 472 -5.80 17.17 39.75
CA GLN D 472 -5.94 17.85 38.47
C GLN D 472 -7.31 17.61 37.86
N LEU D 473 -7.73 16.34 37.77
CA LEU D 473 -9.00 16.02 37.12
C LEU D 473 -10.18 16.59 37.89
N LYS D 474 -10.10 16.61 39.23
CA LYS D 474 -11.14 17.27 40.02
C LYS D 474 -11.21 18.76 39.68
N GLU D 475 -10.05 19.40 39.49
CA GLU D 475 -10.03 20.78 39.03
C GLU D 475 -10.72 20.92 37.67
N GLN D 476 -10.46 20.00 36.74
CA GLN D 476 -11.10 20.07 35.44
C GLN D 476 -12.61 19.88 35.54
N LEU D 477 -13.09 19.16 36.56
CA LEU D 477 -14.51 18.97 36.75
C LEU D 477 -15.22 20.19 37.30
N SER D 478 -14.48 21.18 37.80
CA SER D 478 -15.07 22.41 38.32
C SER D 478 -15.31 23.45 37.23
N ARG D 479 -14.99 23.13 35.98
CA ARG D 479 -15.07 24.06 34.87
C ARG D 479 -16.26 23.70 34.00
N THR D 480 -17.18 24.66 33.83
CA THR D 480 -18.34 24.44 32.97
C THR D 480 -17.90 24.40 31.51
N PRO D 481 -18.32 23.39 30.74
CA PRO D 481 -17.84 23.25 29.35
C PRO D 481 -18.26 24.43 28.48
N ARG D 482 -17.48 24.63 27.42
CA ARG D 482 -17.69 25.65 26.41
C ARG D 482 -17.91 24.99 25.05
N PRO D 483 -18.46 25.73 24.08
CA PRO D 483 -18.73 25.12 22.77
C PRO D 483 -17.47 24.52 22.13
N PHE D 484 -17.65 23.37 21.49
CA PHE D 484 -16.56 22.74 20.77
C PHE D 484 -16.12 23.65 19.62
N PRO D 485 -14.85 23.58 19.24
CA PRO D 485 -14.39 24.38 18.09
C PRO D 485 -14.74 23.73 16.76
N GLN D 486 -14.23 24.30 15.66
CA GLN D 486 -14.36 23.72 14.34
C GLN D 486 -12.98 23.42 13.78
N LEU D 487 -12.88 22.34 13.02
CA LEU D 487 -11.63 21.94 12.38
C LEU D 487 -11.88 21.83 10.89
N LYS D 488 -11.17 22.64 10.10
CA LYS D 488 -11.33 22.65 8.66
C LYS D 488 -9.98 22.46 7.98
N PHE D 489 -10.02 21.83 6.81
CA PHE D 489 -8.84 21.62 5.99
C PHE D 489 -8.73 22.76 4.98
N LYS D 490 -7.53 23.33 4.86
CA LYS D 490 -7.35 24.46 3.95
C LYS D 490 -7.28 24.03 2.49
N ARG D 491 -6.88 22.79 2.21
CA ARG D 491 -6.75 22.31 0.86
C ARG D 491 -7.20 20.84 0.80
N LYS D 492 -7.51 20.40 -0.41
CA LYS D 492 -7.85 19.00 -0.67
C LYS D 492 -6.61 18.27 -1.15
N VAL D 493 -6.28 17.18 -0.47
CA VAL D 493 -5.08 16.41 -0.77
C VAL D 493 -5.45 15.24 -1.67
N GLU D 494 -4.44 14.69 -2.35
CA GLU D 494 -4.64 13.54 -3.22
C GLU D 494 -4.47 12.22 -2.47
N ASN D 495 -3.39 12.11 -1.69
CA ASN D 495 -3.15 10.97 -0.85
C ASN D 495 -3.25 11.40 0.61
N ILE D 496 -3.72 10.49 1.47
CA ILE D 496 -3.94 10.81 2.87
C ILE D 496 -2.64 11.15 3.59
N GLU D 497 -1.50 10.74 3.05
CA GLU D 497 -0.22 10.98 3.69
C GLU D 497 0.29 12.40 3.48
N ASP D 498 -0.38 13.20 2.65
CA ASP D 498 0.10 14.52 2.27
C ASP D 498 -0.34 15.63 3.22
N PHE D 499 -1.09 15.30 4.26
CA PHE D 499 -1.55 16.33 5.19
C PHE D 499 -0.39 16.94 5.96
N LYS D 500 -0.43 18.26 6.14
CA LYS D 500 0.57 19.00 6.89
C LYS D 500 -0.12 19.81 7.97
N TRP D 501 0.65 20.19 9.00
CA TRP D 501 0.07 20.98 10.08
C TRP D 501 -0.40 22.35 9.60
N GLU D 502 0.21 22.87 8.54
CA GLU D 502 -0.23 24.14 7.98
C GLU D 502 -1.57 24.04 7.28
N ASP D 503 -2.00 22.82 6.94
CA ASP D 503 -3.28 22.61 6.28
C ASP D 503 -4.45 22.55 7.26
N ILE D 504 -4.19 22.69 8.55
CA ILE D 504 -5.21 22.56 9.60
C ILE D 504 -5.59 23.95 10.07
N GLU D 505 -6.89 24.21 10.17
CA GLU D 505 -7.42 25.47 10.68
C GLU D 505 -8.35 25.16 11.86
N LEU D 506 -7.97 25.62 13.04
CA LEU D 506 -8.75 25.40 14.25
C LEU D 506 -9.48 26.70 14.58
N ILE D 507 -10.81 26.68 14.46
CA ILE D 507 -11.63 27.88 14.54
C ILE D 507 -12.47 27.83 15.80
N GLY D 508 -12.42 28.90 16.58
CA GLY D 508 -13.30 29.05 17.73
C GLY D 508 -12.97 28.17 18.93
N TYR D 509 -11.69 27.94 19.19
CA TYR D 509 -11.26 27.13 20.32
C TYR D 509 -10.87 28.08 21.46
N TYR D 510 -11.71 28.15 22.48
CA TYR D 510 -11.48 29.00 23.65
C TYR D 510 -11.54 28.14 24.91
N PRO D 511 -10.51 27.33 25.15
CA PRO D 511 -10.56 26.41 26.28
C PRO D 511 -10.16 27.09 27.58
N TYR D 512 -10.28 26.34 28.67
CA TYR D 512 -9.75 26.75 29.96
C TYR D 512 -8.24 26.50 29.99
N PRO D 513 -7.53 27.10 30.95
CA PRO D 513 -6.07 26.95 30.99
C PRO D 513 -5.65 25.48 31.02
N THR D 514 -4.43 25.24 30.53
CA THR D 514 -3.89 23.88 30.51
C THR D 514 -3.69 23.37 31.93
N ILE D 515 -3.77 22.05 32.07
CA ILE D 515 -3.60 21.37 33.35
C ILE D 515 -2.47 20.37 33.20
N LYS D 516 -1.36 20.61 33.91
CA LYS D 516 -0.19 19.76 33.78
C LYS D 516 -0.41 18.44 34.52
N MET D 517 -0.13 17.34 33.84
CA MET D 517 -0.26 15.99 34.39
C MET D 517 0.88 15.13 33.89
N ASP D 518 1.53 14.40 34.80
CA ASP D 518 2.69 13.58 34.47
C ASP D 518 2.25 12.21 33.98
N MET D 519 2.96 11.70 32.96
CA MET D 519 2.67 10.38 32.42
C MET D 519 3.33 9.29 33.25
N ALA D 520 2.62 8.20 33.44
CA ALA D 520 3.16 7.03 34.16
C ALA D 520 3.92 6.16 33.18
N VAL D 521 5.22 6.03 33.38
CA VAL D 521 6.08 5.26 32.49
C VAL D 521 6.07 3.78 32.86
N GLU E 3 -58.04 7.91 52.53
CA GLU E 3 -57.63 7.87 51.13
C GLU E 3 -56.14 7.54 51.01
N LYS E 4 -55.64 6.74 51.96
CA LYS E 4 -54.25 6.30 51.94
C LYS E 4 -54.07 5.13 50.97
N ASN E 5 -52.82 4.79 50.71
CA ASN E 5 -52.48 3.83 49.66
C ASN E 5 -52.58 2.40 50.15
N VAL E 6 -53.03 1.51 49.27
CA VAL E 6 -53.18 0.09 49.55
C VAL E 6 -52.42 -0.69 48.49
N SER E 7 -51.47 -1.52 48.93
CA SER E 7 -50.60 -2.26 48.03
C SER E 7 -50.66 -3.75 48.34
N ILE E 8 -50.67 -4.58 47.30
CA ILE E 8 -50.54 -6.01 47.43
C ILE E 8 -49.06 -6.39 47.39
N VAL E 9 -48.65 -7.27 48.29
CA VAL E 9 -47.31 -7.87 48.27
C VAL E 9 -47.49 -9.37 48.14
N VAL E 10 -46.88 -9.96 47.10
CA VAL E 10 -47.06 -11.37 46.81
C VAL E 10 -45.82 -11.90 46.11
N ALA E 11 -45.53 -13.18 46.33
CA ALA E 11 -44.49 -13.91 45.60
C ALA E 11 -45.17 -15.08 44.91
N ALA E 12 -45.23 -15.05 43.59
CA ALA E 12 -45.95 -16.04 42.81
C ALA E 12 -45.04 -16.67 41.76
N SER E 13 -45.46 -17.83 41.28
CA SER E 13 -44.72 -18.52 40.24
C SER E 13 -44.79 -17.74 38.92
N VAL E 14 -43.84 -18.02 38.03
CA VAL E 14 -43.67 -17.19 36.85
C VAL E 14 -44.77 -17.46 35.82
N LEU E 15 -45.25 -18.69 35.72
CA LEU E 15 -46.24 -19.06 34.70
C LEU E 15 -47.63 -19.26 35.30
N SER E 16 -47.78 -20.20 36.24
CA SER E 16 -49.09 -20.52 36.80
C SER E 16 -49.45 -19.65 38.00
N SER E 17 -48.52 -18.82 38.49
CA SER E 17 -48.77 -17.90 39.60
C SER E 17 -49.13 -18.64 40.89
N GLY E 18 -48.43 -19.73 41.17
CA GLY E 18 -48.63 -20.45 42.42
C GLY E 18 -47.91 -19.74 43.57
N ILE E 19 -48.54 -19.73 44.73
CA ILE E 19 -48.02 -19.00 45.88
C ILE E 19 -47.91 -19.88 47.12
N GLY E 20 -48.55 -21.04 47.10
CA GLY E 20 -48.57 -21.88 48.29
C GLY E 20 -48.82 -23.33 47.97
N ILE E 21 -48.52 -24.18 48.96
CA ILE E 21 -48.75 -25.62 48.88
C ILE E 21 -48.76 -26.21 50.29
N ASN E 22 -49.85 -26.89 50.65
CA ASN E 22 -49.97 -27.57 51.94
C ASN E 22 -49.70 -26.63 53.10
N GLY E 23 -50.27 -25.43 53.04
CA GLY E 23 -50.19 -24.48 54.14
C GLY E 23 -48.87 -23.77 54.31
N GLN E 24 -47.93 -23.94 53.38
CA GLN E 24 -46.64 -23.26 53.45
C GLN E 24 -46.27 -22.78 52.05
N LEU E 25 -45.06 -22.24 51.92
CA LEU E 25 -44.58 -21.71 50.65
C LEU E 25 -43.97 -22.85 49.81
N PRO E 26 -44.06 -22.74 48.47
CA PRO E 26 -43.43 -23.75 47.61
C PRO E 26 -41.92 -23.59 47.47
N TRP E 27 -41.32 -22.64 48.19
CA TRP E 27 -39.90 -22.37 48.08
C TRP E 27 -39.42 -21.76 49.39
N SER E 28 -38.12 -21.53 49.48
CA SER E 28 -37.49 -20.91 50.66
C SER E 28 -36.44 -19.93 50.15
N ILE E 29 -36.84 -18.67 49.99
CA ILE E 29 -35.97 -17.61 49.52
C ILE E 29 -35.85 -16.57 50.62
N SER E 30 -34.67 -16.48 51.24
CA SER E 30 -34.49 -15.58 52.37
C SER E 30 -34.57 -14.12 51.95
N GLU E 31 -33.97 -13.78 50.79
CA GLU E 31 -34.00 -12.40 50.33
C GLU E 31 -35.42 -11.93 50.03
N ASP E 32 -36.31 -12.85 49.62
CA ASP E 32 -37.69 -12.48 49.36
C ASP E 32 -38.40 -12.06 50.64
N LEU E 33 -38.15 -12.78 51.74
CA LEU E 33 -38.72 -12.40 53.02
C LEU E 33 -38.18 -11.05 53.48
N LYS E 34 -36.89 -10.82 53.27
CA LYS E 34 -36.31 -9.52 53.60
C LYS E 34 -36.97 -8.41 52.78
N PHE E 35 -37.29 -8.68 51.52
CA PHE E 35 -38.00 -7.70 50.71
C PHE E 35 -39.38 -7.43 51.26
N PHE E 36 -40.10 -8.49 51.64
CA PHE E 36 -41.39 -8.32 52.29
C PHE E 36 -41.27 -7.46 53.53
N SER E 37 -40.25 -7.72 54.36
CA SER E 37 -40.07 -6.97 55.59
C SER E 37 -39.78 -5.50 55.30
N LYS E 38 -38.88 -5.23 54.37
CA LYS E 38 -38.51 -3.85 54.09
C LYS E 38 -39.64 -3.07 53.42
N ILE E 39 -40.42 -3.74 52.56
CA ILE E 39 -41.47 -3.03 51.84
C ILE E 39 -42.68 -2.79 52.75
N THR E 40 -42.87 -3.63 53.76
CA THR E 40 -43.97 -3.46 54.70
C THR E 40 -43.62 -2.56 55.88
N ASN E 41 -42.33 -2.36 56.15
CA ASN E 41 -41.89 -1.42 57.17
C ASN E 41 -41.63 -0.02 56.62
N ASN E 42 -41.61 0.14 55.30
CA ASN E 42 -41.31 1.43 54.68
C ASN E 42 -42.43 2.41 54.97
N LYS E 43 -42.17 3.37 55.86
CA LYS E 43 -43.14 4.39 56.23
C LYS E 43 -42.46 5.74 56.27
N CYS E 44 -43.27 6.79 56.40
CA CYS E 44 -42.77 8.16 56.44
C CYS E 44 -42.91 8.83 57.80
N ASP E 45 -43.92 8.46 58.59
CA ASP E 45 -44.17 9.05 59.90
C ASP E 45 -43.63 8.14 60.98
N SER E 46 -42.82 8.69 61.89
CA SER E 46 -42.24 7.91 62.97
C SER E 46 -43.27 7.54 64.03
N ASN E 47 -44.42 8.19 64.05
CA ASN E 47 -45.46 7.91 65.03
C ASN E 47 -46.62 7.12 64.45
N LYS E 48 -46.42 6.49 63.29
CA LYS E 48 -47.44 5.66 62.67
C LYS E 48 -46.87 4.28 62.36
N LYS E 49 -47.77 3.35 62.09
CA LYS E 49 -47.42 1.98 61.74
C LYS E 49 -48.18 1.56 60.50
N ASN E 50 -47.66 0.55 59.81
CA ASN E 50 -48.32 -0.01 58.64
C ASN E 50 -49.16 -1.22 59.02
N ALA E 51 -50.25 -1.41 58.30
CA ALA E 51 -51.18 -2.50 58.55
C ALA E 51 -51.03 -3.58 57.48
N LEU E 52 -50.84 -4.83 57.91
CA LEU E 52 -50.70 -5.96 57.01
C LEU E 52 -51.93 -6.84 57.15
N ILE E 53 -52.76 -6.87 56.10
CA ILE E 53 -53.99 -7.64 56.10
C ILE E 53 -53.70 -9.04 55.57
N MET E 54 -54.16 -10.07 56.27
CA MET E 54 -53.96 -11.44 55.84
C MET E 54 -55.13 -12.31 56.31
N GLY E 55 -55.31 -13.42 55.60
CA GLY E 55 -56.33 -14.38 55.97
C GLY E 55 -55.90 -15.27 57.12
N ARG E 56 -56.86 -16.09 57.61
CA ARG E 56 -56.60 -16.92 58.77
C ARG E 56 -55.55 -17.98 58.48
N LYS E 57 -55.65 -18.66 57.34
CA LYS E 57 -54.68 -19.71 57.03
C LYS E 57 -53.28 -19.13 56.87
N THR E 58 -53.18 -17.92 56.32
CA THR E 58 -51.88 -17.25 56.28
C THR E 58 -51.42 -16.88 57.69
N TRP E 59 -52.35 -16.42 58.53
CA TRP E 59 -52.02 -16.14 59.92
C TRP E 59 -51.54 -17.38 60.64
N ASP E 60 -52.03 -18.56 60.24
CA ASP E 60 -51.54 -19.80 60.83
C ASP E 60 -50.16 -20.16 60.31
N SER E 61 -49.91 -19.92 59.03
CA SER E 61 -48.65 -20.32 58.42
C SER E 61 -47.46 -19.54 58.98
N ILE E 62 -47.69 -18.36 59.54
CA ILE E 62 -46.61 -17.57 60.14
C ILE E 62 -46.53 -17.78 61.66
N GLY E 63 -47.13 -18.84 62.17
CA GLY E 63 -47.02 -19.18 63.58
C GLY E 63 -47.89 -18.40 64.53
N ARG E 64 -48.82 -17.59 64.01
CA ARG E 64 -49.72 -16.78 64.83
C ARG E 64 -48.94 -15.86 65.77
N ARG E 65 -47.85 -15.29 65.26
CA ARG E 65 -47.04 -14.38 66.05
C ARG E 65 -46.90 -13.03 65.34
N PRO E 66 -46.93 -11.93 66.08
CA PRO E 66 -46.95 -10.62 65.45
C PRO E 66 -45.63 -10.29 64.76
N LEU E 67 -45.72 -9.37 63.79
CA LEU E 67 -44.55 -8.86 63.09
C LEU E 67 -44.17 -7.50 63.67
N LYS E 68 -42.88 -7.33 63.97
CA LYS E 68 -42.41 -6.16 64.68
C LYS E 68 -42.70 -4.88 63.89
N ASN E 69 -43.04 -3.82 64.61
CA ASN E 69 -43.27 -2.46 64.10
C ASN E 69 -44.47 -2.35 63.18
N ARG E 70 -45.27 -3.40 63.05
CA ARG E 70 -46.42 -3.40 62.16
C ARG E 70 -47.64 -3.95 62.90
N ILE E 71 -48.81 -3.69 62.32
CA ILE E 71 -50.09 -4.14 62.86
C ILE E 71 -50.66 -5.17 61.90
N ILE E 72 -50.87 -6.38 62.38
CA ILE E 72 -51.40 -7.45 61.55
C ILE E 72 -52.92 -7.48 61.69
N VAL E 73 -53.62 -7.57 60.56
CA VAL E 73 -55.07 -7.57 60.50
C VAL E 73 -55.48 -8.92 59.91
N VAL E 74 -56.07 -9.78 60.73
CA VAL E 74 -56.48 -11.11 60.32
C VAL E 74 -57.94 -11.08 59.92
N ILE E 75 -58.25 -11.60 58.74
CA ILE E 75 -59.62 -11.73 58.25
C ILE E 75 -60.09 -13.13 58.57
N SER E 76 -61.05 -13.24 59.49
CA SER E 76 -61.56 -14.55 59.90
C SER E 76 -62.97 -14.39 60.43
N SER E 77 -63.77 -15.44 60.25
CA SER E 77 -65.13 -15.47 60.76
C SER E 77 -65.24 -16.21 62.09
N SER E 78 -64.22 -16.97 62.49
CA SER E 78 -64.27 -17.76 63.71
C SER E 78 -63.32 -17.31 64.80
N LEU E 79 -62.24 -16.62 64.45
CA LEU E 79 -61.28 -16.19 65.47
C LEU E 79 -61.93 -15.16 66.41
N PRO E 80 -61.69 -15.27 67.71
CA PRO E 80 -62.28 -14.31 68.64
C PRO E 80 -61.63 -12.94 68.49
N GLN E 81 -62.46 -11.90 68.45
CA GLN E 81 -61.99 -10.52 68.32
C GLN E 81 -61.40 -10.07 69.66
N ASP E 82 -60.16 -10.50 69.90
CA ASP E 82 -59.48 -10.19 71.13
C ASP E 82 -58.92 -8.77 71.10
N GLU E 83 -59.06 -8.06 72.22
CA GLU E 83 -58.52 -6.72 72.37
C GLU E 83 -57.25 -6.69 73.21
N ALA E 84 -56.74 -7.85 73.63
CA ALA E 84 -55.56 -7.88 74.49
C ALA E 84 -54.30 -7.47 73.72
N ASP E 85 -54.06 -8.12 72.58
CA ASP E 85 -52.87 -7.83 71.78
C ASP E 85 -53.17 -6.65 70.85
N PRO E 86 -52.48 -5.51 71.02
CA PRO E 86 -52.73 -4.38 70.12
C PRO E 86 -52.07 -4.52 68.75
N ASN E 87 -51.16 -5.48 68.59
CA ASN E 87 -50.48 -5.69 67.32
C ASN E 87 -51.19 -6.67 66.41
N VAL E 88 -52.28 -7.29 66.87
CA VAL E 88 -53.06 -8.23 66.09
C VAL E 88 -54.53 -7.89 66.29
N VAL E 89 -55.24 -7.61 65.20
CA VAL E 89 -56.65 -7.26 65.23
C VAL E 89 -57.39 -8.15 64.23
N VAL E 90 -58.59 -8.59 64.61
CA VAL E 90 -59.39 -9.51 63.81
C VAL E 90 -60.60 -8.79 63.28
N PHE E 91 -60.92 -9.01 62.00
CA PHE E 91 -62.11 -8.48 61.35
C PHE E 91 -62.85 -9.61 60.66
N ARG E 92 -64.16 -9.44 60.53
CA ARG E 92 -65.00 -10.51 59.99
C ARG E 92 -65.04 -10.52 58.47
N ASN E 93 -64.66 -9.43 57.82
CA ASN E 93 -64.64 -9.38 56.36
C ASN E 93 -63.65 -8.30 55.93
N LEU E 94 -63.23 -8.40 54.66
CA LEU E 94 -62.21 -7.48 54.16
C LEU E 94 -62.74 -6.06 54.05
N GLU E 95 -64.02 -5.90 53.68
CA GLU E 95 -64.59 -4.57 53.50
C GLU E 95 -64.59 -3.77 54.81
N ASP E 96 -65.10 -4.37 55.89
CA ASP E 96 -65.07 -3.70 57.18
C ASP E 96 -63.65 -3.42 57.65
N SER E 97 -62.68 -4.24 57.22
CA SER E 97 -61.30 -4.01 57.65
C SER E 97 -60.70 -2.80 56.95
N ILE E 98 -61.14 -2.49 55.73
CA ILE E 98 -60.68 -1.29 55.03
C ILE E 98 -61.43 -0.09 55.57
N GLU E 99 -61.29 0.17 56.87
CA GLU E 99 -61.82 1.37 57.49
C GLU E 99 -60.72 2.23 58.07
N ASN E 100 -59.46 1.84 57.89
CA ASN E 100 -58.30 2.63 58.26
C ASN E 100 -58.01 3.77 57.27
N LEU E 101 -58.67 3.78 56.10
CA LEU E 101 -58.40 4.82 55.11
C LEU E 101 -58.81 6.19 55.61
N MET E 102 -60.05 6.33 56.08
CA MET E 102 -60.55 7.64 56.51
C MET E 102 -60.17 7.85 57.98
N ASN E 103 -60.77 7.06 58.87
CA ASN E 103 -60.46 7.13 60.29
C ASN E 103 -59.17 6.37 60.59
N ASP E 104 -58.82 6.34 61.88
CA ASP E 104 -57.57 5.71 62.35
C ASP E 104 -56.37 6.34 61.64
N ASP E 105 -56.04 7.56 62.08
CA ASP E 105 -54.89 8.27 61.55
C ASP E 105 -53.55 7.67 61.97
N SER E 106 -53.56 6.70 62.88
CA SER E 106 -52.31 6.08 63.32
C SER E 106 -51.78 5.04 62.34
N ILE E 107 -52.52 4.75 61.28
CA ILE E 107 -52.10 3.81 60.24
C ILE E 107 -51.77 4.63 59.00
N GLU E 108 -50.56 4.46 58.48
CA GLU E 108 -50.13 5.23 57.31
C GLU E 108 -50.40 4.50 56.00
N ASN E 109 -49.92 3.27 55.87
CA ASN E 109 -50.09 2.48 54.65
C ASN E 109 -50.69 1.13 54.99
N ILE E 110 -51.36 0.55 54.00
CA ILE E 110 -52.04 -0.74 54.15
C ILE E 110 -51.49 -1.70 53.11
N PHE E 111 -51.19 -2.93 53.54
CA PHE E 111 -50.65 -3.96 52.67
C PHE E 111 -51.51 -5.20 52.72
N VAL E 112 -51.91 -5.70 51.55
CA VAL E 112 -52.66 -6.94 51.43
C VAL E 112 -51.69 -8.05 51.01
N CYS E 113 -51.72 -9.16 51.74
CA CYS E 113 -50.73 -10.20 51.52
C CYS E 113 -51.17 -11.55 52.07
N GLY E 114 -52.48 -11.82 52.08
CA GLY E 114 -52.99 -12.94 52.84
C GLY E 114 -53.73 -14.04 52.09
N GLY E 115 -53.07 -14.64 51.10
CA GLY E 115 -53.59 -15.82 50.46
C GLY E 115 -54.56 -15.52 49.33
N GLU E 116 -54.94 -16.59 48.62
CA GLU E 116 -55.72 -16.44 47.40
C GLU E 116 -57.07 -15.81 47.67
N SER E 117 -57.74 -16.19 48.76
CA SER E 117 -59.06 -15.66 49.05
C SER E 117 -59.01 -14.15 49.28
N ILE E 118 -58.04 -13.68 50.06
CA ILE E 118 -57.95 -12.25 50.34
C ILE E 118 -57.47 -11.49 49.10
N TYR E 119 -56.56 -12.09 48.33
CA TYR E 119 -56.11 -11.47 47.08
C TYR E 119 -57.28 -11.27 46.13
N ARG E 120 -58.07 -12.32 45.91
CA ARG E 120 -59.15 -12.26 44.93
C ARG E 120 -60.23 -11.26 45.36
N ASP E 121 -60.54 -11.21 46.65
CA ASP E 121 -61.55 -10.27 47.13
C ASP E 121 -61.05 -8.83 47.07
N ALA E 122 -59.76 -8.61 47.32
CA ALA E 122 -59.22 -7.26 47.28
C ALA E 122 -59.15 -6.73 45.85
N LEU E 123 -58.98 -7.62 44.87
CA LEU E 123 -58.94 -7.20 43.47
C LEU E 123 -60.33 -7.08 42.88
N LYS E 124 -61.27 -7.94 43.30
CA LYS E 124 -62.62 -7.88 42.74
C LYS E 124 -63.37 -6.63 43.18
N ASP E 125 -63.04 -6.09 44.36
CA ASP E 125 -63.69 -4.90 44.89
C ASP E 125 -62.89 -3.63 44.62
N ASN E 126 -61.81 -3.72 43.85
CA ASN E 126 -61.02 -2.56 43.44
C ASN E 126 -60.49 -1.78 44.64
N PHE E 127 -59.97 -2.50 45.62
CA PHE E 127 -59.35 -1.89 46.78
C PHE E 127 -57.86 -1.66 46.62
N VAL E 128 -57.24 -2.27 45.60
CA VAL E 128 -55.79 -2.32 45.47
C VAL E 128 -55.32 -1.23 44.53
N ASP E 129 -54.29 -0.48 44.95
CA ASP E 129 -53.67 0.55 44.14
C ASP E 129 -52.35 0.11 43.52
N ARG E 130 -51.53 -0.62 44.26
CA ARG E 130 -50.22 -1.05 43.80
C ARG E 130 -50.07 -2.55 44.03
N ILE E 131 -49.17 -3.16 43.25
CA ILE E 131 -48.89 -4.59 43.37
C ILE E 131 -47.37 -4.79 43.35
N TYR E 132 -46.84 -5.39 44.41
CA TYR E 132 -45.42 -5.77 44.47
C TYR E 132 -45.34 -7.28 44.23
N LEU E 133 -44.97 -7.66 43.01
CA LEU E 133 -44.93 -9.06 42.62
C LEU E 133 -43.50 -9.56 42.58
N THR E 134 -43.26 -10.71 43.18
CA THR E 134 -41.98 -11.40 43.14
C THR E 134 -42.16 -12.67 42.32
N ARG E 135 -41.72 -12.63 41.06
CA ARG E 135 -41.86 -13.77 40.17
C ARG E 135 -40.76 -14.79 40.46
N VAL E 136 -41.15 -16.04 40.74
CA VAL E 136 -40.21 -17.11 41.07
C VAL E 136 -40.22 -18.12 39.94
N ALA E 137 -39.01 -18.53 39.51
CA ALA E 137 -38.87 -19.44 38.37
C ALA E 137 -38.92 -20.89 38.84
N LEU E 138 -40.12 -21.31 39.25
CA LEU E 138 -40.39 -22.68 39.66
C LEU E 138 -41.78 -23.06 39.17
N GLU E 139 -41.85 -24.08 38.33
CA GLU E 139 -43.13 -24.43 37.71
C GLU E 139 -43.44 -25.91 37.73
N ASP E 140 -42.42 -26.76 37.69
CA ASP E 140 -42.65 -28.21 37.68
C ASP E 140 -42.79 -28.76 39.08
N ILE E 141 -43.55 -28.08 39.94
CA ILE E 141 -43.87 -28.51 41.29
C ILE E 141 -45.37 -28.40 41.50
N GLU E 142 -45.82 -28.85 42.66
CA GLU E 142 -47.25 -28.90 42.97
C GLU E 142 -47.67 -27.63 43.70
N PHE E 143 -48.83 -27.09 43.31
CA PHE E 143 -49.44 -25.95 43.97
C PHE E 143 -50.88 -26.27 44.32
N ASP E 144 -51.36 -25.64 45.40
CA ASP E 144 -52.78 -25.68 45.74
C ASP E 144 -53.37 -24.29 45.96
N THR E 145 -52.55 -23.23 45.87
CA THR E 145 -53.00 -21.87 46.08
C THR E 145 -52.32 -20.97 45.04
N TYR E 146 -53.12 -20.21 44.31
CA TYR E 146 -52.62 -19.40 43.21
C TYR E 146 -52.96 -17.93 43.44
N PHE E 147 -52.16 -17.06 42.82
CA PHE E 147 -52.44 -15.63 42.80
C PHE E 147 -53.33 -15.31 41.61
N PRO E 148 -54.38 -14.52 41.79
CA PRO E 148 -55.30 -14.25 40.67
C PRO E 148 -54.59 -13.55 39.53
N GLU E 149 -55.12 -13.74 38.32
CA GLU E 149 -54.58 -13.04 37.16
C GLU E 149 -54.73 -11.54 37.36
N ILE E 150 -53.66 -10.81 37.12
CA ILE E 150 -53.68 -9.35 37.36
C ILE E 150 -54.66 -8.71 36.38
N PRO E 151 -55.64 -7.95 36.87
CA PRO E 151 -56.62 -7.35 35.95
C PRO E 151 -55.99 -6.34 35.01
N GLU E 152 -56.67 -6.11 33.88
CA GLU E 152 -56.17 -5.21 32.86
C GLU E 152 -56.07 -3.76 33.32
N THR E 153 -56.67 -3.42 34.46
CA THR E 153 -56.57 -2.06 34.98
C THR E 153 -55.20 -1.77 35.58
N PHE E 154 -54.33 -2.77 35.71
CA PHE E 154 -52.98 -2.60 36.22
C PHE E 154 -51.96 -2.68 35.08
N LEU E 155 -50.91 -1.88 35.20
CA LEU E 155 -49.82 -1.89 34.24
C LEU E 155 -48.49 -1.94 34.97
N PRO E 156 -47.52 -2.71 34.45
CA PRO E 156 -46.22 -2.76 35.10
C PRO E 156 -45.45 -1.46 34.91
N VAL E 157 -44.81 -1.01 35.99
CA VAL E 157 -44.00 0.20 35.96
C VAL E 157 -42.55 -0.06 36.33
N TYR E 158 -42.19 -1.27 36.71
CA TYR E 158 -40.83 -1.60 37.12
C TYR E 158 -40.62 -3.10 37.02
N MET E 159 -39.44 -3.50 36.55
CA MET E 159 -39.05 -4.90 36.51
C MET E 159 -37.56 -4.97 36.83
N SER E 160 -37.22 -5.56 37.97
CA SER E 160 -35.84 -5.59 38.44
C SER E 160 -35.02 -6.58 37.63
N GLN E 161 -33.71 -6.57 37.89
CA GLN E 161 -32.83 -7.58 37.34
C GLN E 161 -33.13 -8.93 37.97
N THR E 162 -32.63 -9.98 37.33
CA THR E 162 -32.83 -11.34 37.84
C THR E 162 -31.84 -11.61 38.96
N PHE E 163 -32.35 -12.11 40.08
CA PHE E 163 -31.55 -12.53 41.22
C PHE E 163 -31.57 -14.04 41.36
N CYS E 164 -30.61 -14.56 42.12
CA CYS E 164 -30.43 -16.01 42.28
C CYS E 164 -30.28 -16.35 43.76
N THR E 165 -31.04 -17.35 44.20
CA THR E 165 -30.90 -17.90 45.55
C THR E 165 -31.06 -19.42 45.45
N LYS E 166 -29.99 -20.15 45.77
CA LYS E 166 -29.99 -21.61 45.70
C LYS E 166 -30.44 -22.10 44.32
N ASN E 167 -29.85 -21.52 43.29
CA ASN E 167 -30.11 -21.85 41.88
C ASN E 167 -31.55 -21.53 41.46
N ILE E 168 -32.26 -20.70 42.22
CA ILE E 168 -33.61 -20.29 41.88
C ILE E 168 -33.57 -18.83 41.44
N SER E 169 -34.05 -18.57 40.22
CA SER E 169 -34.10 -17.23 39.67
C SER E 169 -35.41 -16.55 40.06
N TYR E 170 -35.33 -15.26 40.37
CA TYR E 170 -36.53 -14.52 40.71
C TYR E 170 -36.34 -13.04 40.38
N ASP E 171 -37.47 -12.37 40.15
CA ASP E 171 -37.55 -10.96 39.76
C ASP E 171 -38.35 -10.18 40.80
N PHE E 172 -38.41 -8.86 40.61
CA PHE E 172 -39.25 -7.99 41.40
C PHE E 172 -39.92 -7.00 40.47
N MET E 173 -41.25 -6.94 40.51
CA MET E 173 -42.03 -6.08 39.64
C MET E 173 -43.00 -5.24 40.45
N ILE E 174 -43.37 -4.09 39.90
CA ILE E 174 -44.36 -3.21 40.50
C ILE E 174 -45.44 -2.95 39.46
N PHE E 175 -46.70 -3.06 39.87
CA PHE E 175 -47.85 -2.78 39.02
C PHE E 175 -48.66 -1.63 39.60
N GLU E 176 -49.06 -0.71 38.73
CA GLU E 176 -49.85 0.46 39.11
C GLU E 176 -51.18 0.41 38.40
N LYS E 177 -52.24 0.84 39.09
CA LYS E 177 -53.57 0.90 38.49
C LYS E 177 -53.70 2.22 37.73
N GLN E 178 -53.96 2.14 36.44
CA GLN E 178 -54.07 3.32 35.60
C GLN E 178 -55.40 4.03 35.82
N GLU E 179 -55.36 5.36 35.74
CA GLU E 179 -56.55 6.18 35.93
C GLU E 179 -56.91 6.94 34.65
N LEU E 193 -37.76 17.75 32.66
CA LEU E 193 -38.36 19.03 33.01
C LEU E 193 -39.33 19.48 31.93
N LYS E 194 -40.24 20.39 32.30
CA LYS E 194 -41.26 20.86 31.37
C LYS E 194 -40.64 21.62 30.19
N SER E 195 -39.91 22.70 30.49
CA SER E 195 -39.44 23.59 29.44
C SER E 195 -38.18 23.10 28.73
N ILE E 196 -37.45 22.13 29.31
CA ILE E 196 -36.28 21.60 28.62
C ILE E 196 -36.71 20.83 27.36
N ASP E 197 -37.78 20.04 27.47
CA ASP E 197 -38.26 19.27 26.32
C ASP E 197 -38.73 20.18 25.18
N ASP E 198 -39.36 21.30 25.52
CA ASP E 198 -39.81 22.22 24.48
C ASP E 198 -38.65 22.84 23.72
N THR E 199 -37.61 23.28 24.44
CA THR E 199 -36.45 23.87 23.77
C THR E 199 -35.74 22.84 22.89
N VAL E 200 -35.62 21.60 23.36
CA VAL E 200 -35.00 20.56 22.56
C VAL E 200 -35.81 20.28 21.30
N ASP E 201 -37.14 20.27 21.43
CA ASP E 201 -38.00 20.06 20.26
C ASP E 201 -37.85 21.22 19.28
N LEU E 202 -37.76 22.45 19.78
CA LEU E 202 -37.58 23.61 18.90
C LEU E 202 -36.25 23.54 18.17
N LEU E 203 -35.18 23.16 18.88
CA LEU E 203 -33.89 22.98 18.22
C LEU E 203 -33.94 21.86 17.18
N GLY E 204 -34.74 20.82 17.44
CA GLY E 204 -34.89 19.75 16.47
C GLY E 204 -35.67 20.17 15.24
N GLU E 205 -36.54 21.17 15.38
CA GLU E 205 -37.25 21.71 14.22
C GLU E 205 -36.33 22.59 13.38
N ILE E 206 -35.44 23.34 14.02
CA ILE E 206 -34.53 24.23 13.30
C ILE E 206 -33.48 23.42 12.55
N PHE E 207 -32.76 22.56 13.27
CA PHE E 207 -31.76 21.69 12.68
C PHE E 207 -32.40 20.33 12.40
N GLY E 208 -32.44 19.94 11.13
CA GLY E 208 -33.13 18.72 10.78
C GLY E 208 -32.43 17.50 11.35
N ILE E 209 -31.39 17.04 10.66
CA ILE E 209 -30.54 15.97 11.15
C ILE E 209 -29.16 16.48 11.53
N ARG E 210 -28.96 17.79 11.51
CA ARG E 210 -27.74 18.36 12.03
C ARG E 210 -27.65 18.19 13.54
N LYS E 211 -28.79 18.09 14.21
CA LYS E 211 -28.83 17.81 15.64
C LYS E 211 -28.76 16.30 15.84
N MET E 212 -27.73 15.85 16.58
CA MET E 212 -27.48 14.41 16.69
C MET E 212 -28.63 13.68 17.37
N GLY E 213 -29.41 14.37 18.21
CA GLY E 213 -30.55 13.74 18.84
C GLY E 213 -31.57 13.22 17.84
N ASN E 214 -31.74 13.92 16.71
CA ASN E 214 -32.69 13.48 15.70
C ASN E 214 -32.21 12.24 14.97
N ARG E 215 -30.90 11.99 14.94
CA ARG E 215 -30.38 10.75 14.37
C ARG E 215 -30.49 9.58 15.34
N HIS E 216 -30.80 9.85 16.61
CA HIS E 216 -31.03 8.81 17.62
C HIS E 216 -32.37 9.06 18.30
N LYS E 217 -33.44 8.99 17.50
CA LYS E 217 -34.78 9.26 18.01
C LYS E 217 -35.21 8.18 18.99
N PHE E 218 -36.00 8.59 19.98
CA PHE E 218 -36.55 7.63 20.93
C PHE E 218 -37.59 6.77 20.25
N PRO E 219 -37.59 5.45 20.50
CA PRO E 219 -38.52 4.57 19.80
C PRO E 219 -39.97 4.92 20.12
N LYS E 220 -40.83 4.79 19.11
CA LYS E 220 -42.25 5.02 19.32
C LYS E 220 -42.85 3.92 20.18
N GLU E 221 -44.02 4.20 20.76
CA GLU E 221 -44.64 3.27 21.68
C GLU E 221 -45.02 1.96 20.99
N GLU E 222 -45.38 2.01 19.71
CA GLU E 222 -45.82 0.82 19.01
C GLU E 222 -44.71 -0.21 18.81
N ILE E 223 -43.45 0.18 18.97
CA ILE E 223 -42.32 -0.72 18.83
C ILE E 223 -41.51 -0.84 20.11
N TYR E 224 -42.05 -0.38 21.24
CA TYR E 224 -41.36 -0.42 22.52
C TYR E 224 -41.92 -1.55 23.37
N ASN E 225 -41.03 -2.42 23.85
CA ASN E 225 -41.45 -3.60 24.60
C ASN E 225 -41.95 -3.19 25.98
N THR E 226 -43.20 -3.53 26.29
CA THR E 226 -43.89 -3.16 27.53
C THR E 226 -43.69 -1.67 27.80
N PRO E 227 -44.33 -0.80 27.01
CA PRO E 227 -44.04 0.64 27.13
C PRO E 227 -44.40 1.24 28.47
N SER E 228 -45.23 0.56 29.27
CA SER E 228 -45.64 1.10 30.56
C SER E 228 -44.48 1.16 31.56
N ILE E 229 -43.44 0.35 31.36
CA ILE E 229 -42.25 0.39 32.21
C ILE E 229 -41.33 1.44 31.59
N ARG E 230 -41.43 2.67 32.11
CA ARG E 230 -40.67 3.80 31.57
C ARG E 230 -39.36 4.01 32.31
N PHE E 231 -39.42 4.15 33.63
CA PHE E 231 -38.24 4.45 34.44
C PHE E 231 -37.69 3.23 35.16
N GLY E 232 -38.25 2.05 34.93
CA GLY E 232 -37.82 0.88 35.67
C GLY E 232 -37.39 -0.29 34.81
N ARG E 233 -36.66 -0.01 33.74
CA ARG E 233 -36.18 -1.05 32.83
C ARG E 233 -34.85 -1.64 33.32
N GLU E 234 -34.90 -2.19 34.53
CA GLU E 234 -33.70 -2.73 35.16
C GLU E 234 -33.33 -4.09 34.61
N HIS E 235 -34.32 -4.92 34.27
CA HIS E 235 -34.04 -6.24 33.72
C HIS E 235 -33.20 -6.12 32.45
N TYR E 236 -32.07 -6.81 32.44
CA TYR E 236 -31.07 -6.62 31.39
C TYR E 236 -31.44 -7.29 30.07
N GLU E 237 -32.57 -8.01 30.00
CA GLU E 237 -33.07 -8.41 28.69
C GLU E 237 -33.53 -7.20 27.89
N PHE E 238 -33.93 -6.13 28.57
CA PHE E 238 -34.29 -4.89 27.87
C PHE E 238 -33.11 -4.32 27.10
N GLN E 239 -31.88 -4.60 27.54
CA GLN E 239 -30.71 -4.14 26.80
C GLN E 239 -30.69 -4.66 25.37
N TYR E 240 -31.33 -5.80 25.13
CA TYR E 240 -31.47 -6.36 23.79
C TYR E 240 -32.75 -5.88 23.12
N LEU E 241 -33.88 -5.91 23.85
CA LEU E 241 -35.15 -5.50 23.25
C LEU E 241 -35.15 -4.03 22.86
N ASP E 242 -34.59 -3.17 23.70
CA ASP E 242 -34.53 -1.75 23.36
C ASP E 242 -33.63 -1.49 22.15
N LEU E 243 -32.57 -2.29 21.97
CA LEU E 243 -31.76 -2.19 20.77
C LEU E 243 -32.57 -2.51 19.53
N LEU E 244 -33.41 -3.54 19.60
CA LEU E 244 -34.35 -3.83 18.52
C LEU E 244 -35.20 -2.61 18.19
N SER E 245 -35.80 -2.02 19.23
CA SER E 245 -36.66 -0.85 19.04
C SER E 245 -35.89 0.31 18.40
N ARG E 246 -34.65 0.54 18.86
CA ARG E 246 -33.85 1.62 18.30
C ARG E 246 -33.57 1.39 16.81
N VAL E 247 -33.30 0.15 16.42
CA VAL E 247 -33.08 -0.15 15.01
C VAL E 247 -34.36 0.08 14.21
N LEU E 248 -35.49 -0.43 14.72
CA LEU E 248 -36.76 -0.22 14.02
C LEU E 248 -37.11 1.26 13.89
N GLU E 249 -36.60 2.09 14.79
CA GLU E 249 -36.92 3.52 14.77
C GLU E 249 -35.97 4.31 13.88
N ASN E 250 -34.67 3.98 13.88
CA ASN E 250 -33.68 4.78 13.20
C ASN E 250 -32.89 4.03 12.13
N GLY E 251 -33.19 2.75 11.90
CA GLY E 251 -32.40 1.96 10.98
C GLY E 251 -32.57 2.43 9.55
N ALA E 252 -31.46 2.65 8.86
CA ALA E 252 -31.51 3.02 7.44
C ALA E 252 -31.60 1.77 6.59
N TYR E 253 -32.46 1.82 5.57
CA TYR E 253 -32.63 0.68 4.67
C TYR E 253 -31.43 0.60 3.74
N ARG E 254 -30.66 -0.49 3.86
CA ARG E 254 -29.40 -0.62 3.13
C ARG E 254 -29.29 -2.01 2.52
N GLU E 255 -28.64 -2.08 1.37
CA GLU E 255 -28.30 -3.34 0.73
C GLU E 255 -26.99 -3.88 1.30
N ASN E 256 -26.72 -5.16 1.05
CA ASN E 256 -25.51 -5.81 1.53
C ASN E 256 -25.14 -6.94 0.57
N ARG E 257 -24.16 -7.75 0.98
CA ARG E 257 -23.63 -8.81 0.12
C ARG E 257 -24.69 -9.87 -0.18
N THR E 258 -25.65 -10.07 0.71
CA THR E 258 -26.74 -11.00 0.47
C THR E 258 -27.89 -10.28 -0.25
N GLY E 259 -28.84 -11.07 -0.73
CA GLY E 259 -29.98 -10.49 -1.40
C GLY E 259 -31.03 -9.88 -0.49
N ILE E 260 -30.84 -9.96 0.82
CA ILE E 260 -31.83 -9.50 1.80
C ILE E 260 -31.29 -8.22 2.41
N SER E 261 -31.98 -7.10 2.16
CA SER E 261 -31.58 -5.82 2.72
C SER E 261 -31.89 -5.77 4.22
N THR E 262 -31.24 -4.82 4.90
CA THR E 262 -31.37 -4.67 6.34
C THR E 262 -31.74 -3.24 6.69
N TYR E 263 -32.17 -3.06 7.94
CA TYR E 263 -32.28 -1.75 8.58
C TYR E 263 -31.15 -1.65 9.59
N SER E 264 -30.25 -0.68 9.40
CA SER E 264 -28.97 -0.68 10.08
C SER E 264 -28.73 0.63 10.81
N ILE E 265 -28.10 0.53 11.99
CA ILE E 265 -27.56 1.67 12.72
C ILE E 265 -26.15 1.29 13.17
N PHE E 266 -25.38 2.30 13.57
CA PHE E 266 -23.96 2.12 13.86
C PHE E 266 -23.64 2.59 15.27
N GLY E 267 -22.90 1.77 16.01
CA GLY E 267 -22.43 2.11 17.34
C GLY E 267 -23.45 1.95 18.45
N GLN E 268 -23.60 0.73 18.96
CA GLN E 268 -24.55 0.42 20.01
C GLN E 268 -23.88 -0.42 21.10
N MET E 269 -24.57 -0.53 22.24
CA MET E 269 -24.01 -1.18 23.41
C MET E 269 -25.08 -1.96 24.16
N MET E 270 -24.72 -3.13 24.66
CA MET E 270 -25.58 -3.95 25.50
C MET E 270 -24.79 -4.39 26.73
N ARG E 271 -25.46 -4.39 27.88
CA ARG E 271 -24.82 -4.73 29.15
C ARG E 271 -25.63 -5.83 29.83
N PHE E 272 -24.94 -6.84 30.35
CA PHE E 272 -25.61 -7.96 30.98
C PHE E 272 -24.88 -8.36 32.26
N ASP E 273 -25.67 -8.78 33.25
CA ASP E 273 -25.13 -9.32 34.48
C ASP E 273 -24.98 -10.84 34.35
N MET E 274 -23.91 -11.38 34.93
CA MET E 274 -23.69 -12.81 34.99
C MET E 274 -23.46 -13.32 36.39
N ARG E 275 -23.49 -12.45 37.40
CA ARG E 275 -23.28 -12.88 38.79
C ARG E 275 -24.49 -13.61 39.35
N GLU E 276 -25.70 -13.13 39.03
CA GLU E 276 -26.92 -13.68 39.60
C GLU E 276 -27.85 -14.30 38.56
N SER E 277 -27.45 -14.35 37.30
CA SER E 277 -28.31 -14.89 36.25
C SER E 277 -27.46 -15.18 35.01
N PHE E 278 -28.09 -15.78 34.00
CA PHE E 278 -27.45 -16.10 32.74
C PHE E 278 -28.21 -15.44 31.60
N PRO E 279 -27.55 -14.61 30.78
CA PRO E 279 -28.28 -13.82 29.78
C PRO E 279 -28.79 -14.65 28.60
N LEU E 280 -29.72 -15.57 28.86
CA LEU E 280 -30.40 -16.31 27.81
C LEU E 280 -31.80 -15.73 27.66
N LEU E 281 -32.11 -15.23 26.47
CA LEU E 281 -33.34 -14.49 26.26
C LEU E 281 -34.57 -15.34 26.59
N THR E 282 -35.54 -14.72 27.25
CA THR E 282 -36.79 -15.39 27.59
C THR E 282 -37.91 -15.09 26.62
N THR E 283 -37.83 -13.98 25.89
CA THR E 283 -38.86 -13.63 24.91
C THR E 283 -38.83 -14.54 23.68
N LYS E 284 -37.98 -15.56 23.68
CA LYS E 284 -37.84 -16.48 22.57
C LYS E 284 -37.01 -17.68 23.01
N LYS E 285 -37.47 -18.89 22.69
CA LYS E 285 -36.70 -20.09 23.03
C LYS E 285 -35.45 -20.14 22.17
N VAL E 286 -34.28 -20.10 22.82
CA VAL E 286 -32.99 -20.06 22.14
C VAL E 286 -32.34 -21.43 22.26
N ALA E 287 -31.84 -21.95 21.14
CA ALA E 287 -31.18 -23.26 21.12
C ALA E 287 -29.85 -23.19 21.87
N ILE E 288 -29.90 -23.44 23.18
CA ILE E 288 -28.69 -23.32 24.00
C ILE E 288 -27.67 -24.40 23.65
N ARG E 289 -28.13 -25.59 23.26
CA ARG E 289 -27.20 -26.67 22.95
C ARG E 289 -26.35 -26.35 21.73
N SER E 290 -26.96 -25.78 20.68
CA SER E 290 -26.21 -25.40 19.49
C SER E 290 -25.20 -24.31 19.81
N ILE E 291 -25.56 -23.39 20.71
CA ILE E 291 -24.62 -22.34 21.10
C ILE E 291 -23.39 -22.94 21.76
N PHE E 292 -23.61 -23.87 22.70
CA PHE E 292 -22.48 -24.50 23.38
C PHE E 292 -21.62 -25.29 22.41
N GLU E 293 -22.25 -26.04 21.52
CA GLU E 293 -21.48 -26.89 20.60
C GLU E 293 -20.62 -26.03 19.68
N GLU E 294 -21.13 -24.86 19.26
CA GLU E 294 -20.32 -23.94 18.47
C GLU E 294 -19.14 -23.39 19.28
N LEU E 295 -19.38 -23.06 20.55
CA LEU E 295 -18.32 -22.47 21.37
C LEU E 295 -17.20 -23.48 21.66
N ILE E 296 -17.57 -24.70 22.04
CA ILE E 296 -16.56 -25.72 22.29
C ILE E 296 -15.89 -26.11 20.97
N TRP E 297 -16.59 -25.96 19.85
CA TRP E 297 -15.97 -26.14 18.54
C TRP E 297 -14.90 -25.09 18.30
N PHE E 298 -15.15 -23.85 18.74
CA PHE E 298 -14.14 -22.80 18.66
C PHE E 298 -12.96 -23.11 19.57
N ILE E 299 -13.23 -23.48 20.82
CA ILE E 299 -12.18 -23.64 21.82
C ILE E 299 -11.21 -24.74 21.41
N LYS E 300 -11.73 -25.83 20.84
CA LYS E 300 -10.87 -26.92 20.40
C LYS E 300 -9.99 -26.55 19.22
N GLY E 301 -10.15 -25.36 18.66
CA GLY E 301 -9.38 -24.97 17.50
C GLY E 301 -9.86 -25.55 16.20
N ASP E 302 -11.11 -26.02 16.15
CA ASP E 302 -11.62 -26.78 15.02
C ASP E 302 -12.24 -25.85 13.98
N THR E 303 -11.95 -26.13 12.71
CA THR E 303 -12.57 -25.42 11.59
C THR E 303 -13.39 -26.36 10.72
N ASN E 304 -13.62 -27.59 11.17
CA ASN E 304 -14.34 -28.59 10.40
C ASN E 304 -15.84 -28.41 10.62
N GLY E 305 -16.55 -27.95 9.58
CA GLY E 305 -17.98 -27.76 9.68
C GLY E 305 -18.78 -29.04 9.77
N ASN E 306 -18.19 -30.16 9.31
CA ASN E 306 -18.89 -31.44 9.39
C ASN E 306 -19.04 -31.91 10.83
N HIS E 307 -18.07 -31.59 11.69
CA HIS E 307 -18.15 -31.99 13.09
C HIS E 307 -19.35 -31.34 13.78
N LEU E 308 -19.76 -30.16 13.32
CA LEU E 308 -20.97 -29.53 13.84
C LEU E 308 -22.22 -30.16 13.24
N ILE E 309 -22.20 -30.49 11.95
CA ILE E 309 -23.36 -31.11 11.33
C ILE E 309 -23.60 -32.51 11.89
N GLU E 310 -22.52 -33.23 12.23
CA GLU E 310 -22.66 -34.56 12.81
C GLU E 310 -23.29 -34.52 14.20
N LYS E 311 -23.27 -33.36 14.87
CA LYS E 311 -23.90 -33.20 16.16
C LYS E 311 -25.24 -32.46 16.06
N LYS E 312 -25.88 -32.51 14.89
CA LYS E 312 -27.20 -31.92 14.67
C LYS E 312 -27.18 -30.40 14.91
N VAL E 313 -26.11 -29.75 14.46
CA VAL E 313 -25.96 -28.30 14.54
C VAL E 313 -25.71 -27.80 13.12
N TYR E 314 -26.64 -27.02 12.58
CA TYR E 314 -26.61 -26.62 11.18
C TYR E 314 -26.46 -25.12 10.99
N ILE E 315 -25.83 -24.44 11.95
CA ILE E 315 -25.71 -22.98 11.83
C ILE E 315 -24.62 -22.57 10.84
N TRP E 316 -23.63 -23.42 10.59
CA TRP E 316 -22.57 -23.13 9.62
C TRP E 316 -22.75 -23.91 8.32
N SER E 317 -23.97 -24.36 8.03
CA SER E 317 -24.21 -25.07 6.78
C SER E 317 -24.37 -24.11 5.61
N GLY E 318 -25.00 -22.95 5.85
CA GLY E 318 -25.21 -22.00 4.77
C GLY E 318 -23.91 -21.40 4.26
N ASN E 319 -23.02 -21.01 5.17
CA ASN E 319 -21.73 -20.44 4.80
C ASN E 319 -20.68 -21.50 4.49
N GLY E 320 -21.08 -22.78 4.43
CA GLY E 320 -20.16 -23.84 4.13
C GLY E 320 -20.73 -24.86 3.17
N SER E 321 -21.30 -24.38 2.07
CA SER E 321 -21.83 -25.23 1.02
C SER E 321 -20.97 -25.11 -0.23
N LYS E 322 -21.13 -26.08 -1.13
CA LYS E 322 -20.35 -26.05 -2.38
C LYS E 322 -20.66 -24.80 -3.19
N GLU E 323 -21.94 -24.41 -3.26
CA GLU E 323 -22.32 -23.25 -4.05
C GLU E 323 -21.81 -21.95 -3.42
N TYR E 324 -21.91 -21.82 -2.10
CA TYR E 324 -21.45 -20.59 -1.46
C TYR E 324 -19.94 -20.44 -1.53
N LEU E 325 -19.20 -21.54 -1.31
CA LEU E 325 -17.74 -21.47 -1.36
C LEU E 325 -17.24 -21.17 -2.76
N GLU E 326 -17.86 -21.77 -3.78
CA GLU E 326 -17.47 -21.46 -5.15
C GLU E 326 -17.83 -20.03 -5.52
N ARG E 327 -18.89 -19.49 -4.93
CA ARG E 327 -19.33 -18.13 -5.27
C ARG E 327 -18.35 -17.08 -4.75
N ILE E 328 -17.80 -17.28 -3.55
CA ILE E 328 -16.89 -16.31 -2.95
C ILE E 328 -15.45 -16.63 -3.35
N GLY E 329 -15.28 -17.57 -4.28
CA GLY E 329 -13.96 -17.87 -4.80
C GLY E 329 -13.15 -18.87 -4.01
N LEU E 330 -13.80 -19.83 -3.36
CA LEU E 330 -13.13 -20.89 -2.62
C LEU E 330 -13.58 -22.26 -3.11
N GLY E 331 -13.74 -22.40 -4.43
CA GLY E 331 -14.18 -23.68 -4.99
C GLY E 331 -13.18 -24.80 -4.85
N HIS E 332 -11.91 -24.47 -4.61
CA HIS E 332 -10.88 -25.49 -4.39
C HIS E 332 -11.03 -26.15 -3.02
N ARG E 333 -11.86 -25.60 -2.15
CA ARG E 333 -12.02 -26.08 -0.79
C ARG E 333 -13.01 -27.25 -0.75
N GLU E 334 -12.89 -28.06 0.30
CA GLU E 334 -13.89 -29.08 0.57
C GLU E 334 -15.23 -28.44 0.96
N GLU E 335 -16.28 -29.27 1.04
CA GLU E 335 -17.63 -28.75 1.18
C GLU E 335 -17.78 -27.86 2.41
N ASN E 336 -17.38 -28.36 3.58
CA ASN E 336 -17.58 -27.63 4.82
C ASN E 336 -16.26 -27.15 5.44
N ASP E 337 -15.22 -27.01 4.64
CA ASP E 337 -13.93 -26.48 5.11
C ASP E 337 -14.04 -24.96 5.17
N LEU E 338 -14.44 -24.46 6.35
CA LEU E 338 -14.70 -23.04 6.52
C LEU E 338 -13.43 -22.19 6.47
N GLY E 339 -12.25 -22.80 6.64
CA GLY E 339 -11.02 -22.07 6.61
C GLY E 339 -10.62 -21.54 7.97
N PRO E 340 -9.54 -20.75 8.03
CA PRO E 340 -9.07 -20.24 9.31
C PRO E 340 -9.98 -19.17 9.89
N ILE E 341 -10.87 -19.56 10.80
CA ILE E 341 -11.86 -18.63 11.33
C ILE E 341 -11.75 -18.63 12.85
N TYR E 342 -12.86 -18.36 13.53
CA TYR E 342 -12.87 -18.45 14.99
C TYR E 342 -12.30 -19.79 15.43
N GLY E 343 -11.48 -19.75 16.48
CA GLY E 343 -10.82 -20.92 16.98
C GLY E 343 -9.55 -21.31 16.27
N PHE E 344 -9.38 -20.92 15.01
CA PHE E 344 -8.08 -21.12 14.40
C PHE E 344 -7.17 -19.93 14.66
N GLN E 345 -7.73 -18.73 14.71
CA GLN E 345 -6.98 -17.59 15.18
C GLN E 345 -6.86 -17.58 16.70
N TRP E 346 -7.76 -18.29 17.40
CA TRP E 346 -7.67 -18.39 18.85
C TRP E 346 -6.51 -19.27 19.27
N ARG E 347 -6.31 -20.39 18.56
CA ARG E 347 -5.30 -21.37 18.94
C ARG E 347 -4.07 -21.38 18.05
N HIS E 348 -4.20 -20.94 16.79
CA HIS E 348 -3.09 -20.94 15.85
C HIS E 348 -3.09 -19.64 15.04
N TYR E 349 -2.93 -18.52 15.72
CA TYR E 349 -2.94 -17.23 15.03
C TYR E 349 -1.72 -17.09 14.14
N ASN E 350 -1.94 -16.55 12.94
CA ASN E 350 -0.90 -16.39 11.91
C ASN E 350 -0.34 -17.72 11.43
N GLY E 351 -1.04 -18.82 11.69
CA GLY E 351 -0.59 -20.11 11.22
C GLY E 351 -0.99 -20.32 9.78
N GLU E 352 -0.06 -20.92 9.01
CA GLU E 352 -0.31 -21.20 7.61
C GLU E 352 -1.42 -22.24 7.49
N TYR E 353 -2.58 -21.81 7.01
CA TYR E 353 -3.72 -22.71 6.88
C TYR E 353 -3.60 -23.49 5.58
N LYS E 354 -3.87 -24.79 5.66
CA LYS E 354 -3.87 -25.65 4.47
C LYS E 354 -5.26 -26.21 4.22
N THR E 355 -5.63 -27.27 4.95
CA THR E 355 -6.96 -27.85 4.87
C THR E 355 -7.49 -28.08 6.28
N MET E 356 -8.73 -28.60 6.34
CA MET E 356 -9.39 -28.86 7.61
C MET E 356 -8.91 -30.14 8.28
N HIS E 357 -8.12 -30.97 7.59
CA HIS E 357 -7.70 -32.26 8.11
C HIS E 357 -6.27 -32.27 8.64
N ASP E 358 -5.47 -31.26 8.32
CA ASP E 358 -4.07 -31.29 8.72
C ASP E 358 -3.92 -31.07 10.23
N ASP E 359 -2.76 -31.42 10.74
CA ASP E 359 -2.45 -31.28 12.16
C ASP E 359 -1.76 -29.95 12.38
N TYR E 360 -2.37 -29.09 13.20
CA TYR E 360 -1.86 -27.75 13.45
C TYR E 360 -1.33 -27.60 14.87
N THR E 361 -1.06 -28.69 15.56
CA THR E 361 -0.57 -28.62 16.92
C THR E 361 0.82 -28.01 16.95
N GLY E 362 0.93 -26.84 17.58
CA GLY E 362 2.18 -26.12 17.70
C GLY E 362 2.35 -24.95 16.74
N VAL E 363 1.54 -24.87 15.69
CA VAL E 363 1.66 -23.80 14.71
C VAL E 363 0.88 -22.58 15.20
N GLY E 364 1.39 -21.40 14.87
CA GLY E 364 0.73 -20.16 15.22
C GLY E 364 0.80 -19.84 16.71
N VAL E 365 0.18 -18.72 17.07
CA VAL E 365 0.14 -18.25 18.45
C VAL E 365 -1.14 -18.76 19.10
N ASP E 366 -1.01 -19.38 20.27
CA ASP E 366 -2.15 -19.89 21.02
C ASP E 366 -2.63 -18.77 21.94
N GLN E 367 -3.56 -17.97 21.46
CA GLN E 367 -4.07 -16.86 22.25
C GLN E 367 -4.82 -17.34 23.49
N LEU E 368 -5.61 -18.40 23.33
CA LEU E 368 -6.44 -18.86 24.45
C LEU E 368 -5.61 -19.36 25.61
N ALA E 369 -4.54 -20.11 25.32
CA ALA E 369 -3.65 -20.57 26.38
C ALA E 369 -2.95 -19.41 27.05
N LYS E 370 -2.41 -18.48 26.26
CA LYS E 370 -1.77 -17.29 26.84
C LYS E 370 -2.77 -16.47 27.63
N LEU E 371 -4.02 -16.41 27.17
CA LEU E 371 -5.05 -15.67 27.90
C LEU E 371 -5.31 -16.31 29.26
N ILE E 372 -5.48 -17.63 29.29
CA ILE E 372 -5.73 -18.33 30.54
C ILE E 372 -4.53 -18.19 31.48
N GLU E 373 -3.33 -18.37 30.93
CA GLU E 373 -2.13 -18.26 31.76
C GLU E 373 -1.98 -16.85 32.33
N THR E 374 -2.26 -15.83 31.52
CA THR E 374 -2.16 -14.45 31.99
C THR E 374 -3.26 -14.11 32.98
N LEU E 375 -4.46 -14.70 32.82
CA LEU E 375 -5.57 -14.36 33.70
C LEU E 375 -5.30 -14.79 35.14
N LYS E 376 -4.66 -15.94 35.34
CA LYS E 376 -4.40 -16.41 36.70
C LYS E 376 -3.04 -15.99 37.23
N ASN E 377 -2.09 -15.65 36.37
CA ASN E 377 -0.77 -15.23 36.85
C ASN E 377 -0.67 -13.72 37.02
N ASN E 378 -1.33 -12.95 36.16
CA ASN E 378 -1.32 -11.48 36.24
C ASN E 378 -2.75 -10.99 35.99
N PRO E 379 -3.60 -11.04 37.02
CA PRO E 379 -5.02 -10.71 36.79
C PRO E 379 -5.26 -9.23 36.50
N LYS E 380 -4.55 -8.34 37.18
CA LYS E 380 -4.75 -6.91 36.99
C LYS E 380 -4.07 -6.37 35.74
N ASP E 381 -3.54 -7.26 34.90
CA ASP E 381 -2.98 -6.84 33.62
C ASP E 381 -4.09 -6.30 32.72
N ARG E 382 -3.75 -5.27 31.93
CA ARG E 382 -4.72 -4.60 31.08
C ARG E 382 -4.71 -5.10 29.64
N ARG E 383 -4.21 -6.32 29.40
CA ARG E 383 -3.98 -6.79 28.04
C ARG E 383 -4.56 -8.19 27.81
N HIS E 384 -5.65 -8.53 28.50
CA HIS E 384 -6.32 -9.81 28.31
C HIS E 384 -7.17 -9.72 27.04
N ILE E 385 -6.51 -9.80 25.90
CA ILE E 385 -7.13 -9.56 24.60
C ILE E 385 -7.15 -10.85 23.80
N LEU E 386 -8.31 -11.16 23.22
CA LEU E 386 -8.48 -12.29 22.31
C LEU E 386 -9.06 -11.75 21.01
N THR E 387 -8.29 -11.84 19.93
CA THR E 387 -8.70 -11.29 18.65
C THR E 387 -8.87 -12.39 17.62
N ALA E 388 -9.70 -12.10 16.62
CA ALA E 388 -9.92 -13.00 15.50
C ALA E 388 -9.73 -12.31 14.15
N TRP E 389 -9.46 -11.01 14.14
CA TRP E 389 -9.28 -10.27 12.90
C TRP E 389 -7.84 -10.39 12.47
N ASN E 390 -7.60 -11.22 11.45
CA ASN E 390 -6.28 -11.38 10.87
C ASN E 390 -6.33 -10.92 9.41
N PRO E 391 -5.87 -9.72 9.10
CA PRO E 391 -5.94 -9.24 7.71
C PRO E 391 -5.22 -10.13 6.71
N SER E 392 -4.25 -10.93 7.15
CA SER E 392 -3.53 -11.82 6.24
C SER E 392 -4.33 -13.06 5.87
N ALA E 393 -5.35 -13.40 6.65
CA ALA E 393 -6.12 -14.62 6.44
C ALA E 393 -7.57 -14.36 6.04
N LEU E 394 -7.96 -13.10 5.86
CA LEU E 394 -9.35 -12.79 5.56
C LEU E 394 -9.80 -13.45 4.25
N SER E 395 -8.93 -13.44 3.24
CA SER E 395 -9.29 -13.99 1.94
C SER E 395 -9.52 -15.50 1.96
N GLN E 396 -8.94 -16.20 2.94
CA GLN E 396 -9.11 -17.65 3.04
C GLN E 396 -10.32 -18.05 3.86
N MET E 397 -10.98 -17.12 4.55
CA MET E 397 -12.11 -17.46 5.40
C MET E 397 -13.40 -17.53 4.60
N ALA E 398 -14.26 -18.47 4.96
CA ALA E 398 -15.60 -18.52 4.37
C ALA E 398 -16.43 -17.32 4.78
N LEU E 399 -16.11 -16.70 5.92
CA LEU E 399 -16.79 -15.52 6.42
C LEU E 399 -15.88 -14.81 7.42
N PRO E 400 -15.65 -13.51 7.25
CA PRO E 400 -14.81 -12.77 8.20
C PRO E 400 -15.43 -12.78 9.59
N PRO E 401 -14.62 -12.61 10.62
CA PRO E 401 -15.14 -12.66 12.00
C PRO E 401 -16.13 -11.55 12.27
N CYS E 402 -17.22 -11.90 12.94
CA CYS E 402 -18.21 -10.93 13.39
C CYS E 402 -17.93 -10.47 14.81
N HIS E 403 -17.84 -11.41 15.76
CA HIS E 403 -17.29 -11.10 17.08
C HIS E 403 -15.79 -11.04 16.92
N VAL E 404 -15.29 -9.82 16.73
CA VAL E 404 -13.94 -9.61 16.22
C VAL E 404 -12.91 -9.67 17.35
N LEU E 405 -13.17 -8.97 18.45
CA LEU E 405 -12.20 -8.83 19.52
C LEU E 405 -12.91 -8.83 20.87
N SER E 406 -12.27 -9.45 21.86
CA SER E 406 -12.82 -9.52 23.21
C SER E 406 -11.74 -9.22 24.23
N GLN E 407 -12.13 -8.55 25.31
CA GLN E 407 -11.21 -8.22 26.39
C GLN E 407 -11.79 -8.73 27.70
N TYR E 408 -10.90 -9.14 28.61
CA TYR E 408 -11.31 -9.76 29.87
C TYR E 408 -10.64 -9.02 31.03
N TYR E 409 -11.37 -8.98 32.14
CA TYR E 409 -11.04 -8.11 33.26
C TYR E 409 -11.32 -8.85 34.57
N VAL E 410 -10.38 -8.81 35.48
CA VAL E 410 -10.52 -9.43 36.80
C VAL E 410 -10.75 -8.33 37.81
N THR E 411 -11.93 -8.33 38.43
CA THR E 411 -12.26 -7.33 39.42
C THR E 411 -11.50 -7.61 40.72
N ASN E 412 -11.62 -6.65 41.66
CA ASN E 412 -10.93 -6.82 42.94
C ASN E 412 -11.54 -7.95 43.77
N ASP E 413 -12.83 -8.23 43.58
CA ASP E 413 -13.49 -9.34 44.27
C ASP E 413 -13.47 -10.63 43.45
N ASN E 414 -12.43 -10.81 42.61
CA ASN E 414 -12.17 -12.07 41.90
C ASN E 414 -13.35 -12.47 41.02
N CYS E 415 -13.84 -11.51 40.23
CA CYS E 415 -14.84 -11.77 39.21
C CYS E 415 -14.26 -11.47 37.83
N LEU E 416 -14.74 -12.19 36.83
CA LEU E 416 -14.24 -12.09 35.46
C LEU E 416 -15.32 -11.45 34.59
N SER E 417 -15.05 -10.24 34.11
CA SER E 417 -15.94 -9.55 33.20
C SER E 417 -15.39 -9.65 31.78
N CYS E 418 -16.27 -9.43 30.80
CA CYS E 418 -15.93 -9.59 29.40
C CYS E 418 -16.49 -8.43 28.58
N ASN E 419 -15.66 -7.86 27.72
CA ASN E 419 -16.07 -6.90 26.72
C ASN E 419 -15.89 -7.53 25.34
N LEU E 420 -16.87 -7.30 24.47
CA LEU E 420 -16.85 -7.86 23.12
C LEU E 420 -17.18 -6.76 22.12
N TYR E 421 -16.35 -6.62 21.09
CA TYR E 421 -16.67 -5.74 19.98
C TYR E 421 -17.12 -6.58 18.79
N GLN E 422 -18.30 -6.25 18.26
CA GLN E 422 -18.91 -6.99 17.17
C GLN E 422 -19.07 -6.05 15.99
N ARG E 423 -18.40 -6.36 14.87
CA ARG E 423 -18.43 -5.46 13.72
C ARG E 423 -19.78 -5.50 13.03
N SER E 424 -20.41 -6.66 12.98
CA SER E 424 -21.71 -6.84 12.33
C SER E 424 -22.56 -7.75 13.19
N CYS E 425 -23.81 -7.34 13.43
CA CYS E 425 -24.67 -8.03 14.38
C CYS E 425 -26.04 -8.26 13.76
N ASP E 426 -26.32 -9.51 13.40
CA ASP E 426 -27.66 -9.94 12.99
C ASP E 426 -28.51 -10.06 14.25
N LEU E 427 -29.35 -9.05 14.49
CA LEU E 427 -30.14 -9.02 15.72
C LEU E 427 -31.21 -10.11 15.75
N GLY E 428 -31.55 -10.70 14.60
CA GLY E 428 -32.56 -11.74 14.56
C GLY E 428 -32.03 -13.09 14.98
N LEU E 429 -30.81 -13.42 14.55
CA LEU E 429 -30.24 -14.73 14.80
C LEU E 429 -28.92 -14.67 15.55
N GLY E 430 -27.96 -13.88 15.05
CA GLY E 430 -26.62 -13.92 15.62
C GLY E 430 -26.53 -13.32 17.01
N SER E 431 -27.30 -12.26 17.26
CA SER E 431 -27.17 -11.53 18.52
C SER E 431 -27.48 -12.38 19.74
N PRO E 432 -28.62 -13.10 19.81
CA PRO E 432 -28.84 -13.93 21.01
C PRO E 432 -27.80 -15.01 21.17
N PHE E 433 -27.35 -15.62 20.06
CA PHE E 433 -26.27 -16.60 20.14
C PHE E 433 -24.99 -15.98 20.68
N ASN E 434 -24.63 -14.78 20.21
CA ASN E 434 -23.40 -14.15 20.66
C ASN E 434 -23.45 -13.82 22.15
N ILE E 435 -24.60 -13.34 22.63
CA ILE E 435 -24.74 -13.02 24.05
C ILE E 435 -24.50 -14.27 24.89
N ALA E 436 -25.22 -15.36 24.60
CA ALA E 436 -25.07 -16.58 25.38
C ALA E 436 -23.70 -17.21 25.18
N SER E 437 -23.16 -17.15 23.96
CA SER E 437 -21.89 -17.81 23.69
C SER E 437 -20.76 -17.21 24.52
N TYR E 438 -20.64 -15.88 24.49
CA TYR E 438 -19.58 -15.24 25.27
C TYR E 438 -19.90 -15.23 26.76
N ALA E 439 -21.16 -15.36 27.15
CA ALA E 439 -21.48 -15.60 28.55
C ALA E 439 -20.92 -16.94 29.01
N ILE E 440 -21.17 -18.00 28.22
CA ILE E 440 -20.65 -19.33 28.56
C ILE E 440 -19.12 -19.31 28.54
N LEU E 441 -18.53 -18.64 27.55
CA LEU E 441 -17.08 -18.59 27.45
C LEU E 441 -16.46 -17.90 28.67
N THR E 442 -17.07 -16.81 29.13
CA THR E 442 -16.57 -16.14 30.33
C THR E 442 -16.68 -17.03 31.55
N MET E 443 -17.78 -17.77 31.67
CA MET E 443 -17.95 -18.69 32.79
C MET E 443 -16.92 -19.81 32.76
N MET E 444 -16.64 -20.34 31.56
CA MET E 444 -15.61 -21.38 31.43
C MET E 444 -14.25 -20.84 31.84
N LEU E 445 -13.89 -19.66 31.33
CA LEU E 445 -12.61 -19.05 31.72
C LEU E 445 -12.57 -18.79 33.23
N ALA E 446 -13.69 -18.40 33.81
CA ALA E 446 -13.72 -18.11 35.24
C ALA E 446 -13.48 -19.37 36.06
N GLN E 447 -14.07 -20.50 35.66
CA GLN E 447 -13.88 -21.73 36.43
C GLN E 447 -12.46 -22.27 36.28
N VAL E 448 -11.92 -22.23 35.06
CA VAL E 448 -10.57 -22.73 34.84
C VAL E 448 -9.55 -21.84 35.53
N CYS E 449 -9.80 -20.53 35.60
CA CYS E 449 -8.89 -19.61 36.26
C CYS E 449 -9.20 -19.42 37.74
N GLY E 450 -10.31 -19.94 38.22
CA GLY E 450 -10.64 -19.83 39.63
C GLY E 450 -11.33 -18.56 40.03
N TYR E 451 -12.10 -17.96 39.13
CA TYR E 451 -12.85 -16.74 39.42
C TYR E 451 -14.34 -17.02 39.31
N GLU E 452 -15.13 -15.98 39.54
CA GLU E 452 -16.57 -16.02 39.38
C GLU E 452 -17.00 -15.16 38.20
N PRO E 453 -18.13 -15.47 37.57
CA PRO E 453 -18.57 -14.64 36.43
C PRO E 453 -18.94 -13.23 36.88
N GLY E 454 -18.61 -12.27 36.03
CA GLY E 454 -18.86 -10.87 36.33
C GLY E 454 -19.92 -10.23 35.45
N GLU E 455 -19.50 -9.32 34.57
CA GLU E 455 -20.41 -8.64 33.67
C GLU E 455 -20.03 -8.94 32.23
N LEU E 456 -20.98 -8.73 31.33
CA LEU E 456 -20.78 -8.92 29.90
C LEU E 456 -21.26 -7.68 29.17
N ALA E 457 -20.34 -6.95 28.56
CA ALA E 457 -20.65 -5.79 27.74
C ALA E 457 -20.35 -6.12 26.29
N ILE E 458 -21.30 -5.80 25.40
CA ILE E 458 -21.16 -6.06 23.98
C ILE E 458 -21.27 -4.73 23.24
N PHE E 459 -20.22 -4.37 22.51
CA PHE E 459 -20.19 -3.16 21.71
C PHE E 459 -20.34 -3.54 20.24
N ILE E 460 -21.33 -2.93 19.57
CA ILE E 460 -21.75 -3.34 18.24
C ILE E 460 -21.44 -2.23 17.25
N GLY E 461 -20.84 -2.60 16.12
CA GLY E 461 -20.70 -1.68 15.01
C GLY E 461 -21.98 -1.59 14.21
N ASP E 462 -22.12 -2.46 13.20
CA ASP E 462 -23.29 -2.47 12.32
C ASP E 462 -24.36 -3.34 12.96
N ALA E 463 -25.25 -2.72 13.72
CA ALA E 463 -26.41 -3.40 14.29
C ALA E 463 -27.57 -3.28 13.31
N HIS E 464 -28.03 -4.42 12.81
CA HIS E 464 -29.00 -4.41 11.72
C HIS E 464 -30.07 -5.48 11.93
N ILE E 465 -31.20 -5.29 11.25
CA ILE E 465 -32.30 -6.24 11.22
C ILE E 465 -32.59 -6.58 9.76
N TYR E 466 -32.58 -7.86 9.43
CA TYR E 466 -32.91 -8.27 8.07
C TYR E 466 -34.41 -8.10 7.83
N GLU E 467 -34.76 -7.65 6.61
CA GLU E 467 -36.13 -7.24 6.34
C GLU E 467 -37.12 -8.41 6.40
N ASN E 468 -36.66 -9.64 6.25
CA ASN E 468 -37.53 -10.80 6.38
C ASN E 468 -37.71 -11.26 7.82
N HIS E 469 -37.15 -10.52 8.78
CA HIS E 469 -37.34 -10.79 10.20
C HIS E 469 -38.28 -9.79 10.86
N LEU E 470 -38.83 -8.84 10.09
CA LEU E 470 -39.60 -7.75 10.68
C LEU E 470 -40.86 -8.26 11.36
N THR E 471 -41.60 -9.14 10.71
CA THR E 471 -42.81 -9.69 11.33
C THR E 471 -42.47 -10.49 12.58
N GLN E 472 -41.33 -11.20 12.56
CA GLN E 472 -40.97 -12.05 13.70
C GLN E 472 -40.52 -11.20 14.89
N LEU E 473 -39.59 -10.28 14.68
CA LEU E 473 -39.04 -9.51 15.80
C LEU E 473 -40.09 -8.63 16.45
N LYS E 474 -41.03 -8.08 15.66
CA LYS E 474 -42.14 -7.35 16.25
C LYS E 474 -42.99 -8.24 17.14
N GLU E 475 -43.20 -9.50 16.73
CA GLU E 475 -43.86 -10.47 17.60
C GLU E 475 -43.09 -10.65 18.90
N GLN E 476 -41.76 -10.78 18.80
CA GLN E 476 -40.95 -10.95 20.00
C GLN E 476 -41.04 -9.74 20.92
N LEU E 477 -41.28 -8.56 20.36
CA LEU E 477 -41.42 -7.36 21.17
C LEU E 477 -42.75 -7.27 21.90
N SER E 478 -43.73 -8.11 21.54
CA SER E 478 -45.01 -8.12 22.22
C SER E 478 -45.01 -8.97 23.48
N ARG E 479 -43.88 -9.59 23.82
CA ARG E 479 -43.78 -10.53 24.92
C ARG E 479 -43.04 -9.88 26.08
N THR E 480 -43.70 -9.81 27.24
CA THR E 480 -43.06 -9.24 28.42
C THR E 480 -41.97 -10.18 28.92
N PRO E 481 -40.76 -9.68 29.19
CA PRO E 481 -39.66 -10.56 29.58
C PRO E 481 -39.93 -11.29 30.88
N ARG E 482 -39.26 -12.42 31.03
CA ARG E 482 -39.31 -13.27 32.21
C ARG E 482 -37.92 -13.38 32.82
N PRO E 483 -37.81 -13.80 34.08
CA PRO E 483 -36.50 -13.86 34.74
C PRO E 483 -35.51 -14.73 33.96
N PHE E 484 -34.26 -14.27 33.94
CA PHE E 484 -33.19 -15.05 33.32
C PHE E 484 -33.01 -16.37 34.05
N PRO E 485 -32.56 -17.41 33.34
CA PRO E 485 -32.29 -18.68 34.02
C PRO E 485 -30.93 -18.69 34.71
N GLN E 486 -30.52 -19.85 35.21
CA GLN E 486 -29.20 -20.05 35.79
C GLN E 486 -28.45 -21.12 34.99
N LEU E 487 -27.15 -20.95 34.87
CA LEU E 487 -26.28 -21.91 34.19
C LEU E 487 -25.21 -22.37 35.15
N LYS E 488 -25.18 -23.67 35.45
CA LYS E 488 -24.23 -24.24 36.38
C LYS E 488 -23.48 -25.38 35.73
N PHE E 489 -22.23 -25.56 36.13
CA PHE E 489 -21.41 -26.67 35.67
C PHE E 489 -21.50 -27.82 36.66
N LYS E 490 -21.71 -29.03 36.13
CA LYS E 490 -21.87 -30.18 37.00
C LYS E 490 -20.55 -30.67 37.59
N ARG E 491 -19.42 -30.41 36.90
CA ARG E 491 -18.12 -30.82 37.39
C ARG E 491 -17.09 -29.74 37.08
N LYS E 492 -15.98 -29.79 37.79
CA LYS E 492 -14.85 -28.89 37.55
C LYS E 492 -13.85 -29.59 36.65
N VAL E 493 -13.50 -28.94 35.54
CA VAL E 493 -12.59 -29.52 34.57
C VAL E 493 -11.19 -28.99 34.81
N GLU E 494 -10.19 -29.71 34.29
CA GLU E 494 -8.80 -29.32 34.42
C GLU E 494 -8.36 -28.45 33.25
N ASN E 495 -8.69 -28.85 32.02
CA ASN E 495 -8.41 -28.06 30.83
C ASN E 495 -9.72 -27.56 30.24
N ILE E 496 -9.67 -26.35 29.66
CA ILE E 496 -10.88 -25.72 29.14
C ILE E 496 -11.48 -26.51 27.98
N GLU E 497 -10.70 -27.38 27.33
CA GLU E 497 -11.19 -28.15 26.20
C GLU E 497 -12.03 -29.35 26.62
N ASP E 498 -12.10 -29.65 27.91
CA ASP E 498 -12.76 -30.87 28.39
C ASP E 498 -14.24 -30.69 28.68
N PHE E 499 -14.79 -29.49 28.45
CA PHE E 499 -16.21 -29.28 28.72
C PHE E 499 -17.05 -30.10 27.75
N LYS E 500 -18.12 -30.69 28.28
CA LYS E 500 -19.07 -31.45 27.49
C LYS E 500 -20.47 -30.93 27.75
N TRP E 501 -21.38 -31.21 26.80
CA TRP E 501 -22.75 -30.73 26.94
C TRP E 501 -23.45 -31.35 28.13
N GLU E 502 -23.02 -32.55 28.54
CA GLU E 502 -23.60 -33.20 29.71
C GLU E 502 -23.19 -32.51 31.00
N ASP E 503 -22.15 -31.69 30.97
CA ASP E 503 -21.68 -30.97 32.16
C ASP E 503 -22.43 -29.67 32.41
N ILE E 504 -23.38 -29.30 31.54
CA ILE E 504 -24.11 -28.05 31.65
C ILE E 504 -25.51 -28.33 32.17
N GLU E 505 -25.94 -27.55 33.16
CA GLU E 505 -27.27 -27.66 33.74
C GLU E 505 -27.95 -26.29 33.66
N LEU E 506 -29.03 -26.21 32.89
CA LEU E 506 -29.78 -24.97 32.70
C LEU E 506 -31.01 -25.01 33.60
N ILE E 507 -31.05 -24.15 34.60
CA ILE E 507 -32.05 -24.20 35.67
C ILE E 507 -32.98 -23.00 35.53
N GLY E 508 -34.28 -23.27 35.53
CA GLY E 508 -35.27 -22.21 35.58
C GLY E 508 -35.46 -21.42 34.29
N TYR E 509 -35.37 -22.08 33.15
CA TYR E 509 -35.55 -21.43 31.85
C TYR E 509 -36.98 -21.69 31.38
N TYR E 510 -37.82 -20.66 31.41
CA TYR E 510 -39.21 -20.75 30.96
C TYR E 510 -39.48 -19.68 29.91
N PRO E 511 -38.99 -19.89 28.69
CA PRO E 511 -39.12 -18.87 27.65
C PRO E 511 -40.47 -18.94 26.96
N TYR E 512 -40.69 -17.96 26.07
CA TYR E 512 -41.83 -17.97 25.17
C TYR E 512 -41.52 -18.90 24.00
N PRO E 513 -42.55 -19.31 23.23
CA PRO E 513 -42.32 -20.25 22.14
C PRO E 513 -41.25 -19.77 21.16
N THR E 514 -40.62 -20.72 20.49
CA THR E 514 -39.58 -20.40 19.52
C THR E 514 -40.16 -19.62 18.35
N ILE E 515 -39.31 -18.81 17.72
CA ILE E 515 -39.69 -17.96 16.60
C ILE E 515 -38.76 -18.29 15.44
N LYS E 516 -39.32 -18.86 14.37
CA LYS E 516 -38.52 -19.28 13.22
C LYS E 516 -38.11 -18.08 12.38
N MET E 517 -36.82 -18.01 12.06
CA MET E 517 -36.27 -16.94 11.23
C MET E 517 -35.19 -17.53 10.33
N ASP E 518 -35.25 -17.19 9.04
CA ASP E 518 -34.34 -17.73 8.05
C ASP E 518 -33.05 -16.93 8.00
N MET E 519 -31.93 -17.64 7.84
CA MET E 519 -30.62 -16.98 7.75
C MET E 519 -30.36 -16.50 6.33
N ALA E 520 -29.79 -15.30 6.22
CA ALA E 520 -29.39 -14.74 4.93
C ALA E 520 -28.00 -15.24 4.59
N VAL E 521 -27.89 -16.01 3.51
CA VAL E 521 -26.62 -16.58 3.09
C VAL E 521 -25.83 -15.57 2.27
#